data_4OUQ
# 
_entry.id   4OUQ 
# 
_audit_conform.dict_name       mmcif_pdbx.dic 
_audit_conform.dict_version    5.392 
_audit_conform.dict_location   http://mmcif.pdb.org/dictionaries/ascii/mmcif_pdbx.dic 
# 
loop_
_database_2.database_id 
_database_2.database_code 
_database_2.pdbx_database_accession 
_database_2.pdbx_DOI 
PDB   4OUQ         pdb_00004ouq 10.2210/pdb4ouq/pdb 
RCSB  RCSB084972   ?            ?                   
WWPDB D_1000084972 ?            ?                   
# 
loop_
_pdbx_audit_revision_history.ordinal 
_pdbx_audit_revision_history.data_content_type 
_pdbx_audit_revision_history.major_revision 
_pdbx_audit_revision_history.minor_revision 
_pdbx_audit_revision_history.revision_date 
1 'Structure model' 1 0 2014-04-30 
2 'Structure model' 1 1 2014-12-24 
3 'Structure model' 1 2 2017-11-22 
4 'Structure model' 1 3 2018-01-24 
5 'Structure model' 1 4 2023-02-01 
6 'Structure model' 1 5 2024-05-22 
# 
_pdbx_audit_revision_details.ordinal             1 
_pdbx_audit_revision_details.revision_ordinal    1 
_pdbx_audit_revision_details.data_content_type   'Structure model' 
_pdbx_audit_revision_details.provider            repository 
_pdbx_audit_revision_details.type                'Initial release' 
_pdbx_audit_revision_details.description         ? 
_pdbx_audit_revision_details.details             ? 
# 
loop_
_pdbx_audit_revision_group.ordinal 
_pdbx_audit_revision_group.revision_ordinal 
_pdbx_audit_revision_group.data_content_type 
_pdbx_audit_revision_group.group 
1 2 'Structure model' 'Structure summary'      
2 3 'Structure model' 'Refinement description' 
3 4 'Structure model' 'Database references'    
4 5 'Structure model' 'Database references'    
5 6 'Structure model' 'Data collection'        
# 
loop_
_pdbx_audit_revision_category.ordinal 
_pdbx_audit_revision_category.revision_ordinal 
_pdbx_audit_revision_category.data_content_type 
_pdbx_audit_revision_category.category 
1 3 'Structure model' software           
2 4 'Structure model' citation_author    
3 5 'Structure model' database_2         
4 5 'Structure model' struct_ref_seq_dif 
5 6 'Structure model' chem_comp_atom     
6 6 'Structure model' chem_comp_bond     
# 
loop_
_pdbx_audit_revision_item.ordinal 
_pdbx_audit_revision_item.revision_ordinal 
_pdbx_audit_revision_item.data_content_type 
_pdbx_audit_revision_item.item 
1 3 'Structure model' '_software.classification'            
2 3 'Structure model' '_software.name'                      
3 4 'Structure model' '_citation_author.name'               
4 5 'Structure model' '_database_2.pdbx_DOI'                
5 5 'Structure model' '_database_2.pdbx_database_accession' 
6 5 'Structure model' '_struct_ref_seq_dif.details'         
# 
_pdbx_database_status.SG_entry                        Y 
_pdbx_database_status.entry_id                        4OUQ 
_pdbx_database_status.deposit_site                    RCSB 
_pdbx_database_status.process_site                    RCSB 
_pdbx_database_status.recvd_initial_deposition_date   2014-02-18 
_pdbx_database_status.status_code                     REL 
_pdbx_database_status.status_code_sf                  REL 
_pdbx_database_status.status_code_mr                  ? 
_pdbx_database_status.status_code_cs                  ? 
_pdbx_database_status.methods_development_category    ? 
_pdbx_database_status.pdb_format_compatible           Y 
_pdbx_database_status.status_code_nmr_data            ? 
# 
_pdbx_database_related.db_name        TargetTrack 
_pdbx_database_related.db_id          JCSG-418300 
_pdbx_database_related.details        . 
_pdbx_database_related.content_type   unspecified 
# 
_audit_author.name           'Joint Center for Structural Genomics (JCSG)' 
_audit_author.pdbx_ordinal   1 
# 
_citation.id                        primary 
_citation.title                     
'Crystal structure of a hypothetical protein (BF1468) from Bacteroides fragilis YCH46 at 1.55 A resolution' 
_citation.journal_abbrev            'To be published' 
_citation.journal_volume            ? 
_citation.page_first                ? 
_citation.page_last                 ? 
_citation.year                      ? 
_citation.journal_id_ASTM           ? 
_citation.country                   ? 
_citation.journal_id_ISSN           ? 
_citation.journal_id_CSD            0353 
_citation.book_publisher            ? 
_citation.pdbx_database_id_PubMed   ? 
_citation.pdbx_database_id_DOI      ? 
# 
_citation_author.citation_id        primary 
_citation_author.name               'Joint Center for Structural Genomics (JCSG)' 
_citation_author.ordinal            1 
_citation_author.identifier_ORCID   ? 
# 
loop_
_entity.id 
_entity.type 
_entity.src_method 
_entity.pdbx_description 
_entity.formula_weight 
_entity.pdbx_number_of_molecules 
_entity.pdbx_ec 
_entity.pdbx_mutation 
_entity.pdbx_fragment 
_entity.details 
1 polymer man 'Uncharacterized protein' 12355.815 1   ? ? ? ? 
2 water   nat water                     18.015    104 ? ? ? ? 
# 
_entity_poly.entity_id                      1 
_entity_poly.type                           'polypeptide(L)' 
_entity_poly.nstd_linkage                   no 
_entity_poly.nstd_monomer                   no 
_entity_poly.pdbx_seq_one_letter_code       
;GQDIPVGVVVAFKKGNSQELNRYLGEKVNLVIQNRSESVDRQAAEGTLAAFFSSNKVSGFNVNHEGKRDESSFIIGTLTT
ANGNFRINCFFRRVQNKYLINQIRIDKTNE
;
_entity_poly.pdbx_seq_one_letter_code_can   
;GQDIPVGVVVAFKKGNSQELNRYLGEKVNLVIQNRSESVDRQAAEGTLAAFFSSNKVSGFNVNHEGKRDESSFIIGTLTT
ANGNFRINCFFRRVQNKYLINQIRIDKTNE
;
_entity_poly.pdbx_strand_id                 A 
_entity_poly.pdbx_target_identifier         JCSG-418300 
# 
_pdbx_entity_nonpoly.entity_id   2 
_pdbx_entity_nonpoly.name        water 
_pdbx_entity_nonpoly.comp_id     HOH 
# 
loop_
_entity_poly_seq.entity_id 
_entity_poly_seq.num 
_entity_poly_seq.mon_id 
_entity_poly_seq.hetero 
1 1   GLY n 
1 2   GLN n 
1 3   ASP n 
1 4   ILE n 
1 5   PRO n 
1 6   VAL n 
1 7   GLY n 
1 8   VAL n 
1 9   VAL n 
1 10  VAL n 
1 11  ALA n 
1 12  PHE n 
1 13  LYS n 
1 14  LYS n 
1 15  GLY n 
1 16  ASN n 
1 17  SER n 
1 18  GLN n 
1 19  GLU n 
1 20  LEU n 
1 21  ASN n 
1 22  ARG n 
1 23  TYR n 
1 24  LEU n 
1 25  GLY n 
1 26  GLU n 
1 27  LYS n 
1 28  VAL n 
1 29  ASN n 
1 30  LEU n 
1 31  VAL n 
1 32  ILE n 
1 33  GLN n 
1 34  ASN n 
1 35  ARG n 
1 36  SER n 
1 37  GLU n 
1 38  SER n 
1 39  VAL n 
1 40  ASP n 
1 41  ARG n 
1 42  GLN n 
1 43  ALA n 
1 44  ALA n 
1 45  GLU n 
1 46  GLY n 
1 47  THR n 
1 48  LEU n 
1 49  ALA n 
1 50  ALA n 
1 51  PHE n 
1 52  PHE n 
1 53  SER n 
1 54  SER n 
1 55  ASN n 
1 56  LYS n 
1 57  VAL n 
1 58  SER n 
1 59  GLY n 
1 60  PHE n 
1 61  ASN n 
1 62  VAL n 
1 63  ASN n 
1 64  HIS n 
1 65  GLU n 
1 66  GLY n 
1 67  LYS n 
1 68  ARG n 
1 69  ASP n 
1 70  GLU n 
1 71  SER n 
1 72  SER n 
1 73  PHE n 
1 74  ILE n 
1 75  ILE n 
1 76  GLY n 
1 77  THR n 
1 78  LEU n 
1 79  THR n 
1 80  THR n 
1 81  ALA n 
1 82  ASN n 
1 83  GLY n 
1 84  ASN n 
1 85  PHE n 
1 86  ARG n 
1 87  ILE n 
1 88  ASN n 
1 89  CYS n 
1 90  PHE n 
1 91  PHE n 
1 92  ARG n 
1 93  ARG n 
1 94  VAL n 
1 95  GLN n 
1 96  ASN n 
1 97  LYS n 
1 98  TYR n 
1 99  LEU n 
1 100 ILE n 
1 101 ASN n 
1 102 GLN n 
1 103 ILE n 
1 104 ARG n 
1 105 ILE n 
1 106 ASP n 
1 107 LYS n 
1 108 THR n 
1 109 ASN n 
1 110 GLU n 
# 
_entity_src_gen.entity_id                          1 
_entity_src_gen.pdbx_src_id                        1 
_entity_src_gen.pdbx_alt_source_flag               sample 
_entity_src_gen.pdbx_seq_type                      ? 
_entity_src_gen.pdbx_beg_seq_num                   ? 
_entity_src_gen.pdbx_end_seq_num                   ? 
_entity_src_gen.gene_src_common_name               ? 
_entity_src_gen.gene_src_genus                     ? 
_entity_src_gen.pdbx_gene_src_gene                 BF1468 
_entity_src_gen.gene_src_species                   ? 
_entity_src_gen.gene_src_strain                    YCH46 
_entity_src_gen.gene_src_tissue                    ? 
_entity_src_gen.gene_src_tissue_fraction           ? 
_entity_src_gen.gene_src_details                   ? 
_entity_src_gen.pdbx_gene_src_fragment             ? 
_entity_src_gen.pdbx_gene_src_scientific_name      'Bacteroides fragilis' 
_entity_src_gen.pdbx_gene_src_ncbi_taxonomy_id     295405 
_entity_src_gen.pdbx_gene_src_variant              ? 
_entity_src_gen.pdbx_gene_src_cell_line            ? 
_entity_src_gen.pdbx_gene_src_atcc                 ? 
_entity_src_gen.pdbx_gene_src_organ                ? 
_entity_src_gen.pdbx_gene_src_organelle            ? 
_entity_src_gen.pdbx_gene_src_cell                 ? 
_entity_src_gen.pdbx_gene_src_cellular_location    ? 
_entity_src_gen.host_org_common_name               ? 
_entity_src_gen.pdbx_host_org_scientific_name      'Escherichia Coli' 
_entity_src_gen.pdbx_host_org_ncbi_taxonomy_id     562 
_entity_src_gen.host_org_genus                     ? 
_entity_src_gen.pdbx_host_org_gene                 ? 
_entity_src_gen.pdbx_host_org_organ                ? 
_entity_src_gen.host_org_species                   ? 
_entity_src_gen.pdbx_host_org_tissue               ? 
_entity_src_gen.pdbx_host_org_tissue_fraction      ? 
_entity_src_gen.pdbx_host_org_strain               PB1 
_entity_src_gen.pdbx_host_org_variant              ? 
_entity_src_gen.pdbx_host_org_cell_line            ? 
_entity_src_gen.pdbx_host_org_atcc                 ? 
_entity_src_gen.pdbx_host_org_culture_collection   ? 
_entity_src_gen.pdbx_host_org_cell                 ? 
_entity_src_gen.pdbx_host_org_organelle            ? 
_entity_src_gen.pdbx_host_org_cellular_location    ? 
_entity_src_gen.pdbx_host_org_vector_type          Plasmid 
_entity_src_gen.pdbx_host_org_vector               ? 
_entity_src_gen.host_org_details                   ? 
_entity_src_gen.expression_system_id               ? 
_entity_src_gen.plasmid_name                       SpeedET 
_entity_src_gen.plasmid_details                    ? 
_entity_src_gen.pdbx_description                   ? 
# 
loop_
_chem_comp.id 
_chem_comp.type 
_chem_comp.mon_nstd_flag 
_chem_comp.name 
_chem_comp.pdbx_synonyms 
_chem_comp.formula 
_chem_comp.formula_weight 
ALA 'L-peptide linking' y ALANINE         ? 'C3 H7 N O2'     89.093  
ARG 'L-peptide linking' y ARGININE        ? 'C6 H15 N4 O2 1' 175.209 
ASN 'L-peptide linking' y ASPARAGINE      ? 'C4 H8 N2 O3'    132.118 
ASP 'L-peptide linking' y 'ASPARTIC ACID' ? 'C4 H7 N O4'     133.103 
CYS 'L-peptide linking' y CYSTEINE        ? 'C3 H7 N O2 S'   121.158 
GLN 'L-peptide linking' y GLUTAMINE       ? 'C5 H10 N2 O3'   146.144 
GLU 'L-peptide linking' y 'GLUTAMIC ACID' ? 'C5 H9 N O4'     147.129 
GLY 'peptide linking'   y GLYCINE         ? 'C2 H5 N O2'     75.067  
HIS 'L-peptide linking' y HISTIDINE       ? 'C6 H10 N3 O2 1' 156.162 
HOH non-polymer         . WATER           ? 'H2 O'           18.015  
ILE 'L-peptide linking' y ISOLEUCINE      ? 'C6 H13 N O2'    131.173 
LEU 'L-peptide linking' y LEUCINE         ? 'C6 H13 N O2'    131.173 
LYS 'L-peptide linking' y LYSINE          ? 'C6 H15 N2 O2 1' 147.195 
PHE 'L-peptide linking' y PHENYLALANINE   ? 'C9 H11 N O2'    165.189 
PRO 'L-peptide linking' y PROLINE         ? 'C5 H9 N O2'     115.130 
SER 'L-peptide linking' y SERINE          ? 'C3 H7 N O3'     105.093 
THR 'L-peptide linking' y THREONINE       ? 'C4 H9 N O3'     119.119 
TYR 'L-peptide linking' y TYROSINE        ? 'C9 H11 N O3'    181.189 
VAL 'L-peptide linking' y VALINE          ? 'C5 H11 N O2'    117.146 
# 
loop_
_pdbx_poly_seq_scheme.asym_id 
_pdbx_poly_seq_scheme.entity_id 
_pdbx_poly_seq_scheme.seq_id 
_pdbx_poly_seq_scheme.mon_id 
_pdbx_poly_seq_scheme.ndb_seq_num 
_pdbx_poly_seq_scheme.pdb_seq_num 
_pdbx_poly_seq_scheme.auth_seq_num 
_pdbx_poly_seq_scheme.pdb_mon_id 
_pdbx_poly_seq_scheme.auth_mon_id 
_pdbx_poly_seq_scheme.pdb_strand_id 
_pdbx_poly_seq_scheme.pdb_ins_code 
_pdbx_poly_seq_scheme.hetero 
A 1 1   GLY 1   0   ?   ?   ?   A . n 
A 1 2   GLN 2   22  ?   ?   ?   A . n 
A 1 3   ASP 3   23  23  ASP ASP A . n 
A 1 4   ILE 4   24  24  ILE ILE A . n 
A 1 5   PRO 5   25  25  PRO PRO A . n 
A 1 6   VAL 6   26  26  VAL VAL A . n 
A 1 7   GLY 7   27  27  GLY GLY A . n 
A 1 8   VAL 8   28  28  VAL VAL A . n 
A 1 9   VAL 9   29  29  VAL VAL A . n 
A 1 10  VAL 10  30  30  VAL VAL A . n 
A 1 11  ALA 11  31  31  ALA ALA A . n 
A 1 12  PHE 12  32  32  PHE PHE A . n 
A 1 13  LYS 13  33  33  LYS LYS A . n 
A 1 14  LYS 14  34  34  LYS LYS A . n 
A 1 15  GLY 15  35  35  GLY GLY A . n 
A 1 16  ASN 16  36  36  ASN ASN A . n 
A 1 17  SER 17  37  37  SER SER A . n 
A 1 18  GLN 18  38  38  GLN GLN A . n 
A 1 19  GLU 19  39  39  GLU GLU A . n 
A 1 20  LEU 20  40  40  LEU LEU A . n 
A 1 21  ASN 21  41  41  ASN ASN A . n 
A 1 22  ARG 22  42  42  ARG ARG A . n 
A 1 23  TYR 23  43  43  TYR TYR A . n 
A 1 24  LEU 24  44  44  LEU LEU A . n 
A 1 25  GLY 25  45  45  GLY GLY A . n 
A 1 26  GLU 26  46  46  GLU GLU A . n 
A 1 27  LYS 27  47  47  LYS LYS A . n 
A 1 28  VAL 28  48  48  VAL VAL A . n 
A 1 29  ASN 29  49  49  ASN ASN A . n 
A 1 30  LEU 30  50  50  LEU LEU A . n 
A 1 31  VAL 31  51  51  VAL VAL A . n 
A 1 32  ILE 32  52  52  ILE ILE A . n 
A 1 33  GLN 33  53  53  GLN GLN A . n 
A 1 34  ASN 34  54  54  ASN ASN A . n 
A 1 35  ARG 35  55  55  ARG ARG A . n 
A 1 36  SER 36  56  56  SER SER A . n 
A 1 37  GLU 37  57  57  GLU GLU A . n 
A 1 38  SER 38  58  58  SER SER A . n 
A 1 39  VAL 39  59  59  VAL VAL A . n 
A 1 40  ASP 40  60  60  ASP ASP A . n 
A 1 41  ARG 41  61  61  ARG ARG A . n 
A 1 42  GLN 42  62  62  GLN GLN A . n 
A 1 43  ALA 43  63  63  ALA ALA A . n 
A 1 44  ALA 44  64  64  ALA ALA A . n 
A 1 45  GLU 45  65  65  GLU GLU A . n 
A 1 46  GLY 46  66  66  GLY GLY A . n 
A 1 47  THR 47  67  67  THR THR A . n 
A 1 48  LEU 48  68  68  LEU LEU A . n 
A 1 49  ALA 49  69  69  ALA ALA A . n 
A 1 50  ALA 50  70  70  ALA ALA A . n 
A 1 51  PHE 51  71  71  PHE PHE A . n 
A 1 52  PHE 52  72  72  PHE PHE A . n 
A 1 53  SER 53  73  73  SER SER A . n 
A 1 54  SER 54  74  74  SER SER A . n 
A 1 55  ASN 55  75  75  ASN ASN A . n 
A 1 56  LYS 56  76  76  LYS LYS A . n 
A 1 57  VAL 57  77  77  VAL VAL A . n 
A 1 58  SER 58  78  78  SER SER A . n 
A 1 59  GLY 59  79  79  GLY GLY A . n 
A 1 60  PHE 60  80  80  PHE PHE A . n 
A 1 61  ASN 61  81  81  ASN ASN A . n 
A 1 62  VAL 62  82  82  VAL VAL A . n 
A 1 63  ASN 63  83  83  ASN ASN A . n 
A 1 64  HIS 64  84  84  HIS HIS A . n 
A 1 65  GLU 65  85  85  GLU GLU A . n 
A 1 66  GLY 66  86  86  GLY GLY A . n 
A 1 67  LYS 67  87  87  LYS LYS A . n 
A 1 68  ARG 68  88  88  ARG ARG A . n 
A 1 69  ASP 69  89  89  ASP ASP A . n 
A 1 70  GLU 70  90  ?   ?   ?   A . n 
A 1 71  SER 71  91  91  SER SER A . n 
A 1 72  SER 72  92  92  SER SER A . n 
A 1 73  PHE 73  93  93  PHE PHE A . n 
A 1 74  ILE 74  94  94  ILE ILE A . n 
A 1 75  ILE 75  95  95  ILE ILE A . n 
A 1 76  GLY 76  96  96  GLY GLY A . n 
A 1 77  THR 77  97  97  THR THR A . n 
A 1 78  LEU 78  98  98  LEU LEU A . n 
A 1 79  THR 79  99  99  THR THR A . n 
A 1 80  THR 80  100 100 THR THR A . n 
A 1 81  ALA 81  101 101 ALA ALA A . n 
A 1 82  ASN 82  102 102 ASN ASN A . n 
A 1 83  GLY 83  103 103 GLY GLY A . n 
A 1 84  ASN 84  104 104 ASN ASN A . n 
A 1 85  PHE 85  105 105 PHE PHE A . n 
A 1 86  ARG 86  106 106 ARG ARG A . n 
A 1 87  ILE 87  107 107 ILE ILE A . n 
A 1 88  ASN 88  108 108 ASN ASN A . n 
A 1 89  CYS 89  109 109 CYS CYS A . n 
A 1 90  PHE 90  110 110 PHE PHE A . n 
A 1 91  PHE 91  111 111 PHE PHE A . n 
A 1 92  ARG 92  112 112 ARG ARG A . n 
A 1 93  ARG 93  113 113 ARG ARG A . n 
A 1 94  VAL 94  114 114 VAL VAL A . n 
A 1 95  GLN 95  115 115 GLN GLN A . n 
A 1 96  ASN 96  116 116 ASN ASN A . n 
A 1 97  LYS 97  117 117 LYS LYS A . n 
A 1 98  TYR 98  118 118 TYR TYR A . n 
A 1 99  LEU 99  119 119 LEU LEU A . n 
A 1 100 ILE 100 120 120 ILE ILE A . n 
A 1 101 ASN 101 121 121 ASN ASN A . n 
A 1 102 GLN 102 122 122 GLN GLN A . n 
A 1 103 ILE 103 123 123 ILE ILE A . n 
A 1 104 ARG 104 124 124 ARG ARG A . n 
A 1 105 ILE 105 125 125 ILE ILE A . n 
A 1 106 ASP 106 126 126 ASP ASP A . n 
A 1 107 LYS 107 127 127 LYS LYS A . n 
A 1 108 THR 108 128 128 THR THR A . n 
A 1 109 ASN 109 129 129 ASN ASN A . n 
A 1 110 GLU 110 130 ?   ?   ?   A . n 
# 
loop_
_pdbx_nonpoly_scheme.asym_id 
_pdbx_nonpoly_scheme.entity_id 
_pdbx_nonpoly_scheme.mon_id 
_pdbx_nonpoly_scheme.ndb_seq_num 
_pdbx_nonpoly_scheme.pdb_seq_num 
_pdbx_nonpoly_scheme.auth_seq_num 
_pdbx_nonpoly_scheme.pdb_mon_id 
_pdbx_nonpoly_scheme.auth_mon_id 
_pdbx_nonpoly_scheme.pdb_strand_id 
_pdbx_nonpoly_scheme.pdb_ins_code 
B 2 HOH 1   201 131 HOH HOH A . 
B 2 HOH 2   202 132 HOH HOH A . 
B 2 HOH 3   203 133 HOH HOH A . 
B 2 HOH 4   204 134 HOH HOH A . 
B 2 HOH 5   205 135 HOH HOH A . 
B 2 HOH 6   206 136 HOH HOH A . 
B 2 HOH 7   207 137 HOH HOH A . 
B 2 HOH 8   208 138 HOH HOH A . 
B 2 HOH 9   209 139 HOH HOH A . 
B 2 HOH 10  210 140 HOH HOH A . 
B 2 HOH 11  211 141 HOH HOH A . 
B 2 HOH 12  212 142 HOH HOH A . 
B 2 HOH 13  213 143 HOH HOH A . 
B 2 HOH 14  214 144 HOH HOH A . 
B 2 HOH 15  215 145 HOH HOH A . 
B 2 HOH 16  216 146 HOH HOH A . 
B 2 HOH 17  217 147 HOH HOH A . 
B 2 HOH 18  218 148 HOH HOH A . 
B 2 HOH 19  219 149 HOH HOH A . 
B 2 HOH 20  220 150 HOH HOH A . 
B 2 HOH 21  221 151 HOH HOH A . 
B 2 HOH 22  222 152 HOH HOH A . 
B 2 HOH 23  223 153 HOH HOH A . 
B 2 HOH 24  224 154 HOH HOH A . 
B 2 HOH 25  225 155 HOH HOH A . 
B 2 HOH 26  226 156 HOH HOH A . 
B 2 HOH 27  227 157 HOH HOH A . 
B 2 HOH 28  228 158 HOH HOH A . 
B 2 HOH 29  229 159 HOH HOH A . 
B 2 HOH 30  230 160 HOH HOH A . 
B 2 HOH 31  231 161 HOH HOH A . 
B 2 HOH 32  232 162 HOH HOH A . 
B 2 HOH 33  233 163 HOH HOH A . 
B 2 HOH 34  234 164 HOH HOH A . 
B 2 HOH 35  235 165 HOH HOH A . 
B 2 HOH 36  236 166 HOH HOH A . 
B 2 HOH 37  237 167 HOH HOH A . 
B 2 HOH 38  238 168 HOH HOH A . 
B 2 HOH 39  239 169 HOH HOH A . 
B 2 HOH 40  240 170 HOH HOH A . 
B 2 HOH 41  241 171 HOH HOH A . 
B 2 HOH 42  242 172 HOH HOH A . 
B 2 HOH 43  243 173 HOH HOH A . 
B 2 HOH 44  244 174 HOH HOH A . 
B 2 HOH 45  245 175 HOH HOH A . 
B 2 HOH 46  246 176 HOH HOH A . 
B 2 HOH 47  247 177 HOH HOH A . 
B 2 HOH 48  248 178 HOH HOH A . 
B 2 HOH 49  249 179 HOH HOH A . 
B 2 HOH 50  250 180 HOH HOH A . 
B 2 HOH 51  251 181 HOH HOH A . 
B 2 HOH 52  252 182 HOH HOH A . 
B 2 HOH 53  253 183 HOH HOH A . 
B 2 HOH 54  254 184 HOH HOH A . 
B 2 HOH 55  255 185 HOH HOH A . 
B 2 HOH 56  256 186 HOH HOH A . 
B 2 HOH 57  257 187 HOH HOH A . 
B 2 HOH 58  258 188 HOH HOH A . 
B 2 HOH 59  259 189 HOH HOH A . 
B 2 HOH 60  260 190 HOH HOH A . 
B 2 HOH 61  261 191 HOH HOH A . 
B 2 HOH 62  262 192 HOH HOH A . 
B 2 HOH 63  263 193 HOH HOH A . 
B 2 HOH 64  264 194 HOH HOH A . 
B 2 HOH 65  265 195 HOH HOH A . 
B 2 HOH 66  266 196 HOH HOH A . 
B 2 HOH 67  267 197 HOH HOH A . 
B 2 HOH 68  268 198 HOH HOH A . 
B 2 HOH 69  269 199 HOH HOH A . 
B 2 HOH 70  270 200 HOH HOH A . 
B 2 HOH 71  271 201 HOH HOH A . 
B 2 HOH 72  272 202 HOH HOH A . 
B 2 HOH 73  273 203 HOH HOH A . 
B 2 HOH 74  274 204 HOH HOH A . 
B 2 HOH 75  275 205 HOH HOH A . 
B 2 HOH 76  276 206 HOH HOH A . 
B 2 HOH 77  277 207 HOH HOH A . 
B 2 HOH 78  278 208 HOH HOH A . 
B 2 HOH 79  279 209 HOH HOH A . 
B 2 HOH 80  280 210 HOH HOH A . 
B 2 HOH 81  281 211 HOH HOH A . 
B 2 HOH 82  282 212 HOH HOH A . 
B 2 HOH 83  283 213 HOH HOH A . 
B 2 HOH 84  284 214 HOH HOH A . 
B 2 HOH 85  285 215 HOH HOH A . 
B 2 HOH 86  286 216 HOH HOH A . 
B 2 HOH 87  287 217 HOH HOH A . 
B 2 HOH 88  288 218 HOH HOH A . 
B 2 HOH 89  289 219 HOH HOH A . 
B 2 HOH 90  290 220 HOH HOH A . 
B 2 HOH 91  291 221 HOH HOH A . 
B 2 HOH 92  292 222 HOH HOH A . 
B 2 HOH 93  293 223 HOH HOH A . 
B 2 HOH 94  294 224 HOH HOH A . 
B 2 HOH 95  295 225 HOH HOH A . 
B 2 HOH 96  296 226 HOH HOH A . 
B 2 HOH 97  297 227 HOH HOH A . 
B 2 HOH 98  298 228 HOH HOH A . 
B 2 HOH 99  299 229 HOH HOH A . 
B 2 HOH 100 300 230 HOH HOH A . 
B 2 HOH 101 301 231 HOH HOH A . 
B 2 HOH 102 302 232 HOH HOH A . 
B 2 HOH 103 303 233 HOH HOH A . 
B 2 HOH 104 304 234 HOH HOH A . 
# 
loop_
_pdbx_unobs_or_zero_occ_atoms.id 
_pdbx_unobs_or_zero_occ_atoms.PDB_model_num 
_pdbx_unobs_or_zero_occ_atoms.polymer_flag 
_pdbx_unobs_or_zero_occ_atoms.occupancy_flag 
_pdbx_unobs_or_zero_occ_atoms.auth_asym_id 
_pdbx_unobs_or_zero_occ_atoms.auth_comp_id 
_pdbx_unobs_or_zero_occ_atoms.auth_seq_id 
_pdbx_unobs_or_zero_occ_atoms.PDB_ins_code 
_pdbx_unobs_or_zero_occ_atoms.auth_atom_id 
_pdbx_unobs_or_zero_occ_atoms.label_alt_id 
_pdbx_unobs_or_zero_occ_atoms.label_asym_id 
_pdbx_unobs_or_zero_occ_atoms.label_comp_id 
_pdbx_unobs_or_zero_occ_atoms.label_seq_id 
_pdbx_unobs_or_zero_occ_atoms.label_atom_id 
1  1 Y 1 A GLN 53  ? CG  ? A GLN 33  CG  
2  1 Y 1 A GLN 53  ? CD  ? A GLN 33  CD  
3  1 Y 1 A GLN 53  ? OE1 ? A GLN 33  OE1 
4  1 Y 1 A GLN 53  ? NE2 ? A GLN 33  NE2 
5  1 Y 1 A GLU 57  ? CD  ? A GLU 37  CD  
6  1 Y 1 A GLU 57  ? OE1 ? A GLU 37  OE1 
7  1 Y 1 A GLU 57  ? OE2 ? A GLU 37  OE2 
8  1 Y 1 A LYS 76  ? CD  ? A LYS 56  CD  
9  1 Y 1 A LYS 76  ? CE  ? A LYS 56  CE  
10 1 Y 1 A LYS 76  ? NZ  ? A LYS 56  NZ  
11 1 Y 1 A ARG 112 ? CG  ? A ARG 92  CG  
12 1 Y 1 A ARG 112 ? CD  ? A ARG 92  CD  
13 1 Y 1 A ARG 112 ? NE  ? A ARG 92  NE  
14 1 Y 1 A ARG 112 ? CZ  ? A ARG 92  CZ  
15 1 Y 1 A ARG 112 ? NH1 ? A ARG 92  NH1 
16 1 Y 1 A ARG 112 ? NH2 ? A ARG 92  NH2 
17 1 Y 1 A LYS 117 ? CD  ? A LYS 97  CD  
18 1 Y 1 A LYS 117 ? CE  ? A LYS 97  CE  
19 1 Y 1 A LYS 117 ? NZ  ? A LYS 97  NZ  
20 1 Y 1 A THR 128 ? CG2 ? A THR 108 CG2 
21 1 Y 1 A ASN 129 ? CA  ? A ASN 109 CA  
22 1 Y 1 A ASN 129 ? C   ? A ASN 109 C   
23 1 Y 1 A ASN 129 ? O   ? A ASN 109 O   
24 1 Y 1 A ASN 129 ? CB  ? A ASN 109 CB  
25 1 Y 1 A ASN 129 ? CG  ? A ASN 109 CG  
26 1 Y 1 A ASN 129 ? OD1 ? A ASN 109 OD1 
27 1 Y 1 A ASN 129 ? ND2 ? A ASN 109 ND2 
# 
loop_
_software.pdbx_ordinal 
_software.name 
_software.version 
_software.date 
_software.type 
_software.contact_author 
_software.contact_author_email 
_software.classification 
_software.location 
_software.language 
_software.citation_id 
1 MolProbity  3beta29  ?               package 'D.C. & J.S. Richardson lab' molprobity@kinemage.biochem.duke.edu 'model building'  
http://kinemage.biochem.duke.edu/molprobity/ ?          ? 
2 PDB_EXTRACT 3.10     'June 10, 2010' package PDB                          deposit@deposit.rcsb.org             'data extraction' 
http://sw-tools.pdb.org/apps/PDB_EXTRACT/    C++        ? 
3 PHASER      2.3.0    ?               program 'Randy J. Read'              cimr-phaser@lists.cam.ac.uk          phasing           
http://www-structmed.cimr.cam.ac.uk/phaser/  ?          ? 
4 SCALA       3.3.20   ?               package 'Phil Evans'                 pre@mrc-lmb.cam.ac.uk                'data scaling'    
?                                            ?          ? 
5 REFMAC      5.7.0032 ?               program 'Garib N. Murshudov'         garib@ysbl.york.ac.uk                refinement        
http://www.ccp4.ac.uk/dist/html/refmac5.html Fortran_77 ? 
6 MOSFLM      .        ?               ?       ?                            ?                                    'data reduction'  
?                                            ?          ? 
# 
_cell.entry_id           4OUQ 
_cell.length_a           40.467 
_cell.length_b           48.316 
_cell.length_c           49.322 
_cell.angle_alpha        90.000 
_cell.angle_beta         90.000 
_cell.angle_gamma        90.000 
_cell.pdbx_unique_axis   ? 
_cell.Z_PDB              4 
_cell.length_a_esd       ? 
_cell.length_b_esd       ? 
_cell.length_c_esd       ? 
_cell.angle_alpha_esd    ? 
_cell.angle_beta_esd     ? 
_cell.angle_gamma_esd    ? 
# 
_symmetry.entry_id                         4OUQ 
_symmetry.Int_Tables_number                19 
_symmetry.space_group_name_H-M             'P 21 21 21' 
_symmetry.pdbx_full_space_group_name_H-M   ? 
_symmetry.cell_setting                     ? 
_symmetry.space_group_name_Hall            ? 
# 
_exptl.crystals_number   1 
_exptl.method            'X-RAY DIFFRACTION' 
_exptl.entry_id          4OUQ 
# 
_exptl_crystal.id                    1 
_exptl_crystal.density_Matthews      1.95 
_exptl_crystal.density_meas          ? 
_exptl_crystal.density_percent_sol   36.96 
_exptl_crystal.description           ? 
_exptl_crystal.F_000                 ? 
_exptl_crystal.preparation           ? 
# 
_exptl_crystal_grow.crystal_id      1 
_exptl_crystal_grow.method          'VAPOR DIFFUSION, SITTING DROP' 
_exptl_crystal_grow.pH              9.0 
_exptl_crystal_grow.temp            277 
_exptl_crystal_grow.pdbx_details    
'30.0% polyethylene glycol 6000, 0.1M Bicine pH 9.0, NANODROP, VAPOR DIFFUSION, SITTING DROP, temperature 277K' 
_exptl_crystal_grow.temp_details    ? 
_exptl_crystal_grow.pdbx_pH_range   ? 
# 
_diffrn.id                     1 
_diffrn.ambient_temp           100 
_diffrn.ambient_temp_details   ? 
_diffrn.crystal_id             1 
# 
_diffrn_detector.diffrn_id              1 
_diffrn_detector.detector               PIXEL 
_diffrn_detector.type                   'DECTRIS PILATUS 6M' 
_diffrn_detector.details                
'Rhodium-coated vertical and horizontal focusing mirrors; liquid-nitrogen cooled double crystal Si(111) monochromator' 
_diffrn_detector.pdbx_collection_date   2012-03-11 
# 
_diffrn_radiation.diffrn_id                        1 
_diffrn_radiation.pdbx_monochromatic_or_laue_m_l   M 
_diffrn_radiation.monochromator                    'double crystal Si(111)' 
_diffrn_radiation.pdbx_diffrn_protocol             'SINGLE WAVELENGTH' 
_diffrn_radiation.wavelength_id                    1 
_diffrn_radiation.pdbx_scattering_type             x-ray 
# 
_diffrn_radiation_wavelength.id           1 
_diffrn_radiation_wavelength.wavelength   1.0 
_diffrn_radiation_wavelength.wt           1.0 
# 
_diffrn_source.diffrn_id                   1 
_diffrn_source.source                      SYNCHROTRON 
_diffrn_source.pdbx_synchrotron_beamline   BL12-2 
_diffrn_source.type                        'SSRL BEAMLINE BL12-2' 
_diffrn_source.pdbx_wavelength             1.0 
_diffrn_source.pdbx_wavelength_list        ? 
_diffrn_source.pdbx_synchrotron_site       SSRL 
# 
_reflns.entry_id                     4OUQ 
_reflns.d_resolution_high            1.55 
_reflns.d_resolution_low             21.965 
_reflns.number_all                   13967 
_reflns.number_obs                   13967 
_reflns.pdbx_netI_over_sigmaI        9.200 
_reflns.pdbx_Rsym_value              0.064 
_reflns.pdbx_redundancy              3.200 
_reflns.percent_possible_obs         96.400 
_reflns.observed_criterion_sigma_F   ? 
_reflns.observed_criterion_sigma_I   ? 
_reflns.pdbx_Rmerge_I_obs            ? 
_reflns.B_iso_Wilson_estimate        ? 
_reflns.R_free_details               ? 
_reflns.limit_h_max                  ? 
_reflns.limit_h_min                  ? 
_reflns.limit_k_max                  ? 
_reflns.limit_k_min                  ? 
_reflns.limit_l_max                  ? 
_reflns.limit_l_min                  ? 
_reflns.observed_criterion_F_max     ? 
_reflns.observed_criterion_F_min     ? 
_reflns.pdbx_chi_squared             ? 
_reflns.pdbx_scaling_rejects         ? 
_reflns.pdbx_ordinal                 1 
_reflns.pdbx_diffrn_id               1 
# 
loop_
_reflns_shell.d_res_high 
_reflns_shell.d_res_low 
_reflns_shell.number_measured_obs 
_reflns_shell.number_measured_all 
_reflns_shell.number_unique_obs 
_reflns_shell.Rmerge_I_obs 
_reflns_shell.meanI_over_sigI_obs 
_reflns_shell.pdbx_Rsym_value 
_reflns_shell.pdbx_chi_squared 
_reflns_shell.pdbx_redundancy 
_reflns_shell.percent_possible_obs 
_reflns_shell.number_unique_all 
_reflns_shell.percent_possible_all 
_reflns_shell.pdbx_ordinal 
_reflns_shell.pdbx_diffrn_id 
1.550 1.590  ? 3142 ? 0.645 1.6  0.645 ? 3.000 ? 1032 97.700 1  1 
1.590 1.630  ? 2782 ? 0.545 1.9  0.545 ? 2.900 ? 972  94.100 2  1 
1.630 1.680  ? 3265 ? 0.473 2.4  0.473 ? 3.400 ? 973  98.100 3  1 
1.680 1.730  ? 3153 ? 0.371 2.9  0.371 ? 3.300 ? 945  98.500 4  1 
1.730 1.790  ? 2978 ? 0.300 3.5  0.300 ? 3.200 ? 929  97.900 5  1 
1.790 1.850  ? 2738 ? 0.243 4.3  0.243 ? 3.100 ? 884  96.600 6  1 
1.850 1.920  ? 2427 ? 0.180 5.3  0.180 ? 2.900 ? 833  93.700 7  1 
1.920 2.000  ? 2660 ? 0.134 7.3  0.134 ? 3.300 ? 810  96.400 8  1 
2.000 2.090  ? 2729 ? 0.107 9.3  0.107 ? 3.300 ? 816  98.300 9  1 
2.090 2.190  ? 2450 ? 0.094 10.5 0.094 ? 3.200 ? 757  97.400 10 1 
2.190 2.310  ? 2328 ? 0.080 11.8 0.080 ? 3.200 ? 725  97.800 11 1 
2.310 2.450  ? 1976 ? 0.075 12.3 0.075 ? 3.000 ? 654  92.400 12 1 
2.450 2.620  ? 2190 ? 0.066 14.0 0.066 ? 3.300 ? 655  97.800 13 1 
2.620 2.830  ? 2126 ? 0.054 16.5 0.054 ? 3.400 ? 618  98.200 14 1 
2.830 3.100  ? 1875 ? 0.044 18.3 0.044 ? 3.300 ? 566  97.600 15 1 
3.100 3.470  ? 1507 ? 0.043 21.0 0.043 ? 3.000 ? 496  93.000 16 1 
3.470 4.000  ? 1457 ? 0.040 23.1 0.040 ? 3.300 ? 448  94.600 17 1 
4.000 4.900  ? 1290 ? 0.039 25.5 0.039 ? 3.400 ? 381  93.800 18 1 
4.900 6.930  ? 889  ? 0.031 21.1 0.031 ? 3.100 ? 290  90.000 19 1 
6.930 21.965 ? 596  ? 0.029 23.2 0.029 ? 3.300 ? 183  93.300 20 1 
# 
_refine.entry_id                                 4OUQ 
_refine.ls_d_res_high                            1.5500 
_refine.ls_d_res_low                             21.965 
_refine.pdbx_ls_sigma_F                          0.000 
_refine.pdbx_data_cutoff_high_absF               ? 
_refine.pdbx_data_cutoff_low_absF                ? 
_refine.ls_percent_reflns_obs                    95.5800 
_refine.ls_number_reflns_obs                     13930 
_refine.ls_number_reflns_all                     ? 
_refine.pdbx_ls_cross_valid_method               THROUGHOUT 
_refine.pdbx_R_Free_selection_details            RANDOM 
_refine.details                                  
;1.HYDROGENS HAVE BEEN ADDED IN THE RIDING POSITIONS. 2.ATOM RECORD CONTAINS SUM OF TLS AND RESIDUAL B FACTORS. 3.ANISOU RECORD CONTAINS SUM OF TLS AND RESIDUAL U FACTORS. 4.WATERS WERE EXCLUDED FROM AUTOMATIC TLS ASSIGNMENT.
;
_refine.ls_R_factor_all                          ? 
_refine.ls_R_factor_obs                          0.2009 
_refine.ls_R_factor_R_work                       0.1990 
_refine.ls_wR_factor_R_work                      ? 
_refine.ls_R_factor_R_free                       0.2391 
_refine.ls_wR_factor_R_free                      ? 
_refine.ls_percent_reflns_R_free                 5.0000 
_refine.ls_number_reflns_R_free                  691 
_refine.ls_R_factor_R_free_error                 ? 
_refine.B_iso_mean                               26.1654 
_refine.solvent_model_param_bsol                 ? 
_refine.solvent_model_param_ksol                 ? 
_refine.pdbx_isotropic_thermal_model             ? 
_refine.aniso_B[1][1]                            -0.5400 
_refine.aniso_B[2][2]                            0.9100 
_refine.aniso_B[3][3]                            -0.3700 
_refine.aniso_B[1][2]                            -0.0000 
_refine.aniso_B[1][3]                            -0.0000 
_refine.aniso_B[2][3]                            -0.0000 
_refine.correlation_coeff_Fo_to_Fc               0.9490 
_refine.correlation_coeff_Fo_to_Fc_free          0.9380 
_refine.overall_SU_R_Cruickshank_DPI             ? 
_refine.overall_SU_R_free                        ? 
_refine.pdbx_overall_ESU_R                       0.1030 
_refine.pdbx_overall_ESU_R_Free                  0.1040 
_refine.overall_SU_ML                            0.0800 
_refine.overall_SU_B                             4.4830 
_refine.solvent_model_details                    'BABINET MODEL WITH MASK' 
_refine.pdbx_solvent_vdw_probe_radii             1.2000 
_refine.pdbx_solvent_ion_probe_radii             0.8000 
_refine.pdbx_solvent_shrinkage_radii             0.8000 
_refine.ls_number_parameters                     ? 
_refine.ls_number_restraints                     ? 
_refine.pdbx_starting_model                      ? 
_refine.pdbx_method_to_determine_struct          'MOLECULAR REPLACEMENT' 
_refine.pdbx_stereochemistry_target_values       'MAXIMUM LIKELIHOOD' 
_refine.pdbx_stereochem_target_val_spec_case     ? 
_refine.overall_FOM_work_R_set                   ? 
_refine.B_iso_max                                90.680 
_refine.B_iso_min                                10.360 
_refine.pdbx_overall_phase_error                 ? 
_refine.occupancy_max                            1.000 
_refine.occupancy_min                            0.500 
_refine.pdbx_ls_sigma_I                          ? 
_refine.ls_redundancy_reflns_obs                 ? 
_refine.ls_R_factor_R_free_error_details         ? 
_refine.pdbx_data_cutoff_high_rms_absF           ? 
_refine.overall_FOM_free_R_set                   ? 
_refine.pdbx_diffrn_id                           1 
_refine.pdbx_refine_id                           'X-RAY DIFFRACTION' 
_refine.pdbx_TLS_residual_ADP_flag               ? 
_refine.pdbx_overall_SU_R_free_Cruickshank_DPI   ? 
_refine.pdbx_overall_SU_R_Blow_DPI               ? 
_refine.pdbx_overall_SU_R_free_Blow_DPI          ? 
# 
_refine_hist.pdbx_refine_id                   'X-RAY DIFFRACTION' 
_refine_hist.cycle_id                         LAST 
_refine_hist.pdbx_number_atoms_protein        812 
_refine_hist.pdbx_number_atoms_nucleic_acid   0 
_refine_hist.pdbx_number_atoms_ligand         0 
_refine_hist.number_atoms_solvent             104 
_refine_hist.number_atoms_total               916 
_refine_hist.d_res_high                       1.5500 
_refine_hist.d_res_low                        21.965 
# 
loop_
_refine_ls_restr.type 
_refine_ls_restr.number 
_refine_ls_restr.dev_ideal 
_refine_ls_restr.dev_ideal_target 
_refine_ls_restr.weight 
_refine_ls_restr.pdbx_restraint_function 
_refine_ls_restr.pdbx_refine_id 
r_bond_refined_d       887  0.019  0.019  ? ? 'X-RAY DIFFRACTION' 
r_bond_other_d         862  0.002  0.020  ? ? 'X-RAY DIFFRACTION' 
r_angle_refined_deg    1208 1.359  1.925  ? ? 'X-RAY DIFFRACTION' 
r_angle_other_deg      1966 0.758  3.000  ? ? 'X-RAY DIFFRACTION' 
r_dihedral_angle_1_deg 120  5.250  5.000  ? ? 'X-RAY DIFFRACTION' 
r_dihedral_angle_2_deg 48   37.489 23.958 ? ? 'X-RAY DIFFRACTION' 
r_dihedral_angle_3_deg 158  13.108 15.000 ? ? 'X-RAY DIFFRACTION' 
r_dihedral_angle_4_deg 9    19.837 15.000 ? ? 'X-RAY DIFFRACTION' 
r_chiral_restr         136  0.110  0.200  ? ? 'X-RAY DIFFRACTION' 
r_gen_planes_refined   1069 0.011  0.020  ? ? 'X-RAY DIFFRACTION' 
r_gen_planes_other     238  0.002  0.020  ? ? 'X-RAY DIFFRACTION' 
r_mcbond_it            439  2.879  2.570  ? ? 'X-RAY DIFFRACTION' 
r_mcbond_other         440  2.875  2.576  ? ? 'X-RAY DIFFRACTION' 
r_mcangle_it           551  3.505  4.773  ? ? 'X-RAY DIFFRACTION' 
# 
_refine_ls_shell.d_res_high                       1.5500 
_refine_ls_shell.d_res_low                        1.5900 
_refine_ls_shell.pdbx_total_number_of_bins_used   20 
_refine_ls_shell.percent_reflns_obs               97.2400 
_refine_ls_shell.number_reflns_R_work             962 
_refine_ls_shell.R_factor_all                     ? 
_refine_ls_shell.R_factor_R_work                  0.2820 
_refine_ls_shell.R_factor_R_free                  0.2420 
_refine_ls_shell.percent_reflns_R_free            ? 
_refine_ls_shell.number_reflns_R_free             61 
_refine_ls_shell.R_factor_R_free_error            ? 
_refine_ls_shell.number_reflns_all                1023 
_refine_ls_shell.number_reflns_obs                ? 
_refine_ls_shell.redundancy_reflns_obs            ? 
_refine_ls_shell.pdbx_refine_id                   'X-RAY DIFFRACTION' 
# 
_struct.title                     
'Crystal structure of a DUF4783 family protein (BF1468) from Bacteroides fragilis YCH46 at 1.55 A resolution' 
_struct.entry_id                  4OUQ 
_struct.pdbx_model_type_details   ? 
_struct.pdbx_model_details        ? 
_struct.pdbx_CASP_flag            ? 
# 
_struct_keywords.text            
;DUF4783, PF16022 family, Structural Genomics, Joint Center for Structural Genomics, JCSG, Protein Structure Initiative, PSI-BIOLOGY, UNKNOWN FUNCTION
;
_struct_keywords.pdbx_keywords   'STRUCTURAL GENOMICS, UNKNOWN FUNCTION' 
_struct_keywords.entry_id        4OUQ 
# 
loop_
_struct_asym.id 
_struct_asym.pdbx_blank_PDB_chainid_flag 
_struct_asym.pdbx_modified 
_struct_asym.entity_id 
_struct_asym.details 
A N N 1 ? 
B N N 2 ? 
# 
_struct_ref.id                         1 
_struct_ref.db_name                    UNP 
_struct_ref.db_code                    Q64WA7_BACFR 
_struct_ref.pdbx_db_accession          Q64WA7 
_struct_ref.entity_id                  1 
_struct_ref.pdbx_seq_one_letter_code   
;QDIPVGVVVAFKKGNSQELNRYLGEKVNLVIQNRSESVDRQAAEGTLAAFFSSNKVSGFNVNHEGKRDESSFIIGTLTTA
NGNFRINCFFRRVQNKYLINQIRIDKTNE
;
_struct_ref.pdbx_align_begin           22 
_struct_ref.pdbx_db_isoform            ? 
# 
_struct_ref_seq.align_id                      1 
_struct_ref_seq.ref_id                        1 
_struct_ref_seq.pdbx_PDB_id_code              4OUQ 
_struct_ref_seq.pdbx_strand_id                A 
_struct_ref_seq.seq_align_beg                 2 
_struct_ref_seq.pdbx_seq_align_beg_ins_code   ? 
_struct_ref_seq.seq_align_end                 110 
_struct_ref_seq.pdbx_seq_align_end_ins_code   ? 
_struct_ref_seq.pdbx_db_accession             Q64WA7 
_struct_ref_seq.db_align_beg                  22 
_struct_ref_seq.pdbx_db_align_beg_ins_code    ? 
_struct_ref_seq.db_align_end                  130 
_struct_ref_seq.pdbx_db_align_end_ins_code    ? 
_struct_ref_seq.pdbx_auth_seq_align_beg       22 
_struct_ref_seq.pdbx_auth_seq_align_end       130 
# 
_struct_ref_seq_dif.align_id                     1 
_struct_ref_seq_dif.pdbx_pdb_id_code             4OUQ 
_struct_ref_seq_dif.mon_id                       GLY 
_struct_ref_seq_dif.pdbx_pdb_strand_id           A 
_struct_ref_seq_dif.seq_num                      1 
_struct_ref_seq_dif.pdbx_pdb_ins_code            ? 
_struct_ref_seq_dif.pdbx_seq_db_name             UNP 
_struct_ref_seq_dif.pdbx_seq_db_accession_code   Q64WA7 
_struct_ref_seq_dif.db_mon_id                    ? 
_struct_ref_seq_dif.pdbx_seq_db_seq_num          ? 
_struct_ref_seq_dif.details                      'expression tag' 
_struct_ref_seq_dif.pdbx_auth_seq_num            0 
_struct_ref_seq_dif.pdbx_ordinal                 1 
# 
_pdbx_struct_assembly.id                   1 
_pdbx_struct_assembly.details              author_and_software_defined_assembly 
_pdbx_struct_assembly.method_details       PISA 
_pdbx_struct_assembly.oligomeric_details   monomeric 
_pdbx_struct_assembly.oligomeric_count     1 
# 
_pdbx_struct_assembly_gen.assembly_id       1 
_pdbx_struct_assembly_gen.oper_expression   1 
_pdbx_struct_assembly_gen.asym_id_list      A,B 
# 
_pdbx_struct_oper_list.id                   1 
_pdbx_struct_oper_list.type                 'identity operation' 
_pdbx_struct_oper_list.name                 1_555 
_pdbx_struct_oper_list.symmetry_operation   x,y,z 
_pdbx_struct_oper_list.matrix[1][1]         1.0000000000 
_pdbx_struct_oper_list.matrix[1][2]         0.0000000000 
_pdbx_struct_oper_list.matrix[1][3]         0.0000000000 
_pdbx_struct_oper_list.vector[1]            0.0000000000 
_pdbx_struct_oper_list.matrix[2][1]         0.0000000000 
_pdbx_struct_oper_list.matrix[2][2]         1.0000000000 
_pdbx_struct_oper_list.matrix[2][3]         0.0000000000 
_pdbx_struct_oper_list.vector[2]            0.0000000000 
_pdbx_struct_oper_list.matrix[3][1]         0.0000000000 
_pdbx_struct_oper_list.matrix[3][2]         0.0000000000 
_pdbx_struct_oper_list.matrix[3][3]         1.0000000000 
_pdbx_struct_oper_list.vector[3]            0.0000000000 
# 
_struct_biol.id        1 
_struct_biol.details   ? 
# 
loop_
_struct_conf.conf_type_id 
_struct_conf.id 
_struct_conf.pdbx_PDB_helix_id 
_struct_conf.beg_label_comp_id 
_struct_conf.beg_label_asym_id 
_struct_conf.beg_label_seq_id 
_struct_conf.pdbx_beg_PDB_ins_code 
_struct_conf.end_label_comp_id 
_struct_conf.end_label_asym_id 
_struct_conf.end_label_seq_id 
_struct_conf.pdbx_end_PDB_ins_code 
_struct_conf.beg_auth_comp_id 
_struct_conf.beg_auth_asym_id 
_struct_conf.beg_auth_seq_id 
_struct_conf.end_auth_comp_id 
_struct_conf.end_auth_asym_id 
_struct_conf.end_auth_seq_id 
_struct_conf.pdbx_PDB_helix_class 
_struct_conf.details 
_struct_conf.pdbx_PDB_helix_length 
HELX_P HELX_P1 1 PRO A 5  ? GLY A 15 ? PRO A 25 GLY A 35 1 ? 11 
HELX_P HELX_P2 2 ASN A 16 ? ARG A 22 ? ASN A 36 ARG A 42 1 ? 7  
HELX_P HELX_P3 3 ARG A 41 ? ASN A 55 ? ARG A 61 ASN A 75 1 ? 15 
# 
_struct_conf_type.id          HELX_P 
_struct_conf_type.criteria    ? 
_struct_conf_type.reference   ? 
# 
_struct_sheet.id               A 
_struct_sheet.type             ? 
_struct_sheet.number_strands   6 
_struct_sheet.details          ? 
# 
loop_
_struct_sheet_order.sheet_id 
_struct_sheet_order.range_id_1 
_struct_sheet_order.range_id_2 
_struct_sheet_order.offset 
_struct_sheet_order.sense 
A 1 2 ? anti-parallel 
A 2 3 ? parallel      
A 3 4 ? anti-parallel 
A 4 5 ? anti-parallel 
A 5 6 ? anti-parallel 
# 
loop_
_struct_sheet_range.sheet_id 
_struct_sheet_range.id 
_struct_sheet_range.beg_label_comp_id 
_struct_sheet_range.beg_label_asym_id 
_struct_sheet_range.beg_label_seq_id 
_struct_sheet_range.pdbx_beg_PDB_ins_code 
_struct_sheet_range.end_label_comp_id 
_struct_sheet_range.end_label_asym_id 
_struct_sheet_range.end_label_seq_id 
_struct_sheet_range.pdbx_end_PDB_ins_code 
_struct_sheet_range.beg_auth_comp_id 
_struct_sheet_range.beg_auth_asym_id 
_struct_sheet_range.beg_auth_seq_id 
_struct_sheet_range.end_auth_comp_id 
_struct_sheet_range.end_auth_asym_id 
_struct_sheet_range.end_auth_seq_id 
A 1 ARG A 35 ? ASP A 40  ? ARG A 55  ASP A 60  
A 2 LEU A 24 ? ILE A 32  ? LEU A 44  ILE A 52  
A 3 LYS A 97 ? LYS A 107 ? LYS A 117 LYS A 127 
A 4 GLY A 83 ? VAL A 94  ? GLY A 103 VAL A 114 
A 5 SER A 72 ? THR A 80  ? SER A 92  THR A 100 
A 6 VAL A 57 ? LYS A 67  ? VAL A 77  LYS A 87  
# 
loop_
_pdbx_struct_sheet_hbond.sheet_id 
_pdbx_struct_sheet_hbond.range_id_1 
_pdbx_struct_sheet_hbond.range_id_2 
_pdbx_struct_sheet_hbond.range_1_label_atom_id 
_pdbx_struct_sheet_hbond.range_1_label_comp_id 
_pdbx_struct_sheet_hbond.range_1_label_asym_id 
_pdbx_struct_sheet_hbond.range_1_label_seq_id 
_pdbx_struct_sheet_hbond.range_1_PDB_ins_code 
_pdbx_struct_sheet_hbond.range_1_auth_atom_id 
_pdbx_struct_sheet_hbond.range_1_auth_comp_id 
_pdbx_struct_sheet_hbond.range_1_auth_asym_id 
_pdbx_struct_sheet_hbond.range_1_auth_seq_id 
_pdbx_struct_sheet_hbond.range_2_label_atom_id 
_pdbx_struct_sheet_hbond.range_2_label_comp_id 
_pdbx_struct_sheet_hbond.range_2_label_asym_id 
_pdbx_struct_sheet_hbond.range_2_label_seq_id 
_pdbx_struct_sheet_hbond.range_2_PDB_ins_code 
_pdbx_struct_sheet_hbond.range_2_auth_atom_id 
_pdbx_struct_sheet_hbond.range_2_auth_comp_id 
_pdbx_struct_sheet_hbond.range_2_auth_asym_id 
_pdbx_struct_sheet_hbond.range_2_auth_seq_id 
A 1 2 O GLU A 37  ? O GLU A 57  N LEU A 30  ? N LEU A 50  
A 2 3 N GLY A 25  ? N GLY A 45  O ILE A 100 ? O ILE A 120 
A 3 4 O ARG A 104 ? O ARG A 124 N ASN A 88  ? N ASN A 108 
A 4 5 O PHE A 85  ? O PHE A 105 N LEU A 78  ? N LEU A 98  
A 5 6 O ILE A 75  ? O ILE A 95  N HIS A 64  ? N HIS A 84  
# 
_pdbx_SG_project.project_name          PSI:Biology 
_pdbx_SG_project.full_name_of_center   'Joint Center for Structural Genomics' 
_pdbx_SG_project.id                    1 
_pdbx_SG_project.initial_of_center     JCSG 
# 
_pdbx_refine_tls.pdbx_refine_id   'X-RAY DIFFRACTION' 
_pdbx_refine_tls.id               1 
_pdbx_refine_tls.details          ? 
_pdbx_refine_tls.method           refined 
_pdbx_refine_tls.origin_x         0.1495 
_pdbx_refine_tls.origin_y         -0.4531 
_pdbx_refine_tls.origin_z         -0.1738 
_pdbx_refine_tls.T[1][1]          0.0081 
_pdbx_refine_tls.T[2][2]          0.0253 
_pdbx_refine_tls.T[3][3]          0.0324 
_pdbx_refine_tls.T[1][2]          0.0103 
_pdbx_refine_tls.T[1][3]          0.0092 
_pdbx_refine_tls.T[2][3]          -0.0015 
_pdbx_refine_tls.L[1][1]          3.5435 
_pdbx_refine_tls.L[2][2]          1.6666 
_pdbx_refine_tls.L[3][3]          4.4548 
_pdbx_refine_tls.L[1][2]          -0.5952 
_pdbx_refine_tls.L[1][3]          -0.6189 
_pdbx_refine_tls.L[2][3]          -0.2392 
_pdbx_refine_tls.S[1][1]          -0.0273 
_pdbx_refine_tls.S[2][2]          -0.0293 
_pdbx_refine_tls.S[3][3]          0.0567 
_pdbx_refine_tls.S[1][2]          0.0708 
_pdbx_refine_tls.S[1][3]          -0.0089 
_pdbx_refine_tls.S[2][3]          -0.1796 
_pdbx_refine_tls.S[2][1]          -0.0647 
_pdbx_refine_tls.S[3][1]          0.1630 
_pdbx_refine_tls.S[3][2]          0.2983 
# 
_pdbx_refine_tls_group.pdbx_refine_id      'X-RAY DIFFRACTION' 
_pdbx_refine_tls_group.id                  1 
_pdbx_refine_tls_group.refine_tls_id       1 
_pdbx_refine_tls_group.beg_auth_asym_id    A 
_pdbx_refine_tls_group.beg_auth_seq_id     23 
_pdbx_refine_tls_group.end_auth_asym_id    A 
_pdbx_refine_tls_group.end_auth_seq_id     129 
_pdbx_refine_tls_group.selection_details   ? 
_pdbx_refine_tls_group.beg_label_asym_id   . 
_pdbx_refine_tls_group.beg_label_seq_id    . 
_pdbx_refine_tls_group.end_label_asym_id   . 
_pdbx_refine_tls_group.end_label_seq_id    . 
_pdbx_refine_tls_group.selection           ? 
# 
_phasing.method   MR 
# 
_pdbx_entry_details.entry_id                 4OUQ 
_pdbx_entry_details.compound_details         ? 
_pdbx_entry_details.source_details           ? 
_pdbx_entry_details.nonpolymer_details       ? 
_pdbx_entry_details.sequence_details         
;THIS CONSTRUCT (RESIDUES 22-130) WAS EXPRESSED WITH A PURIFICATION TAG MGSDKIHHHHHHENLYFQG. THE TAG WAS REMOVED WITH TEV PROTEASE LEAVING ONLY A GLYCINE (0) FOLLOWED BY THE TARGET SEQUENCE.
;
_pdbx_entry_details.has_ligand_of_interest   ? 
# 
loop_
_pdbx_unobs_or_zero_occ_residues.id 
_pdbx_unobs_or_zero_occ_residues.PDB_model_num 
_pdbx_unobs_or_zero_occ_residues.polymer_flag 
_pdbx_unobs_or_zero_occ_residues.occupancy_flag 
_pdbx_unobs_or_zero_occ_residues.auth_asym_id 
_pdbx_unobs_or_zero_occ_residues.auth_comp_id 
_pdbx_unobs_or_zero_occ_residues.auth_seq_id 
_pdbx_unobs_or_zero_occ_residues.PDB_ins_code 
_pdbx_unobs_or_zero_occ_residues.label_asym_id 
_pdbx_unobs_or_zero_occ_residues.label_comp_id 
_pdbx_unobs_or_zero_occ_residues.label_seq_id 
1 1 Y 1 A GLY 0   ? A GLY 1   
2 1 Y 1 A GLN 22  ? A GLN 2   
3 1 Y 1 A GLU 90  ? A GLU 70  
4 1 Y 1 A GLU 130 ? A GLU 110 
# 
loop_
_chem_comp_atom.comp_id 
_chem_comp_atom.atom_id 
_chem_comp_atom.type_symbol 
_chem_comp_atom.pdbx_aromatic_flag 
_chem_comp_atom.pdbx_stereo_config 
_chem_comp_atom.pdbx_ordinal 
ALA N    N N N 1   
ALA CA   C N S 2   
ALA C    C N N 3   
ALA O    O N N 4   
ALA CB   C N N 5   
ALA OXT  O N N 6   
ALA H    H N N 7   
ALA H2   H N N 8   
ALA HA   H N N 9   
ALA HB1  H N N 10  
ALA HB2  H N N 11  
ALA HB3  H N N 12  
ALA HXT  H N N 13  
ARG N    N N N 14  
ARG CA   C N S 15  
ARG C    C N N 16  
ARG O    O N N 17  
ARG CB   C N N 18  
ARG CG   C N N 19  
ARG CD   C N N 20  
ARG NE   N N N 21  
ARG CZ   C N N 22  
ARG NH1  N N N 23  
ARG NH2  N N N 24  
ARG OXT  O N N 25  
ARG H    H N N 26  
ARG H2   H N N 27  
ARG HA   H N N 28  
ARG HB2  H N N 29  
ARG HB3  H N N 30  
ARG HG2  H N N 31  
ARG HG3  H N N 32  
ARG HD2  H N N 33  
ARG HD3  H N N 34  
ARG HE   H N N 35  
ARG HH11 H N N 36  
ARG HH12 H N N 37  
ARG HH21 H N N 38  
ARG HH22 H N N 39  
ARG HXT  H N N 40  
ASN N    N N N 41  
ASN CA   C N S 42  
ASN C    C N N 43  
ASN O    O N N 44  
ASN CB   C N N 45  
ASN CG   C N N 46  
ASN OD1  O N N 47  
ASN ND2  N N N 48  
ASN OXT  O N N 49  
ASN H    H N N 50  
ASN H2   H N N 51  
ASN HA   H N N 52  
ASN HB2  H N N 53  
ASN HB3  H N N 54  
ASN HD21 H N N 55  
ASN HD22 H N N 56  
ASN HXT  H N N 57  
ASP N    N N N 58  
ASP CA   C N S 59  
ASP C    C N N 60  
ASP O    O N N 61  
ASP CB   C N N 62  
ASP CG   C N N 63  
ASP OD1  O N N 64  
ASP OD2  O N N 65  
ASP OXT  O N N 66  
ASP H    H N N 67  
ASP H2   H N N 68  
ASP HA   H N N 69  
ASP HB2  H N N 70  
ASP HB3  H N N 71  
ASP HD2  H N N 72  
ASP HXT  H N N 73  
CYS N    N N N 74  
CYS CA   C N R 75  
CYS C    C N N 76  
CYS O    O N N 77  
CYS CB   C N N 78  
CYS SG   S N N 79  
CYS OXT  O N N 80  
CYS H    H N N 81  
CYS H2   H N N 82  
CYS HA   H N N 83  
CYS HB2  H N N 84  
CYS HB3  H N N 85  
CYS HG   H N N 86  
CYS HXT  H N N 87  
GLN N    N N N 88  
GLN CA   C N S 89  
GLN C    C N N 90  
GLN O    O N N 91  
GLN CB   C N N 92  
GLN CG   C N N 93  
GLN CD   C N N 94  
GLN OE1  O N N 95  
GLN NE2  N N N 96  
GLN OXT  O N N 97  
GLN H    H N N 98  
GLN H2   H N N 99  
GLN HA   H N N 100 
GLN HB2  H N N 101 
GLN HB3  H N N 102 
GLN HG2  H N N 103 
GLN HG3  H N N 104 
GLN HE21 H N N 105 
GLN HE22 H N N 106 
GLN HXT  H N N 107 
GLU N    N N N 108 
GLU CA   C N S 109 
GLU C    C N N 110 
GLU O    O N N 111 
GLU CB   C N N 112 
GLU CG   C N N 113 
GLU CD   C N N 114 
GLU OE1  O N N 115 
GLU OE2  O N N 116 
GLU OXT  O N N 117 
GLU H    H N N 118 
GLU H2   H N N 119 
GLU HA   H N N 120 
GLU HB2  H N N 121 
GLU HB3  H N N 122 
GLU HG2  H N N 123 
GLU HG3  H N N 124 
GLU HE2  H N N 125 
GLU HXT  H N N 126 
GLY N    N N N 127 
GLY CA   C N N 128 
GLY C    C N N 129 
GLY O    O N N 130 
GLY OXT  O N N 131 
GLY H    H N N 132 
GLY H2   H N N 133 
GLY HA2  H N N 134 
GLY HA3  H N N 135 
GLY HXT  H N N 136 
HIS N    N N N 137 
HIS CA   C N S 138 
HIS C    C N N 139 
HIS O    O N N 140 
HIS CB   C N N 141 
HIS CG   C Y N 142 
HIS ND1  N Y N 143 
HIS CD2  C Y N 144 
HIS CE1  C Y N 145 
HIS NE2  N Y N 146 
HIS OXT  O N N 147 
HIS H    H N N 148 
HIS H2   H N N 149 
HIS HA   H N N 150 
HIS HB2  H N N 151 
HIS HB3  H N N 152 
HIS HD1  H N N 153 
HIS HD2  H N N 154 
HIS HE1  H N N 155 
HIS HE2  H N N 156 
HIS HXT  H N N 157 
HOH O    O N N 158 
HOH H1   H N N 159 
HOH H2   H N N 160 
ILE N    N N N 161 
ILE CA   C N S 162 
ILE C    C N N 163 
ILE O    O N N 164 
ILE CB   C N S 165 
ILE CG1  C N N 166 
ILE CG2  C N N 167 
ILE CD1  C N N 168 
ILE OXT  O N N 169 
ILE H    H N N 170 
ILE H2   H N N 171 
ILE HA   H N N 172 
ILE HB   H N N 173 
ILE HG12 H N N 174 
ILE HG13 H N N 175 
ILE HG21 H N N 176 
ILE HG22 H N N 177 
ILE HG23 H N N 178 
ILE HD11 H N N 179 
ILE HD12 H N N 180 
ILE HD13 H N N 181 
ILE HXT  H N N 182 
LEU N    N N N 183 
LEU CA   C N S 184 
LEU C    C N N 185 
LEU O    O N N 186 
LEU CB   C N N 187 
LEU CG   C N N 188 
LEU CD1  C N N 189 
LEU CD2  C N N 190 
LEU OXT  O N N 191 
LEU H    H N N 192 
LEU H2   H N N 193 
LEU HA   H N N 194 
LEU HB2  H N N 195 
LEU HB3  H N N 196 
LEU HG   H N N 197 
LEU HD11 H N N 198 
LEU HD12 H N N 199 
LEU HD13 H N N 200 
LEU HD21 H N N 201 
LEU HD22 H N N 202 
LEU HD23 H N N 203 
LEU HXT  H N N 204 
LYS N    N N N 205 
LYS CA   C N S 206 
LYS C    C N N 207 
LYS O    O N N 208 
LYS CB   C N N 209 
LYS CG   C N N 210 
LYS CD   C N N 211 
LYS CE   C N N 212 
LYS NZ   N N N 213 
LYS OXT  O N N 214 
LYS H    H N N 215 
LYS H2   H N N 216 
LYS HA   H N N 217 
LYS HB2  H N N 218 
LYS HB3  H N N 219 
LYS HG2  H N N 220 
LYS HG3  H N N 221 
LYS HD2  H N N 222 
LYS HD3  H N N 223 
LYS HE2  H N N 224 
LYS HE3  H N N 225 
LYS HZ1  H N N 226 
LYS HZ2  H N N 227 
LYS HZ3  H N N 228 
LYS HXT  H N N 229 
PHE N    N N N 230 
PHE CA   C N S 231 
PHE C    C N N 232 
PHE O    O N N 233 
PHE CB   C N N 234 
PHE CG   C Y N 235 
PHE CD1  C Y N 236 
PHE CD2  C Y N 237 
PHE CE1  C Y N 238 
PHE CE2  C Y N 239 
PHE CZ   C Y N 240 
PHE OXT  O N N 241 
PHE H    H N N 242 
PHE H2   H N N 243 
PHE HA   H N N 244 
PHE HB2  H N N 245 
PHE HB3  H N N 246 
PHE HD1  H N N 247 
PHE HD2  H N N 248 
PHE HE1  H N N 249 
PHE HE2  H N N 250 
PHE HZ   H N N 251 
PHE HXT  H N N 252 
PRO N    N N N 253 
PRO CA   C N S 254 
PRO C    C N N 255 
PRO O    O N N 256 
PRO CB   C N N 257 
PRO CG   C N N 258 
PRO CD   C N N 259 
PRO OXT  O N N 260 
PRO H    H N N 261 
PRO HA   H N N 262 
PRO HB2  H N N 263 
PRO HB3  H N N 264 
PRO HG2  H N N 265 
PRO HG3  H N N 266 
PRO HD2  H N N 267 
PRO HD3  H N N 268 
PRO HXT  H N N 269 
SER N    N N N 270 
SER CA   C N S 271 
SER C    C N N 272 
SER O    O N N 273 
SER CB   C N N 274 
SER OG   O N N 275 
SER OXT  O N N 276 
SER H    H N N 277 
SER H2   H N N 278 
SER HA   H N N 279 
SER HB2  H N N 280 
SER HB3  H N N 281 
SER HG   H N N 282 
SER HXT  H N N 283 
THR N    N N N 284 
THR CA   C N S 285 
THR C    C N N 286 
THR O    O N N 287 
THR CB   C N R 288 
THR OG1  O N N 289 
THR CG2  C N N 290 
THR OXT  O N N 291 
THR H    H N N 292 
THR H2   H N N 293 
THR HA   H N N 294 
THR HB   H N N 295 
THR HG1  H N N 296 
THR HG21 H N N 297 
THR HG22 H N N 298 
THR HG23 H N N 299 
THR HXT  H N N 300 
TYR N    N N N 301 
TYR CA   C N S 302 
TYR C    C N N 303 
TYR O    O N N 304 
TYR CB   C N N 305 
TYR CG   C Y N 306 
TYR CD1  C Y N 307 
TYR CD2  C Y N 308 
TYR CE1  C Y N 309 
TYR CE2  C Y N 310 
TYR CZ   C Y N 311 
TYR OH   O N N 312 
TYR OXT  O N N 313 
TYR H    H N N 314 
TYR H2   H N N 315 
TYR HA   H N N 316 
TYR HB2  H N N 317 
TYR HB3  H N N 318 
TYR HD1  H N N 319 
TYR HD2  H N N 320 
TYR HE1  H N N 321 
TYR HE2  H N N 322 
TYR HH   H N N 323 
TYR HXT  H N N 324 
VAL N    N N N 325 
VAL CA   C N S 326 
VAL C    C N N 327 
VAL O    O N N 328 
VAL CB   C N N 329 
VAL CG1  C N N 330 
VAL CG2  C N N 331 
VAL OXT  O N N 332 
VAL H    H N N 333 
VAL H2   H N N 334 
VAL HA   H N N 335 
VAL HB   H N N 336 
VAL HG11 H N N 337 
VAL HG12 H N N 338 
VAL HG13 H N N 339 
VAL HG21 H N N 340 
VAL HG22 H N N 341 
VAL HG23 H N N 342 
VAL HXT  H N N 343 
# 
loop_
_chem_comp_bond.comp_id 
_chem_comp_bond.atom_id_1 
_chem_comp_bond.atom_id_2 
_chem_comp_bond.value_order 
_chem_comp_bond.pdbx_aromatic_flag 
_chem_comp_bond.pdbx_stereo_config 
_chem_comp_bond.pdbx_ordinal 
ALA N   CA   sing N N 1   
ALA N   H    sing N N 2   
ALA N   H2   sing N N 3   
ALA CA  C    sing N N 4   
ALA CA  CB   sing N N 5   
ALA CA  HA   sing N N 6   
ALA C   O    doub N N 7   
ALA C   OXT  sing N N 8   
ALA CB  HB1  sing N N 9   
ALA CB  HB2  sing N N 10  
ALA CB  HB3  sing N N 11  
ALA OXT HXT  sing N N 12  
ARG N   CA   sing N N 13  
ARG N   H    sing N N 14  
ARG N   H2   sing N N 15  
ARG CA  C    sing N N 16  
ARG CA  CB   sing N N 17  
ARG CA  HA   sing N N 18  
ARG C   O    doub N N 19  
ARG C   OXT  sing N N 20  
ARG CB  CG   sing N N 21  
ARG CB  HB2  sing N N 22  
ARG CB  HB3  sing N N 23  
ARG CG  CD   sing N N 24  
ARG CG  HG2  sing N N 25  
ARG CG  HG3  sing N N 26  
ARG CD  NE   sing N N 27  
ARG CD  HD2  sing N N 28  
ARG CD  HD3  sing N N 29  
ARG NE  CZ   sing N N 30  
ARG NE  HE   sing N N 31  
ARG CZ  NH1  sing N N 32  
ARG CZ  NH2  doub N N 33  
ARG NH1 HH11 sing N N 34  
ARG NH1 HH12 sing N N 35  
ARG NH2 HH21 sing N N 36  
ARG NH2 HH22 sing N N 37  
ARG OXT HXT  sing N N 38  
ASN N   CA   sing N N 39  
ASN N   H    sing N N 40  
ASN N   H2   sing N N 41  
ASN CA  C    sing N N 42  
ASN CA  CB   sing N N 43  
ASN CA  HA   sing N N 44  
ASN C   O    doub N N 45  
ASN C   OXT  sing N N 46  
ASN CB  CG   sing N N 47  
ASN CB  HB2  sing N N 48  
ASN CB  HB3  sing N N 49  
ASN CG  OD1  doub N N 50  
ASN CG  ND2  sing N N 51  
ASN ND2 HD21 sing N N 52  
ASN ND2 HD22 sing N N 53  
ASN OXT HXT  sing N N 54  
ASP N   CA   sing N N 55  
ASP N   H    sing N N 56  
ASP N   H2   sing N N 57  
ASP CA  C    sing N N 58  
ASP CA  CB   sing N N 59  
ASP CA  HA   sing N N 60  
ASP C   O    doub N N 61  
ASP C   OXT  sing N N 62  
ASP CB  CG   sing N N 63  
ASP CB  HB2  sing N N 64  
ASP CB  HB3  sing N N 65  
ASP CG  OD1  doub N N 66  
ASP CG  OD2  sing N N 67  
ASP OD2 HD2  sing N N 68  
ASP OXT HXT  sing N N 69  
CYS N   CA   sing N N 70  
CYS N   H    sing N N 71  
CYS N   H2   sing N N 72  
CYS CA  C    sing N N 73  
CYS CA  CB   sing N N 74  
CYS CA  HA   sing N N 75  
CYS C   O    doub N N 76  
CYS C   OXT  sing N N 77  
CYS CB  SG   sing N N 78  
CYS CB  HB2  sing N N 79  
CYS CB  HB3  sing N N 80  
CYS SG  HG   sing N N 81  
CYS OXT HXT  sing N N 82  
GLN N   CA   sing N N 83  
GLN N   H    sing N N 84  
GLN N   H2   sing N N 85  
GLN CA  C    sing N N 86  
GLN CA  CB   sing N N 87  
GLN CA  HA   sing N N 88  
GLN C   O    doub N N 89  
GLN C   OXT  sing N N 90  
GLN CB  CG   sing N N 91  
GLN CB  HB2  sing N N 92  
GLN CB  HB3  sing N N 93  
GLN CG  CD   sing N N 94  
GLN CG  HG2  sing N N 95  
GLN CG  HG3  sing N N 96  
GLN CD  OE1  doub N N 97  
GLN CD  NE2  sing N N 98  
GLN NE2 HE21 sing N N 99  
GLN NE2 HE22 sing N N 100 
GLN OXT HXT  sing N N 101 
GLU N   CA   sing N N 102 
GLU N   H    sing N N 103 
GLU N   H2   sing N N 104 
GLU CA  C    sing N N 105 
GLU CA  CB   sing N N 106 
GLU CA  HA   sing N N 107 
GLU C   O    doub N N 108 
GLU C   OXT  sing N N 109 
GLU CB  CG   sing N N 110 
GLU CB  HB2  sing N N 111 
GLU CB  HB3  sing N N 112 
GLU CG  CD   sing N N 113 
GLU CG  HG2  sing N N 114 
GLU CG  HG3  sing N N 115 
GLU CD  OE1  doub N N 116 
GLU CD  OE2  sing N N 117 
GLU OE2 HE2  sing N N 118 
GLU OXT HXT  sing N N 119 
GLY N   CA   sing N N 120 
GLY N   H    sing N N 121 
GLY N   H2   sing N N 122 
GLY CA  C    sing N N 123 
GLY CA  HA2  sing N N 124 
GLY CA  HA3  sing N N 125 
GLY C   O    doub N N 126 
GLY C   OXT  sing N N 127 
GLY OXT HXT  sing N N 128 
HIS N   CA   sing N N 129 
HIS N   H    sing N N 130 
HIS N   H2   sing N N 131 
HIS CA  C    sing N N 132 
HIS CA  CB   sing N N 133 
HIS CA  HA   sing N N 134 
HIS C   O    doub N N 135 
HIS C   OXT  sing N N 136 
HIS CB  CG   sing N N 137 
HIS CB  HB2  sing N N 138 
HIS CB  HB3  sing N N 139 
HIS CG  ND1  sing Y N 140 
HIS CG  CD2  doub Y N 141 
HIS ND1 CE1  doub Y N 142 
HIS ND1 HD1  sing N N 143 
HIS CD2 NE2  sing Y N 144 
HIS CD2 HD2  sing N N 145 
HIS CE1 NE2  sing Y N 146 
HIS CE1 HE1  sing N N 147 
HIS NE2 HE2  sing N N 148 
HIS OXT HXT  sing N N 149 
HOH O   H1   sing N N 150 
HOH O   H2   sing N N 151 
ILE N   CA   sing N N 152 
ILE N   H    sing N N 153 
ILE N   H2   sing N N 154 
ILE CA  C    sing N N 155 
ILE CA  CB   sing N N 156 
ILE CA  HA   sing N N 157 
ILE C   O    doub N N 158 
ILE C   OXT  sing N N 159 
ILE CB  CG1  sing N N 160 
ILE CB  CG2  sing N N 161 
ILE CB  HB   sing N N 162 
ILE CG1 CD1  sing N N 163 
ILE CG1 HG12 sing N N 164 
ILE CG1 HG13 sing N N 165 
ILE CG2 HG21 sing N N 166 
ILE CG2 HG22 sing N N 167 
ILE CG2 HG23 sing N N 168 
ILE CD1 HD11 sing N N 169 
ILE CD1 HD12 sing N N 170 
ILE CD1 HD13 sing N N 171 
ILE OXT HXT  sing N N 172 
LEU N   CA   sing N N 173 
LEU N   H    sing N N 174 
LEU N   H2   sing N N 175 
LEU CA  C    sing N N 176 
LEU CA  CB   sing N N 177 
LEU CA  HA   sing N N 178 
LEU C   O    doub N N 179 
LEU C   OXT  sing N N 180 
LEU CB  CG   sing N N 181 
LEU CB  HB2  sing N N 182 
LEU CB  HB3  sing N N 183 
LEU CG  CD1  sing N N 184 
LEU CG  CD2  sing N N 185 
LEU CG  HG   sing N N 186 
LEU CD1 HD11 sing N N 187 
LEU CD1 HD12 sing N N 188 
LEU CD1 HD13 sing N N 189 
LEU CD2 HD21 sing N N 190 
LEU CD2 HD22 sing N N 191 
LEU CD2 HD23 sing N N 192 
LEU OXT HXT  sing N N 193 
LYS N   CA   sing N N 194 
LYS N   H    sing N N 195 
LYS N   H2   sing N N 196 
LYS CA  C    sing N N 197 
LYS CA  CB   sing N N 198 
LYS CA  HA   sing N N 199 
LYS C   O    doub N N 200 
LYS C   OXT  sing N N 201 
LYS CB  CG   sing N N 202 
LYS CB  HB2  sing N N 203 
LYS CB  HB3  sing N N 204 
LYS CG  CD   sing N N 205 
LYS CG  HG2  sing N N 206 
LYS CG  HG3  sing N N 207 
LYS CD  CE   sing N N 208 
LYS CD  HD2  sing N N 209 
LYS CD  HD3  sing N N 210 
LYS CE  NZ   sing N N 211 
LYS CE  HE2  sing N N 212 
LYS CE  HE3  sing N N 213 
LYS NZ  HZ1  sing N N 214 
LYS NZ  HZ2  sing N N 215 
LYS NZ  HZ3  sing N N 216 
LYS OXT HXT  sing N N 217 
PHE N   CA   sing N N 218 
PHE N   H    sing N N 219 
PHE N   H2   sing N N 220 
PHE CA  C    sing N N 221 
PHE CA  CB   sing N N 222 
PHE CA  HA   sing N N 223 
PHE C   O    doub N N 224 
PHE C   OXT  sing N N 225 
PHE CB  CG   sing N N 226 
PHE CB  HB2  sing N N 227 
PHE CB  HB3  sing N N 228 
PHE CG  CD1  doub Y N 229 
PHE CG  CD2  sing Y N 230 
PHE CD1 CE1  sing Y N 231 
PHE CD1 HD1  sing N N 232 
PHE CD2 CE2  doub Y N 233 
PHE CD2 HD2  sing N N 234 
PHE CE1 CZ   doub Y N 235 
PHE CE1 HE1  sing N N 236 
PHE CE2 CZ   sing Y N 237 
PHE CE2 HE2  sing N N 238 
PHE CZ  HZ   sing N N 239 
PHE OXT HXT  sing N N 240 
PRO N   CA   sing N N 241 
PRO N   CD   sing N N 242 
PRO N   H    sing N N 243 
PRO CA  C    sing N N 244 
PRO CA  CB   sing N N 245 
PRO CA  HA   sing N N 246 
PRO C   O    doub N N 247 
PRO C   OXT  sing N N 248 
PRO CB  CG   sing N N 249 
PRO CB  HB2  sing N N 250 
PRO CB  HB3  sing N N 251 
PRO CG  CD   sing N N 252 
PRO CG  HG2  sing N N 253 
PRO CG  HG3  sing N N 254 
PRO CD  HD2  sing N N 255 
PRO CD  HD3  sing N N 256 
PRO OXT HXT  sing N N 257 
SER N   CA   sing N N 258 
SER N   H    sing N N 259 
SER N   H2   sing N N 260 
SER CA  C    sing N N 261 
SER CA  CB   sing N N 262 
SER CA  HA   sing N N 263 
SER C   O    doub N N 264 
SER C   OXT  sing N N 265 
SER CB  OG   sing N N 266 
SER CB  HB2  sing N N 267 
SER CB  HB3  sing N N 268 
SER OG  HG   sing N N 269 
SER OXT HXT  sing N N 270 
THR N   CA   sing N N 271 
THR N   H    sing N N 272 
THR N   H2   sing N N 273 
THR CA  C    sing N N 274 
THR CA  CB   sing N N 275 
THR CA  HA   sing N N 276 
THR C   O    doub N N 277 
THR C   OXT  sing N N 278 
THR CB  OG1  sing N N 279 
THR CB  CG2  sing N N 280 
THR CB  HB   sing N N 281 
THR OG1 HG1  sing N N 282 
THR CG2 HG21 sing N N 283 
THR CG2 HG22 sing N N 284 
THR CG2 HG23 sing N N 285 
THR OXT HXT  sing N N 286 
TYR N   CA   sing N N 287 
TYR N   H    sing N N 288 
TYR N   H2   sing N N 289 
TYR CA  C    sing N N 290 
TYR CA  CB   sing N N 291 
TYR CA  HA   sing N N 292 
TYR C   O    doub N N 293 
TYR C   OXT  sing N N 294 
TYR CB  CG   sing N N 295 
TYR CB  HB2  sing N N 296 
TYR CB  HB3  sing N N 297 
TYR CG  CD1  doub Y N 298 
TYR CG  CD2  sing Y N 299 
TYR CD1 CE1  sing Y N 300 
TYR CD1 HD1  sing N N 301 
TYR CD2 CE2  doub Y N 302 
TYR CD2 HD2  sing N N 303 
TYR CE1 CZ   doub Y N 304 
TYR CE1 HE1  sing N N 305 
TYR CE2 CZ   sing Y N 306 
TYR CE2 HE2  sing N N 307 
TYR CZ  OH   sing N N 308 
TYR OH  HH   sing N N 309 
TYR OXT HXT  sing N N 310 
VAL N   CA   sing N N 311 
VAL N   H    sing N N 312 
VAL N   H2   sing N N 313 
VAL CA  C    sing N N 314 
VAL CA  CB   sing N N 315 
VAL CA  HA   sing N N 316 
VAL C   O    doub N N 317 
VAL C   OXT  sing N N 318 
VAL CB  CG1  sing N N 319 
VAL CB  CG2  sing N N 320 
VAL CB  HB   sing N N 321 
VAL CG1 HG11 sing N N 322 
VAL CG1 HG12 sing N N 323 
VAL CG1 HG13 sing N N 324 
VAL CG2 HG21 sing N N 325 
VAL CG2 HG22 sing N N 326 
VAL CG2 HG23 sing N N 327 
VAL OXT HXT  sing N N 328 
# 
_atom_sites.entry_id                    4OUQ 
_atom_sites.fract_transf_matrix[1][1]   0.01689833 
_atom_sites.fract_transf_matrix[1][2]   -0.01703581 
_atom_sites.fract_transf_matrix[1][3]   -0.00590431 
_atom_sites.fract_transf_matrix[2][1]   0.01506274 
_atom_sites.fract_transf_matrix[2][2]   0.01285538 
_atom_sites.fract_transf_matrix[2][3]   0.00601820 
_atom_sites.fract_transf_matrix[3][1]   -0.00105540 
_atom_sites.fract_transf_matrix[3][2]   -0.00755719 
_atom_sites.fract_transf_matrix[3][3]   0.01878432 
_atom_sites.fract_transf_vector[1]      0.349237 
_atom_sites.fract_transf_vector[2]      -0.020273 
_atom_sites.fract_transf_vector[3]      -0.093351 
# 
loop_
_atom_type.symbol 
C 
N 
O 
S 
# 
loop_
_atom_site.group_PDB 
_atom_site.id 
_atom_site.type_symbol 
_atom_site.label_atom_id 
_atom_site.label_alt_id 
_atom_site.label_comp_id 
_atom_site.label_asym_id 
_atom_site.label_entity_id 
_atom_site.label_seq_id 
_atom_site.pdbx_PDB_ins_code 
_atom_site.Cartn_x 
_atom_site.Cartn_y 
_atom_site.Cartn_z 
_atom_site.occupancy 
_atom_site.B_iso_or_equiv 
_atom_site.pdbx_formal_charge 
_atom_site.auth_seq_id 
_atom_site.auth_comp_id 
_atom_site.auth_asym_id 
_atom_site.auth_atom_id 
_atom_site.pdbx_PDB_model_num 
ATOM   1   N N   . ASP A 1 3   ? 3.758   -11.119 -9.636  1.00 81.05 ? 23  ASP A N   1 
ATOM   2   C CA  . ASP A 1 3   ? 3.873   -9.638  -9.893  1.00 66.27 ? 23  ASP A CA  1 
ATOM   3   C C   . ASP A 1 3   ? 3.036   -8.792  -8.895  1.00 68.32 ? 23  ASP A C   1 
ATOM   4   O O   . ASP A 1 3   ? 3.514   -7.748  -8.406  1.00 57.48 ? 23  ASP A O   1 
ATOM   5   C CB  . ASP A 1 3   ? 3.525   -9.289  -11.370 1.00 64.20 ? 23  ASP A CB  1 
ATOM   6   C CG  . ASP A 1 3   ? 2.092   -9.703  -11.770 1.00 74.05 ? 23  ASP A CG  1 
ATOM   7   O OD1 . ASP A 1 3   ? 1.504   -10.601 -11.122 1.00 85.61 ? 23  ASP A OD1 1 
ATOM   8   O OD2 . ASP A 1 3   ? 1.570   -9.134  -12.746 1.00 70.64 ? 23  ASP A OD2 1 
ATOM   9   N N   . ILE A 1 4   ? 1.809   -9.246  -8.580  1.00 38.75 ? 24  ILE A N   1 
ATOM   10  C CA  . ILE A 1 4   ? 0.957   -8.540  -7.634  1.00 36.40 ? 24  ILE A CA  1 
ATOM   11  C C   . ILE A 1 4   ? 0.387   -9.503  -6.581  1.00 33.51 ? 24  ILE A C   1 
ATOM   12  O O   . ILE A 1 4   ? -0.527  -10.279 -6.885  1.00 30.91 ? 24  ILE A O   1 
ATOM   13  C CB  . ILE A 1 4   ? -0.213  -7.838  -8.330  1.00 38.65 ? 24  ILE A CB  1 
ATOM   14  C CG1 . ILE A 1 4   ? 0.277   -7.009  -9.559  1.00 43.97 ? 24  ILE A CG1 1 
ATOM   15  C CG2 . ILE A 1 4   ? -0.952  -6.966  -7.320  1.00 41.75 ? 24  ILE A CG2 1 
ATOM   16  C CD1 . ILE A 1 4   ? 1.178   -5.833  -9.221  1.00 45.91 ? 24  ILE A CD1 1 
ATOM   17  N N   . PRO A 1 5   ? 0.944   -9.471  -5.364  1.00 29.34 ? 25  PRO A N   1 
ATOM   18  C CA  . PRO A 1 5   ? 0.523   -10.401 -4.320  1.00 28.99 ? 25  PRO A CA  1 
ATOM   19  C C   . PRO A 1 5   ? -0.982  -10.234 -3.969  1.00 25.20 ? 25  PRO A C   1 
ATOM   20  O O   . PRO A 1 5   ? -1.410  -9.202  -3.549  1.00 22.29 ? 25  PRO A O   1 
ATOM   21  C CB  . PRO A 1 5   ? 1.409   -10.014 -3.117  1.00 32.73 ? 25  PRO A CB  1 
ATOM   22  C CG  . PRO A 1 5   ? 2.580   -9.284  -3.731  1.00 34.17 ? 25  PRO A CG  1 
ATOM   23  C CD  . PRO A 1 5   ? 2.031   -8.582  -4.911  1.00 32.02 ? 25  PRO A CD  1 
ATOM   24  N N   . VAL A 1 6   ? -1.750  -11.304 -4.180  1.00 22.59 ? 26  VAL A N   1 
ATOM   25  C CA  . VAL A 1 6   ? -3.150  -11.365 -3.797  1.00 19.28 ? 26  VAL A CA  1 
ATOM   26  C C   . VAL A 1 6   ? -3.344  -10.906 -2.357  1.00 17.61 ? 26  VAL A C   1 
ATOM   27  O O   . VAL A 1 6   ? -4.363  -10.332 -1.999  1.00 17.06 ? 26  VAL A O   1 
ATOM   28  C CB  . VAL A 1 6   ? -3.621  -12.853 -3.919  1.00 22.20 ? 26  VAL A CB  1 
ATOM   29  C CG1 . VAL A 1 6   ? -4.964  -13.108 -3.264  1.00 22.27 ? 26  VAL A CG1 1 
ATOM   30  C CG2 . VAL A 1 6   ? -3.689  -13.274 -5.368  1.00 25.39 ? 26  VAL A CG2 1 
ATOM   31  N N   . GLY A 1 7   ? -2.416  -11.323 -1.472  1.00 17.44 ? 27  GLY A N   1 
ATOM   32  C CA  . GLY A 1 7   ? -2.531  -10.974 -0.103  1.00 15.76 ? 27  GLY A CA  1 
ATOM   33  C C   . GLY A 1 7   ? -2.548  -9.476  0.198   1.00 13.05 ? 27  GLY A C   1 
ATOM   34  O O   . GLY A 1 7   ? -3.085  -9.046  1.206   1.00 13.38 ? 27  GLY A O   1 
ATOM   35  N N   . VAL A 1 8   ? -1.878  -8.694  -0.638  1.00 13.30 ? 28  VAL A N   1 
ATOM   36  C CA  . VAL A 1 8   ? -1.855  -7.255  -0.486  1.00 12.75 ? 28  VAL A CA  1 
ATOM   37  C C   . VAL A 1 8   ? -3.235  -6.668  -0.721  1.00 11.45 ? 28  VAL A C   1 
ATOM   38  O O   . VAL A 1 8   ? -3.691  -5.850  0.030   1.00 12.73 ? 28  VAL A O   1 
ATOM   39  C CB  . VAL A 1 8   ? -0.817  -6.652  -1.398  1.00 13.09 ? 28  VAL A CB  1 
ATOM   40  C CG1 . VAL A 1 8   ? -0.976  -5.137  -1.477  1.00 13.59 ? 28  VAL A CG1 1 
ATOM   41  C CG2 . VAL A 1 8   ? 0.599   -7.059  -0.884  1.00 18.69 ? 28  VAL A CG2 1 
ATOM   42  N N   . VAL A 1 9   ? -3.856  -7.123  -1.803  1.00 12.48 ? 29  VAL A N   1 
ATOM   43  C CA  . VAL A 1 9   ? -5.186  -6.624  -2.191  1.00 13.00 ? 29  VAL A CA  1 
ATOM   44  C C   . VAL A 1 9   ? -6.190  -7.021  -1.100  1.00 14.64 ? 29  VAL A C   1 
ATOM   45  O O   . VAL A 1 9   ? -6.996  -6.229  -0.686  1.00 14.68 ? 29  VAL A O   1 
ATOM   46  C CB  . VAL A 1 9   ? -5.611  -7.201  -3.536  1.00 14.16 ? 29  VAL A CB  1 
ATOM   47  C CG1 . VAL A 1 9   ? -7.045  -6.771  -3.850  1.00 14.83 ? 29  VAL A CG1 1 
ATOM   48  C CG2 . VAL A 1 9   ? -4.682  -6.749  -4.641  1.00 13.44 ? 29  VAL A CG2 1 
ATOM   49  N N   . VAL A 1 10  ? -6.095  -8.246  -0.608  1.00 14.93 ? 30  VAL A N   1 
ATOM   50  C CA  . VAL A 1 10  ? -6.969  -8.731  0.474   1.00 15.45 ? 30  VAL A CA  1 
ATOM   51  C C   . VAL A 1 10  ? -6.781  -7.912  1.718   1.00 16.17 ? 30  VAL A C   1 
ATOM   52  O O   . VAL A 1 10  ? -7.739  -7.512  2.366   1.00 17.87 ? 30  VAL A O   1 
ATOM   53  C CB  . VAL A 1 10  ? -6.728  -10.250 0.750   1.00 19.25 ? 30  VAL A CB  1 
ATOM   54  C CG1 . VAL A 1 10  ? -7.492  -10.691 1.986   1.00 20.35 ? 30  VAL A CG1 1 
ATOM   55  C CG2 . VAL A 1 10  ? -7.077  -11.080 -0.508  1.00 21.38 ? 30  VAL A CG2 1 
ATOM   56  N N   . ALA A 1 11  ? -5.526  -7.618  2.054   1.00 12.46 ? 31  ALA A N   1 
ATOM   57  C CA  . ALA A 1 11  ? -5.263  -6.818  3.257   1.00 13.36 ? 31  ALA A CA  1 
ATOM   58  C C   . ALA A 1 11  ? -5.840  -5.403  3.146   1.00 13.14 ? 31  ALA A C   1 
ATOM   59  O O   . ALA A 1 11  ? -6.467  -4.916  4.079   1.00 14.85 ? 31  ALA A O   1 
ATOM   60  C CB  . ALA A 1 11  ? -3.768  -6.786  3.535   1.00 12.96 ? 31  ALA A CB  1 
ATOM   61  N N   . PHE A 1 12  ? -5.684  -4.781  2.015   1.00 11.81 ? 32  PHE A N   1 
ATOM   62  C CA  . PHE A 1 12  ? -6.270  -3.432  1.813   1.00 14.04 ? 32  PHE A CA  1 
ATOM   63  C C   . PHE A 1 12  ? -7.785  -3.484  1.864   1.00 14.66 ? 32  PHE A C   1 
ATOM   64  O O   . PHE A 1 12  ? -8.404  -2.615  2.467   1.00 15.74 ? 32  PHE A O   1 
ATOM   65  C CB  . PHE A 1 12  ? -5.819  -2.827  0.511   1.00 16.26 ? 32  PHE A CB  1 
ATOM   66  C CG  . PHE A 1 12  ? -4.486  -2.089  0.595   1.00 12.16 ? 32  PHE A CG  1 
ATOM   67  C CD1 . PHE A 1 12  ? -4.363  -0.861  1.317   1.00 16.10 ? 32  PHE A CD1 1 
ATOM   68  C CD2 . PHE A 1 12  ? -3.422  -2.513  -0.113  1.00 17.48 ? 32  PHE A CD2 1 
ATOM   69  C CE1 . PHE A 1 12  ? -3.125  -0.220  1.401   1.00 15.67 ? 32  PHE A CE1 1 
ATOM   70  C CE2 . PHE A 1 12  ? -2.189  -1.821  -0.082  1.00 18.15 ? 32  PHE A CE2 1 
ATOM   71  C CZ  . PHE A 1 12  ? -2.051  -0.728  0.705   1.00 16.96 ? 32  PHE A CZ  1 
ATOM   72  N N   . LYS A 1 13  ? -8.393  -4.504  1.273   1.00 13.74 ? 33  LYS A N   1 
ATOM   73  C CA  . LYS A 1 13  ? -9.845  -4.629  1.278   1.00 13.75 ? 33  LYS A CA  1 
ATOM   74  C C   . LYS A 1 13  ? -10.442 -4.688  2.719   1.00 18.69 ? 33  LYS A C   1 
ATOM   75  O O   . LYS A 1 13  ? -11.614 -4.258  2.970   1.00 19.14 ? 33  LYS A O   1 
ATOM   76  C CB  . LYS A 1 13  ? -10.254 -5.891  0.506   1.00 16.37 ? 33  LYS A CB  1 
ATOM   77  C CG  . LYS A 1 13  ? -10.247 -5.754  -1.015  1.00 17.29 ? 33  LYS A CG  1 
ATOM   78  C CD  . LYS A 1 13  ? -10.517 -7.095  -1.702  1.00 23.69 ? 33  LYS A CD  1 
ATOM   79  C CE  . LYS A 1 13  ? -10.681 -6.918  -3.201  1.00 24.33 ? 33  LYS A CE  1 
ATOM   80  N NZ  . LYS A 1 13  ? -11.982 -6.281  -3.521  1.00 27.43 ? 33  LYS A NZ  1 
ATOM   81  N N   . LYS A 1 14  ? -9.660  -5.221  3.667   1.00 17.16 ? 34  LYS A N   1 
ATOM   82  C CA  . LYS A 1 14  ? -10.066 -5.329  5.086   1.00 21.12 ? 34  LYS A CA  1 
ATOM   83  C C   . LYS A 1 14  ? -9.507  -4.218  5.996   1.00 18.53 ? 34  LYS A C   1 
ATOM   84  O O   . LYS A 1 14  ? -9.859  -4.145  7.195   1.00 20.92 ? 34  LYS A O   1 
ATOM   85  C CB  . LYS A 1 14  ? -9.604  -6.672  5.617   1.00 21.46 ? 34  LYS A CB  1 
ATOM   86  C CG  . LYS A 1 14  ? -10.151 -7.829  4.836   1.00 23.90 ? 34  LYS A CG  1 
ATOM   87  C CD  . LYS A 1 14  ? -9.947  -9.138  5.542   1.00 32.36 ? 34  LYS A CD  1 
ATOM   88  C CE  . LYS A 1 14  ? -8.499  -9.559  5.531   1.00 28.03 ? 34  LYS A CE  1 
ATOM   89  N NZ  . LYS A 1 14  ? -8.464  -10.930 6.061   1.00 28.45 ? 34  LYS A NZ  1 
ATOM   90  N N   . GLY A 1 15  ? -8.595  -3.373  5.474   1.00 16.48 ? 35  GLY A N   1 
ATOM   91  C CA  . GLY A 1 15  ? -7.891  -2.422  6.286   1.00 17.08 ? 35  GLY A CA  1 
ATOM   92  C C   . GLY A 1 15  ? -7.092  -3.095  7.375   1.00 16.77 ? 35  GLY A C   1 
ATOM   93  O O   . GLY A 1 15  ? -7.109  -2.685  8.524   1.00 18.67 ? 35  GLY A O   1 
ATOM   94  N N   . ASN A 1 16  ? -6.375  -4.174  7.009   1.00 16.95 ? 36  ASN A N   1 
ATOM   95  C CA  . ASN A 1 16  ? -5.658  -5.007  7.970   1.00 16.50 ? 36  ASN A CA  1 
ATOM   96  C C   . ASN A 1 16  ? -4.139  -4.858  7.760   1.00 15.92 ? 36  ASN A C   1 
ATOM   97  O O   . ASN A 1 16  ? -3.570  -5.467  6.907   1.00 16.85 ? 36  ASN A O   1 
ATOM   98  C CB  . ASN A 1 16  ? -6.107  -6.480  7.821   1.00 16.80 ? 36  ASN A CB  1 
ATOM   99  C CG  . ASN A 1 16  ? -5.510  -7.357  8.836   1.00 17.62 ? 36  ASN A CG  1 
ATOM   100 O OD1 . ASN A 1 16  ? -4.368  -7.182  9.232   1.00 19.59 ? 36  ASN A OD1 1 
ATOM   101 N ND2 . ASN A 1 16  ? -6.256  -8.340  9.272   1.00 22.66 ? 36  ASN A ND2 1 
ATOM   102 N N   . SER A 1 17  ? -3.517  -3.971  8.538   1.00 17.44 ? 37  SER A N   1 
ATOM   103 C CA  . SER A 1 17  ? -2.088  -3.741  8.439   1.00 16.42 ? 37  SER A CA  1 
ATOM   104 C C   . SER A 1 17  ? -1.202  -4.924  8.793   1.00 17.73 ? 37  SER A C   1 
ATOM   105 O O   . SER A 1 17  ? -0.050  -5.008  8.332   1.00 18.95 ? 37  SER A O   1 
ATOM   106 C CB  . SER A 1 17  ? -1.685  -2.528  9.255   1.00 19.85 ? 37  SER A CB  1 
ATOM   107 O OG  . SER A 1 17  ? -1.765  -2.764  10.636  1.00 20.48 ? 37  SER A OG  1 
ATOM   108 N N   . GLN A 1 18  ? -1.661  -5.774  9.710   1.00 18.37 ? 38  GLN A N   1 
ATOM   109 C CA  . GLN A 1 18  ? -0.921  -6.896  10.172  1.00 18.40 ? 38  GLN A CA  1 
ATOM   110 C C   . GLN A 1 18  ? -0.699  -7.852  8.983   1.00 16.07 ? 38  GLN A C   1 
ATOM   111 O O   . GLN A 1 18  ? 0.371   -8.375  8.837   1.00 19.54 ? 38  GLN A O   1 
ATOM   112 C CB  . GLN A 1 18  ? -1.688  -7.619  11.330  1.00 19.89 ? 38  GLN A CB  1 
ATOM   113 C CG  . GLN A 1 18  ? -0.900  -8.725  11.989  1.00 25.98 ? 38  GLN A CG  1 
ATOM   114 C CD  . GLN A 1 18  ? -0.795  -9.987  11.141  1.00 28.80 ? 38  GLN A CD  1 
ATOM   115 O OE1 . GLN A 1 18  ? -1.703  -10.306 10.392  1.00 29.52 ? 38  GLN A OE1 1 
ATOM   116 N NE2 . GLN A 1 18  ? 0.323   -10.700 11.261  1.00 31.20 ? 38  GLN A NE2 1 
ATOM   117 N N   . GLU A 1 19  ? -1.723  -8.011  8.141   1.00 16.43 ? 39  GLU A N   1 
ATOM   118 C CA  . GLU A 1 19  ? -1.597  -8.859  6.972   1.00 16.47 ? 39  GLU A CA  1 
ATOM   119 C C   . GLU A 1 19  ? -0.685  -8.211  5.946   1.00 15.85 ? 39  GLU A C   1 
ATOM   120 O O   . GLU A 1 19  ? -0.083  -8.905  5.153   1.00 19.18 ? 39  GLU A O   1 
ATOM   121 C CB  . GLU A 1 19  ? -2.967  -9.182  6.338   1.00 16.50 ? 39  GLU A CB  1 
ATOM   122 C CG  . GLU A 1 19  ? -3.774  -10.212 7.083   1.00 20.95 ? 39  GLU A CG  1 
ATOM   123 C CD  . GLU A 1 19  ? -5.089  -10.564 6.398   1.00 24.72 ? 39  GLU A CD  1 
ATOM   124 O OE1 . GLU A 1 19  ? -5.388  -10.081 5.297   1.00 22.21 ? 39  GLU A OE1 1 
ATOM   125 O OE2 . GLU A 1 19  ? -5.848  -11.333 7.008   1.00 31.81 ? 39  GLU A OE2 1 
ATOM   126 N N   . LEU A 1 20  ? -0.651  -6.893  5.886   1.00 16.80 ? 40  LEU A N   1 
ATOM   127 C CA  . LEU A 1 20  ? 0.290   -6.207  4.953   1.00 18.27 ? 40  LEU A CA  1 
ATOM   128 C C   . LEU A 1 20  ? 1.697   -6.414  5.361   1.00 20.11 ? 40  LEU A C   1 
ATOM   129 O O   . LEU A 1 20  ? 2.592   -6.349  4.534   1.00 21.45 ? 40  LEU A O   1 
ATOM   130 C CB  . LEU A 1 20  ? 0.066   -4.702  4.878   1.00 19.63 ? 40  LEU A CB  1 
ATOM   131 C CG  . LEU A 1 20  ? -0.998  -4.187  3.989   1.00 21.53 ? 40  LEU A CG  1 
ATOM   132 C CD1 . LEU A 1 20  ? -1.125  -2.689  4.061   1.00 20.71 ? 40  LEU A CD1 1 
ATOM   133 C CD2 . LEU A 1 20  ? -0.711  -4.591  2.512   1.00 20.52 ? 40  LEU A CD2 1 
ATOM   134 N N   . ASN A 1 21  ? 1.926   -6.599  6.646   1.00 19.11 ? 41  ASN A N   1 
ATOM   135 C CA  . ASN A 1 21  ? 3.283   -6.605  7.164   1.00 23.23 ? 41  ASN A CA  1 
ATOM   136 C C   . ASN A 1 21  ? 4.224   -7.569  6.471   1.00 24.77 ? 41  ASN A C   1 
ATOM   137 O O   . ASN A 1 21  ? 5.333   -7.179  6.144   1.00 23.00 ? 41  ASN A O   1 
ATOM   138 C CB  . ASN A 1 21  ? 3.294   -6.810  8.665   1.00 31.05 ? 41  ASN A CB  1 
ATOM   139 C CG  . ASN A 1 21  ? 4.708   -6.713  9.255   1.00 40.05 ? 41  ASN A CG  1 
ATOM   140 O OD1 . ASN A 1 21  ? 5.260   -7.703  9.703   1.00 42.80 ? 41  ASN A OD1 1 
ATOM   141 N ND2 . ASN A 1 21  ? 5.311   -5.527  9.184   1.00 40.73 ? 41  ASN A ND2 1 
ATOM   142 N N   . ARG A 1 22  ? 3.763   -8.802  6.144   1.00 25.35 ? 42  ARG A N   1 
ATOM   143 C CA  A ARG A 1 22  ? 4.632   -9.780  5.494   0.50 28.73 ? 42  ARG A CA  1 
ATOM   144 C CA  B ARG A 1 22  ? 4.645   -9.773  5.496   0.50 28.89 ? 42  ARG A CA  1 
ATOM   145 C C   . ARG A 1 22  ? 4.991   -9.396  4.053   1.00 23.77 ? 42  ARG A C   1 
ATOM   146 O O   . ARG A 1 22  ? 5.889   -9.990  3.477   1.00 26.77 ? 42  ARG A O   1 
ATOM   147 C CB  A ARG A 1 22  ? 4.034   -11.208 5.505   0.50 32.67 ? 42  ARG A CB  1 
ATOM   148 C CB  B ARG A 1 22  ? 4.103   -11.232 5.545   0.50 32.67 ? 42  ARG A CB  1 
ATOM   149 C CG  A ARG A 1 22  ? 2.797   -11.394 4.623   0.50 30.09 ? 42  ARG A CG  1 
ATOM   150 C CG  B ARG A 1 22  ? 2.812   -11.498 4.759   0.50 31.52 ? 42  ARG A CG  1 
ATOM   151 C CD  A ARG A 1 22  ? 2.327   -12.860 4.596   0.50 31.25 ? 42  ARG A CD  1 
ATOM   152 C CD  B ARG A 1 22  ? 2.506   -13.015 4.688   0.50 32.04 ? 42  ARG A CD  1 
ATOM   153 N NE  A ARG A 1 22  ? 1.739   -13.267 5.870   0.50 32.61 ? 42  ARG A NE  1 
ATOM   154 N NE  B ARG A 1 22  ? 2.962   -13.606 3.437   0.50 34.28 ? 42  ARG A NE  1 
ATOM   155 C CZ  A ARG A 1 22  ? 0.581   -12.819 6.339   0.50 32.63 ? 42  ARG A CZ  1 
ATOM   156 C CZ  B ARG A 1 22  ? 2.190   -14.298 2.600   0.50 34.44 ? 42  ARG A CZ  1 
ATOM   157 N NH1 A ARG A 1 22  ? -0.129  -11.895 5.670   0.50 26.56 ? 42  ARG A NH1 1 
ATOM   158 N NH1 B ARG A 1 22  ? 0.920   -14.526 2.884   0.50 33.49 ? 42  ARG A NH1 1 
ATOM   159 N NH2 A ARG A 1 22  ? 0.159   -13.242 7.499   0.50 37.53 ? 42  ARG A NH2 1 
ATOM   160 N NH2 B ARG A 1 22  ? 2.692   -14.753 1.478   0.50 32.52 ? 42  ARG A NH2 1 
ATOM   161 N N   . TYR A 1 23  ? 4.298   -8.405  3.496   1.00 19.55 ? 43  TYR A N   1 
ATOM   162 C CA  . TYR A 1 23  ? 4.555   -7.960  2.139   1.00 19.74 ? 43  TYR A CA  1 
ATOM   163 C C   . TYR A 1 23  ? 5.358   -6.653  2.091   1.00 19.27 ? 43  TYR A C   1 
ATOM   164 O O   . TYR A 1 23  ? 5.617   -6.154  1.028   1.00 19.33 ? 43  TYR A O   1 
ATOM   165 C CB  . TYR A 1 23  ? 3.232   -7.791  1.368   1.00 15.15 ? 43  TYR A CB  1 
ATOM   166 C CG  . TYR A 1 23  ? 2.436   -9.061  1.332   1.00 15.99 ? 43  TYR A CG  1 
ATOM   167 C CD1 . TYR A 1 23  ? 2.765   -10.047 0.466   1.00 19.35 ? 43  TYR A CD1 1 
ATOM   168 C CD2 . TYR A 1 23  ? 1.265   -9.182  2.046   1.00 17.62 ? 43  TYR A CD2 1 
ATOM   169 C CE1 . TYR A 1 23  ? 2.082   -11.239 0.456   1.00 21.23 ? 43  TYR A CE1 1 
ATOM   170 C CE2 . TYR A 1 23  ? 0.533   -10.348 2.024   1.00 20.68 ? 43  TYR A CE2 1 
ATOM   171 C CZ  . TYR A 1 23  ? 0.927   -11.355 1.203   1.00 22.47 ? 43  TYR A CZ  1 
ATOM   172 O OH  . TYR A 1 23  ? 0.216   -12.517 1.133   1.00 29.21 ? 43  TYR A OH  1 
ATOM   173 N N   . LEU A 1 24  ? 5.662   -6.076  3.275   1.00 18.86 ? 44  LEU A N   1 
ATOM   174 C CA  . LEU A 1 24  ? 6.463   -4.831  3.319   1.00 17.36 ? 44  LEU A CA  1 
ATOM   175 C C   . LEU A 1 24  ? 7.929   -5.121  3.222   1.00 18.60 ? 44  LEU A C   1 
ATOM   176 O O   . LEU A 1 24  ? 8.446   -6.054  3.865   1.00 20.40 ? 44  LEU A O   1 
ATOM   177 C CB  . LEU A 1 24  ? 6.167   -4.035  4.590   1.00 16.89 ? 44  LEU A CB  1 
ATOM   178 C CG  . LEU A 1 24  ? 4.734   -3.559  4.745   1.00 15.14 ? 44  LEU A CG  1 
ATOM   179 C CD1 . LEU A 1 24  ? 4.418   -3.005  6.114   1.00 17.40 ? 44  LEU A CD1 1 
ATOM   180 C CD2 . LEU A 1 24  ? 4.405   -2.515  3.703   1.00 15.69 ? 44  LEU A CD2 1 
ATOM   181 N N   . GLY A 1 25  ? 8.628   -4.372  2.360   1.00 18.67 ? 45  GLY A N   1 
ATOM   182 C CA  . GLY A 1 25  ? 10.024  -4.409  2.298   1.00 20.58 ? 45  GLY A CA  1 
ATOM   183 C C   . GLY A 1 25  ? 10.670  -3.833  3.549   1.00 21.10 ? 45  GLY A C   1 
ATOM   184 O O   . GLY A 1 25  ? 10.016  -3.249  4.391   1.00 21.22 ? 45  GLY A O   1 
ATOM   185 N N   . GLU A 1 26  ? 11.980  -3.956  3.628   1.00 22.87 ? 46  GLU A N   1 
ATOM   186 C CA  . GLU A 1 26  ? 12.675  -3.516  4.823   1.00 26.10 ? 46  GLU A CA  1 
ATOM   187 C C   . GLU A 1 26  ? 12.752  -1.983  4.917   1.00 25.71 ? 46  GLU A C   1 
ATOM   188 O O   . GLU A 1 26  ? 12.875  -1.436  6.009   1.00 27.03 ? 46  GLU A O   1 
ATOM   189 C CB  . GLU A 1 26  ? 14.020  -4.202  4.959   1.00 31.22 ? 46  GLU A CB  1 
ATOM   190 C CG  . GLU A 1 26  ? 13.863  -5.682  5.361   1.00 35.09 ? 46  GLU A CG  1 
ATOM   191 C CD  . GLU A 1 26  ? 13.231  -5.847  6.746   1.00 41.82 ? 46  GLU A CD  1 
ATOM   192 O OE1 . GLU A 1 26  ? 13.834  -5.406  7.711   1.00 52.50 ? 46  GLU A OE1 1 
ATOM   193 O OE2 . GLU A 1 26  ? 12.142  -6.403  6.867   1.00 42.46 ? 46  GLU A OE2 1 
ATOM   194 N N   . LYS A 1 27  ? 12.630  -1.305  3.765   1.00 23.88 ? 47  LYS A N   1 
ATOM   195 C CA  . LYS A 1 27  ? 12.512  0.149   3.706   1.00 22.20 ? 47  LYS A CA  1 
ATOM   196 C C   . LYS A 1 27  ? 11.351  0.525   2.790   1.00 22.08 ? 47  LYS A C   1 
ATOM   197 O O   . LYS A 1 27  ? 11.255  0.037   1.623   1.00 22.26 ? 47  LYS A O   1 
ATOM   198 C CB  . LYS A 1 27  ? 13.795  0.779   3.154   1.00 26.20 ? 47  LYS A CB  1 
ATOM   199 C CG  . LYS A 1 27  ? 13.782  2.297   3.193   1.00 29.22 ? 47  LYS A CG  1 
ATOM   200 C CD  . LYS A 1 27  ? 15.084  2.857   2.642   1.00 36.52 ? 47  LYS A CD  1 
ATOM   201 C CE  . LYS A 1 27  ? 15.219  4.324   2.976   1.00 41.59 ? 47  LYS A CE  1 
ATOM   202 N NZ  . LYS A 1 27  ? 16.465  4.903   2.437   1.00 43.41 ? 47  LYS A NZ  1 
ATOM   203 N N   . VAL A 1 28  ? 10.461  1.367   3.311   1.00 19.69 ? 48  VAL A N   1 
ATOM   204 C CA  . VAL A 1 28  ? 9.276   1.754   2.622   1.00 18.77 ? 48  VAL A CA  1 
ATOM   205 C C   . VAL A 1 28  ? 9.145   3.258   2.589   1.00 22.42 ? 48  VAL A C   1 
ATOM   206 O O   . VAL A 1 28  ? 9.245   3.935   3.657   1.00 21.81 ? 48  VAL A O   1 
ATOM   207 C CB  . VAL A 1 28  ? 8.012   1.163   3.318   1.00 18.22 ? 48  VAL A CB  1 
ATOM   208 C CG1 . VAL A 1 28  ? 6.732   1.514   2.528   1.00 16.34 ? 48  VAL A CG1 1 
ATOM   209 C CG2 . VAL A 1 28  ? 8.170   -0.348  3.455   1.00 17.70 ? 48  VAL A CG2 1 
ATOM   210 N N   . ASN A 1 29  ? 8.923   3.783   1.382   1.00 20.91 ? 49  ASN A N   1 
ATOM   211 C CA  . ASN A 1 29  ? 8.615   5.212   1.156   1.00 22.58 ? 49  ASN A CA  1 
ATOM   212 C C   . ASN A 1 29  ? 7.090   5.440   1.204   1.00 20.85 ? 49  ASN A C   1 
ATOM   213 O O   . ASN A 1 29  ? 6.361   4.936   0.372   1.00 20.36 ? 49  ASN A O   1 
ATOM   214 C CB  . ASN A 1 29  ? 9.160   5.664   -0.214  1.00 26.26 ? 49  ASN A CB  1 
ATOM   215 C CG  . ASN A 1 29  ? 8.846   7.126   -0.512  1.00 33.78 ? 49  ASN A CG  1 
ATOM   216 O OD1 . ASN A 1 29  ? 8.694   7.927   0.399   1.00 34.57 ? 49  ASN A OD1 1 
ATOM   217 N ND2 . ASN A 1 29  ? 8.727   7.466   -1.799  1.00 40.61 ? 49  ASN A ND2 1 
ATOM   218 N N   . LEU A 1 30  ? 6.614   6.090   2.248   1.00 19.93 ? 50  LEU A N   1 
ATOM   219 C CA  . LEU A 1 30  ? 5.193   6.379   2.363   1.00 16.96 ? 50  LEU A CA  1 
ATOM   220 C C   . LEU A 1 30  ? 4.952   7.830   1.929   1.00 18.95 ? 50  LEU A C   1 
ATOM   221 O O   . LEU A 1 30  ? 5.621   8.762   2.408   1.00 22.77 ? 50  LEU A O   1 
ATOM   222 C CB  . LEU A 1 30  ? 4.685   6.176   3.800   1.00 20.61 ? 50  LEU A CB  1 
ATOM   223 C CG  . LEU A 1 30  ? 4.848   4.797   4.454   1.00 19.58 ? 50  LEU A CG  1 
ATOM   224 C CD1 . LEU A 1 30  ? 4.394   4.871   5.924   1.00 25.89 ? 50  LEU A CD1 1 
ATOM   225 C CD2 . LEU A 1 30  ? 4.036   3.792   3.687   1.00 16.61 ? 50  LEU A CD2 1 
ATOM   226 N N   . VAL A 1 31  ? 3.979   8.039   1.064   1.00 19.20 ? 51  VAL A N   1 
ATOM   227 C CA  . VAL A 1 31  ? 3.677   9.359   0.555   1.00 19.10 ? 51  VAL A CA  1 
ATOM   228 C C   . VAL A 1 31  ? 2.241   9.597   0.875   1.00 22.96 ? 51  VAL A C   1 
ATOM   229 O O   . VAL A 1 31  ? 1.372   9.058   0.240   1.00 22.04 ? 51  VAL A O   1 
ATOM   230 C CB  . VAL A 1 31  ? 3.971   9.511   -0.955  1.00 21.04 ? 51  VAL A CB  1 
ATOM   231 C CG1 . VAL A 1 31  ? 3.763   10.950  -1.414  1.00 24.41 ? 51  VAL A CG1 1 
ATOM   232 C CG2 . VAL A 1 31  ? 5.385   9.069   -1.264  1.00 22.82 ? 51  VAL A CG2 1 
ATOM   233 N N   . ILE A 1 32  ? 2.005   10.409  1.910   1.00 25.46 ? 52  ILE A N   1 
ATOM   234 C CA  . ILE A 1 32  ? 0.656   10.616  2.428   1.00 28.12 ? 52  ILE A CA  1 
ATOM   235 C C   . ILE A 1 32  ? 0.411   12.154  2.491   1.00 33.09 ? 52  ILE A C   1 
ATOM   236 O O   . ILE A 1 32  ? 1.212   12.919  3.071   1.00 35.67 ? 52  ILE A O   1 
ATOM   237 C CB  . ILE A 1 32  ? 0.459   9.871   3.785   1.00 27.24 ? 52  ILE A CB  1 
ATOM   238 C CG1 . ILE A 1 32  ? 0.715   8.357   3.612   1.00 27.62 ? 52  ILE A CG1 1 
ATOM   239 C CG2 . ILE A 1 32  ? -0.946  10.090  4.332   1.00 35.14 ? 52  ILE A CG2 1 
ATOM   240 C CD1 . ILE A 1 32  ? 0.575   7.530   4.871   1.00 30.73 ? 52  ILE A CD1 1 
ATOM   241 N N   . GLN A 1 33  ? -0.640  12.591  1.779   1.00 32.93 ? 53  GLN A N   1 
ATOM   242 C CA  . GLN A 1 33  ? -0.926  13.998  1.561   1.00 37.29 ? 53  GLN A CA  1 
ATOM   243 C C   . GLN A 1 33  ? 0.254   14.703  0.874   1.00 41.11 ? 53  GLN A C   1 
ATOM   244 O O   . GLN A 1 33  ? 0.584   15.854  1.195   1.00 41.59 ? 53  GLN A O   1 
ATOM   245 C CB  . GLN A 1 33  ? -1.301  14.679  2.873   1.00 39.56 ? 53  GLN A CB  1 
ATOM   246 N N   . ASN A 1 34  ? 0.856   14.002  -0.104  1.00 36.20 ? 54  ASN A N   1 
ATOM   247 C CA  . ASN A 1 34  ? 2.046   14.486  -0.884  1.00 37.54 ? 54  ASN A CA  1 
ATOM   248 C C   . ASN A 1 34  ? 3.348   14.685  -0.070  1.00 39.19 ? 54  ASN A C   1 
ATOM   249 O O   . ASN A 1 34  ? 4.334   15.167  -0.622  1.00 44.25 ? 54  ASN A O   1 
ATOM   250 C CB  . ASN A 1 34  ? 1.707   15.754  -1.702  1.00 45.02 ? 54  ASN A CB  1 
ATOM   251 C CG  . ASN A 1 34  ? 2.680   15.987  -2.893  1.00 46.82 ? 54  ASN A CG  1 
ATOM   252 O OD1 . ASN A 1 34  ? 3.222   15.043  -3.487  1.00 51.51 ? 54  ASN A OD1 1 
ATOM   253 N ND2 . ASN A 1 34  ? 2.874   17.257  -3.251  1.00 57.61 ? 54  ASN A ND2 1 
ATOM   254 N N   . ARG A 1 35  ? 3.352   14.289  1.214   1.00 36.54 ? 55  ARG A N   1 
ATOM   255 C CA  A ARG A 1 35  ? 4.584   14.282  2.045   0.50 41.69 ? 55  ARG A CA  1 
ATOM   256 C CA  B ARG A 1 35  ? 4.591   14.293  2.006   0.50 41.93 ? 55  ARG A CA  1 
ATOM   257 C C   . ARG A 1 35  ? 5.235   12.896  1.962   1.00 41.43 ? 55  ARG A C   1 
ATOM   258 O O   . ARG A 1 35  ? 4.605   11.890  2.349   1.00 37.51 ? 55  ARG A O   1 
ATOM   259 C CB  A ARG A 1 35  ? 4.265   14.622  3.523   0.50 43.07 ? 55  ARG A CB  1 
ATOM   260 C CB  B ARG A 1 35  ? 4.327   14.736  3.449   0.50 43.64 ? 55  ARG A CB  1 
ATOM   261 C CG  A ARG A 1 35  ? 5.204   13.940  4.538   0.50 40.94 ? 55  ARG A CG  1 
ATOM   262 C CG  B ARG A 1 35  ? 4.496   16.232  3.677   0.50 46.56 ? 55  ARG A CG  1 
ATOM   263 C CD  A ARG A 1 35  ? 5.144   14.547  5.922   0.50 39.56 ? 55  ARG A CD  1 
ATOM   264 C CD  B ARG A 1 35  ? 4.069   16.609  5.082   0.50 43.85 ? 55  ARG A CD  1 
ATOM   265 N NE  A ARG A 1 35  ? 6.215   14.003  6.754   0.50 36.94 ? 55  ARG A NE  1 
ATOM   266 N NE  B ARG A 1 35  ? 2.718   16.148  5.357   0.50 38.29 ? 55  ARG A NE  1 
ATOM   267 C CZ  A ARG A 1 35  ? 6.037   13.101  7.713   0.50 34.25 ? 55  ARG A CZ  1 
ATOM   268 C CZ  B ARG A 1 35  ? 1.633   16.798  4.979   0.50 35.62 ? 55  ARG A CZ  1 
ATOM   269 N NH1 A ARG A 1 35  ? 4.826   12.685  8.017   0.50 32.62 ? 55  ARG A NH1 1 
ATOM   270 N NH1 B ARG A 1 35  ? 1.754   17.965  4.352   0.50 38.95 ? 55  ARG A NH1 1 
ATOM   271 N NH2 A ARG A 1 35  ? 7.079   12.651  8.401   0.50 35.70 ? 55  ARG A NH2 1 
ATOM   272 N NH2 B ARG A 1 35  ? 0.439   16.307  5.253   0.50 32.01 ? 55  ARG A NH2 1 
ATOM   273 N N   . SER A 1 36  ? 6.490   12.853  1.487   1.00 39.25 ? 56  SER A N   1 
ATOM   274 C CA  . SER A 1 36  ? 7.244   11.615  1.310   1.00 35.37 ? 56  SER A CA  1 
ATOM   275 C C   . SER A 1 36  ? 8.192   11.349  2.501   1.00 39.10 ? 56  SER A C   1 
ATOM   276 O O   . SER A 1 36  ? 9.103   12.157  2.758   1.00 47.97 ? 56  SER A O   1 
ATOM   277 C CB  . SER A 1 36  ? 8.047   11.724  0.021   1.00 37.46 ? 56  SER A CB  1 
ATOM   278 O OG  . SER A 1 36  ? 8.670   10.502  -0.334  1.00 41.72 ? 56  SER A OG  1 
ATOM   279 N N   . GLU A 1 37  ? 7.950   10.266  3.259   1.00 34.90 ? 57  GLU A N   1 
ATOM   280 C CA  . GLU A 1 37  ? 8.896   9.798   4.345   1.00 36.75 ? 57  GLU A CA  1 
ATOM   281 C C   . GLU A 1 37  ? 9.360   8.321   4.111   1.00 30.08 ? 57  GLU A C   1 
ATOM   282 O O   . GLU A 1 37  ? 8.585   7.484   3.677   1.00 29.20 ? 57  GLU A O   1 
ATOM   283 C CB  . GLU A 1 37  ? 8.268   9.974   5.766   1.00 38.16 ? 57  GLU A CB  1 
ATOM   284 C CG  . GLU A 1 37  ? 7.350   8.855   6.236   1.00 41.80 ? 57  GLU A CG  1 
ATOM   285 N N   . SER A 1 38  ? 10.616  8.035   4.399   1.00 32.70 ? 58  SER A N   1 
ATOM   286 C CA  . SER A 1 38  ? 11.185  6.692   4.207   1.00 29.66 ? 58  SER A CA  1 
ATOM   287 C C   . SER A 1 38  ? 11.482  6.067   5.546   1.00 30.35 ? 58  SER A C   1 
ATOM   288 O O   . SER A 1 38  ? 12.310  6.582   6.342   1.00 32.43 ? 58  SER A O   1 
ATOM   289 C CB  . SER A 1 38  ? 12.447  6.767   3.389   1.00 35.37 ? 58  SER A CB  1 
ATOM   290 O OG  . SER A 1 38  ? 12.130  7.094   2.041   1.00 43.20 ? 58  SER A OG  1 
ATOM   291 N N   . VAL A 1 39  ? 10.891  4.918   5.786   1.00 27.19 ? 59  VAL A N   1 
ATOM   292 C CA  . VAL A 1 39  ? 10.865  4.364   7.105   1.00 29.32 ? 59  VAL A CA  1 
ATOM   293 C C   . VAL A 1 39  ? 11.095  2.879   7.049   1.00 28.51 ? 59  VAL A C   1 
ATOM   294 O O   . VAL A 1 39  ? 11.039  2.279   5.959   1.00 27.01 ? 59  VAL A O   1 
ATOM   295 C CB  . VAL A 1 39  ? 9.538   4.713   7.794   1.00 30.77 ? 59  VAL A CB  1 
ATOM   296 C CG1 . VAL A 1 39  ? 9.393   6.226   7.884   1.00 34.44 ? 59  VAL A CG1 1 
ATOM   297 C CG2 . VAL A 1 39  ? 8.363   4.123   7.065   1.00 27.43 ? 59  VAL A CG2 1 
ATOM   298 N N   . ASP A 1 40  ? 11.346  2.262   8.199   1.00 27.89 ? 60  ASP A N   1 
ATOM   299 C CA  . ASP A 1 40  ? 11.564  0.816   8.211   1.00 27.10 ? 60  ASP A CA  1 
ATOM   300 C C   . ASP A 1 40  ? 10.253  0.083   8.229   1.00 24.03 ? 60  ASP A C   1 
ATOM   301 O O   . ASP A 1 40  ? 9.204   0.694   8.320   1.00 24.57 ? 60  ASP A O   1 
ATOM   302 C CB  . ASP A 1 40  ? 12.517  0.364   9.319   1.00 30.44 ? 60  ASP A CB  1 
ATOM   303 C CG  . ASP A 1 40  ? 12.030  0.698   10.709  1.00 32.45 ? 60  ASP A CG  1 
ATOM   304 O OD1 . ASP A 1 40  ? 10.827  0.886   10.922  1.00 33.69 ? 60  ASP A OD1 1 
ATOM   305 O OD2 . ASP A 1 40  ? 12.880  0.729   11.611  1.00 42.25 ? 60  ASP A OD2 1 
ATOM   306 N N   . ARG A 1 41  ? 10.314  -1.231  8.067   1.00 24.37 ? 61  ARG A N   1 
ATOM   307 C CA  . ARG A 1 41  ? 9.131   -2.040  7.920   1.00 21.89 ? 61  ARG A CA  1 
ATOM   308 C C   . ARG A 1 41  ? 8.205   -1.861  9.107   1.00 22.01 ? 61  ARG A C   1 
ATOM   309 O O   . ARG A 1 41  ? 7.021   -1.644  8.942   1.00 21.59 ? 61  ARG A O   1 
ATOM   310 C CB  . ARG A 1 41  ? 9.519   -3.514  7.760   1.00 24.30 ? 61  ARG A CB  1 
ATOM   311 C CG  . ARG A 1 41  ? 8.375   -4.474  7.594   1.00 26.97 ? 61  ARG A CG  1 
ATOM   312 C CD  . ARG A 1 41  ? 8.803   -5.937  7.410   1.00 29.98 ? 61  ARG A CD  1 
ATOM   313 N NE  . ARG A 1 41  ? 8.394   -6.702  8.584   1.00 46.97 ? 61  ARG A NE  1 
ATOM   314 C CZ  . ARG A 1 41  ? 9.061   -6.755  9.747   1.00 61.78 ? 61  ARG A CZ  1 
ATOM   315 N NH1 . ARG A 1 41  ? 10.262  -6.175  9.893   1.00 80.82 ? 61  ARG A NH1 1 
ATOM   316 N NH2 . ARG A 1 41  ? 8.544   -7.438  10.766  1.00 62.42 ? 61  ARG A NH2 1 
ATOM   317 N N   . GLN A 1 42  ? 8.772   -1.892  10.307  1.00 26.70 ? 62  GLN A N   1 
ATOM   318 C CA  . GLN A 1 42  ? 7.939   -1.810  11.514  1.00 27.19 ? 62  GLN A CA  1 
ATOM   319 C C   . GLN A 1 42  ? 7.279   -0.435  11.621  1.00 22.47 ? 62  GLN A C   1 
ATOM   320 O O   . GLN A 1 42  ? 6.047   -0.328  11.875  1.00 23.99 ? 62  GLN A O   1 
ATOM   321 C CB  . GLN A 1 42  ? 8.771   -2.146  12.748  1.00 33.59 ? 62  GLN A CB  1 
ATOM   322 C CG  . GLN A 1 42  ? 9.367   -3.572  12.718  1.00 36.60 ? 62  GLN A CG  1 
ATOM   323 C CD  . GLN A 1 42  ? 10.815  -3.680  12.120  1.00 40.34 ? 62  GLN A CD  1 
ATOM   324 O OE1 . GLN A 1 42  ? 11.234  -2.922  11.198  1.00 32.30 ? 62  GLN A OE1 1 
ATOM   325 N NE2 . GLN A 1 42  ? 11.567  -4.641  12.639  1.00 53.51 ? 62  GLN A NE2 1 
ATOM   326 N N   . ALA A 1 43  ? 8.053   0.625   11.340  1.00 24.45 ? 63  ALA A N   1 
ATOM   327 C CA  . ALA A 1 43  ? 7.500   1.962   11.309  1.00 23.36 ? 63  ALA A CA  1 
ATOM   328 C C   . ALA A 1 43  ? 6.360   2.122   10.244  1.00 20.91 ? 63  ALA A C   1 
ATOM   329 O O   . ALA A 1 43  ? 5.309   2.669   10.523  1.00 22.94 ? 63  ALA A O   1 
ATOM   330 C CB  . ALA A 1 43  ? 8.589   2.985   11.102  1.00 22.29 ? 63  ALA A CB  1 
ATOM   331 N N   . ALA A 1 44  ? 6.529   1.531   9.045   1.00 20.07 ? 64  ALA A N   1 
ATOM   332 C CA  . ALA A 1 44  ? 5.469   1.541   8.034   1.00 18.65 ? 64  ALA A CA  1 
ATOM   333 C C   . ALA A 1 44  ? 4.241   0.836   8.493   1.00 15.72 ? 64  ALA A C   1 
ATOM   334 O O   . ALA A 1 44  ? 3.146   1.293   8.265   1.00 15.50 ? 64  ALA A O   1 
ATOM   335 C CB  . ALA A 1 44  ? 5.969   0.877   6.757   1.00 17.45 ? 64  ALA A CB  1 
ATOM   336 N N   . GLU A 1 45  ? 4.410   -0.363  9.072   1.00 16.94 ? 65  GLU A N   1 
ATOM   337 C CA  . GLU A 1 45  ? 3.247   -1.163  9.493   1.00 17.61 ? 65  GLU A CA  1 
ATOM   338 C C   . GLU A 1 45  ? 2.413   -0.353  10.514  1.00 16.73 ? 65  GLU A C   1 
ATOM   339 O O   . GLU A 1 45  ? 1.171   -0.402  10.462  1.00 16.55 ? 65  GLU A O   1 
ATOM   340 C CB  . GLU A 1 45  ? 3.651   -2.484  10.098  1.00 22.84 ? 65  GLU A CB  1 
ATOM   341 C CG  . GLU A 1 45  ? 2.435   -3.347  10.517  1.00 24.09 ? 65  GLU A CG  1 
ATOM   342 C CD  . GLU A 1 45  ? 1.894   -2.967  11.901  1.00 29.67 ? 65  GLU A CD  1 
ATOM   343 O OE1 . GLU A 1 45  ? 2.709   -2.617  12.761  1.00 25.91 ? 65  GLU A OE1 1 
ATOM   344 O OE2 . GLU A 1 45  ? 0.649   -3.017  12.141  1.00 27.05 ? 65  GLU A OE2 1 
ATOM   345 N N   . GLY A 1 46  ? 3.102   0.350   11.430  1.00 16.39 ? 66  GLY A N   1 
ATOM   346 C CA  . GLY A 1 46  ? 2.402   1.175   12.472  1.00 15.47 ? 66  GLY A CA  1 
ATOM   347 C C   . GLY A 1 46  ? 1.671   2.359   11.853  1.00 15.24 ? 66  GLY A C   1 
ATOM   348 O O   . GLY A 1 46  ? 0.533   2.655   12.179  1.00 15.80 ? 66  GLY A O   1 
ATOM   349 N N   . THR A 1 47  ? 2.309   3.013   10.910  1.00 14.51 ? 67  THR A N   1 
ATOM   350 C CA  . THR A 1 47  ? 1.684   4.123   10.231  1.00 14.25 ? 67  THR A CA  1 
ATOM   351 C C   . THR A 1 47  ? 0.411   3.680   9.465   1.00 13.15 ? 67  THR A C   1 
ATOM   352 O O   . THR A 1 47  ? -0.604  4.390   9.423   1.00 14.44 ? 67  THR A O   1 
ATOM   353 C CB  . THR A 1 47  ? 2.690   4.837   9.279   1.00 16.31 ? 67  THR A CB  1 
ATOM   354 O OG1 . THR A 1 47  ? 3.794   5.344   10.043  1.00 20.16 ? 67  THR A OG1 1 
ATOM   355 C CG2 . THR A 1 47  ? 1.992   5.950   8.574   1.00 16.47 ? 67  THR A CG2 1 
ATOM   356 N N   . LEU A 1 48  ? 0.480   2.511   8.785   1.00 14.52 ? 68  LEU A N   1 
ATOM   357 C CA  . LEU A 1 48  ? -0.654  1.992   8.083   1.00 13.42 ? 68  LEU A CA  1 
ATOM   358 C C   . LEU A 1 48  ? -1.782  1.575   9.052   1.00 10.90 ? 68  LEU A C   1 
ATOM   359 O O   . LEU A 1 48  ? -2.955  1.788   8.764   1.00 12.80 ? 68  LEU A O   1 
ATOM   360 C CB  . LEU A 1 48  ? -0.268  0.827   7.166   1.00 14.45 ? 68  LEU A CB  1 
ATOM   361 C CG  . LEU A 1 48  ? 0.659   1.235   6.020   1.00 17.76 ? 68  LEU A CG  1 
ATOM   362 C CD1 . LEU A 1 48  ? 1.358   0.030   5.418   1.00 19.78 ? 68  LEU A CD1 1 
ATOM   363 C CD2 . LEU A 1 48  ? -0.187  1.958   4.981   1.00 17.25 ? 68  LEU A CD2 1 
ATOM   364 N N   . ALA A 1 49  ? -1.410  0.981   10.173  1.00 12.58 ? 69  ALA A N   1 
ATOM   365 C CA  . ALA A 1 49  ? -2.386  0.651   11.239  1.00 12.65 ? 69  ALA A CA  1 
ATOM   366 C C   . ALA A 1 49  ? -3.109  1.931   11.675  1.00 13.51 ? 69  ALA A C   1 
ATOM   367 O O   . ALA A 1 49  ? -4.271  1.946   11.845  1.00 13.24 ? 69  ALA A O   1 
ATOM   368 C CB  . ALA A 1 49  ? -1.750  0.002   12.394  1.00 13.64 ? 69  ALA A CB  1 
ATOM   369 N N   . ALA A 1 50  ? -2.371  3.012   11.834  1.00 14.19 ? 70  ALA A N   1 
ATOM   370 C CA  . ALA A 1 50  ? -2.991  4.264   12.208  1.00 12.70 ? 70  ALA A CA  1 
ATOM   371 C C   . ALA A 1 50  ? -3.943  4.790   11.130  1.00 12.62 ? 70  ALA A C   1 
ATOM   372 O O   . ALA A 1 50  ? -5.082  5.250   11.427  1.00 13.72 ? 70  ALA A O   1 
ATOM   373 C CB  . ALA A 1 50  ? -1.944  5.285   12.560  1.00 13.81 ? 70  ALA A CB  1 
ATOM   374 N N   . PHE A 1 51  ? -3.518  4.686   9.902   1.00 12.36 ? 71  PHE A N   1 
ATOM   375 C CA  . PHE A 1 51  ? -4.327  5.147   8.773   1.00 13.05 ? 71  PHE A CA  1 
ATOM   376 C C   . PHE A 1 51  ? -5.647  4.370   8.684   1.00 10.98 ? 71  PHE A C   1 
ATOM   377 O O   . PHE A 1 51  ? -6.750  4.962   8.555   1.00 12.84 ? 71  PHE A O   1 
ATOM   378 C CB  . PHE A 1 51  ? -3.524  5.067   7.453   1.00 12.86 ? 71  PHE A CB  1 
ATOM   379 C CG  . PHE A 1 51  ? -4.336  5.457   6.259   1.00 12.36 ? 71  PHE A CG  1 
ATOM   380 C CD1 . PHE A 1 51  ? -4.573  6.792   5.952   1.00 19.73 ? 71  PHE A CD1 1 
ATOM   381 C CD2 . PHE A 1 51  ? -4.980  4.487   5.515   1.00 12.56 ? 71  PHE A CD2 1 
ATOM   382 C CE1 . PHE A 1 51  ? -5.403  7.140   4.880   1.00 15.70 ? 71  PHE A CE1 1 
ATOM   383 C CE2 . PHE A 1 51  ? -5.859  4.854   4.480   1.00 14.81 ? 71  PHE A CE2 1 
ATOM   384 C CZ  . PHE A 1 51  ? -6.056  6.181   4.198   1.00 14.09 ? 71  PHE A CZ  1 
ATOM   385 N N   . PHE A 1 52  ? -5.552  3.050   8.795   1.00 12.26 ? 72  PHE A N   1 
ATOM   386 C CA  . PHE A 1 52  ? -6.750  2.191   8.769   1.00 11.70 ? 72  PHE A CA  1 
ATOM   387 C C   . PHE A 1 52  ? -7.615  2.342   9.980   1.00 15.11 ? 72  PHE A C   1 
ATOM   388 O O   . PHE A 1 52  ? -8.844  2.163   9.906   1.00 16.32 ? 72  PHE A O   1 
ATOM   389 C CB  . PHE A 1 52  ? -6.387  0.693   8.635   1.00 12.38 ? 72  PHE A CB  1 
ATOM   390 C CG  . PHE A 1 52  ? -5.727  0.307   7.320   1.00 11.10 ? 72  PHE A CG  1 
ATOM   391 C CD1 . PHE A 1 52  ? -6.124  0.850   6.096   1.00 10.81 ? 72  PHE A CD1 1 
ATOM   392 C CD2 . PHE A 1 52  ? -4.659  -0.586  7.319   1.00 16.28 ? 72  PHE A CD2 1 
ATOM   393 C CE1 . PHE A 1 52  ? -5.564  0.463   4.907   1.00 15.00 ? 72  PHE A CE1 1 
ATOM   394 C CE2 . PHE A 1 52  ? -4.056  -0.979  6.123   1.00 20.50 ? 72  PHE A CE2 1 
ATOM   395 C CZ  . PHE A 1 52  ? -4.510  -0.473  4.912   1.00 16.41 ? 72  PHE A CZ  1 
ATOM   396 N N   . SER A 1 53  ? -7.011  2.748   11.112  1.00 13.63 ? 73  SER A N   1 
ATOM   397 C CA  . SER A 1 53  ? -7.776  3.002   12.327  1.00 14.41 ? 73  SER A CA  1 
ATOM   398 C C   . SER A 1 53  ? -8.522  4.349   12.249  1.00 15.60 ? 73  SER A C   1 
ATOM   399 O O   . SER A 1 53  ? -9.614  4.474   12.748  1.00 17.88 ? 73  SER A O   1 
ATOM   400 C CB  . SER A 1 53  ? -6.911  2.970   13.581  1.00 15.15 ? 73  SER A CB  1 
ATOM   401 O OG  . SER A 1 53  ? -6.324  1.694   13.728  1.00 17.52 ? 73  SER A OG  1 
ATOM   402 N N   . SER A 1 54  ? -7.894  5.314   11.606  1.00 14.92 ? 74  SER A N   1 
ATOM   403 C CA  . SER A 1 54  ? -8.469  6.635   11.389  1.00 16.83 ? 74  SER A CA  1 
ATOM   404 C C   . SER A 1 54  ? -9.597  6.625   10.325  1.00 15.72 ? 74  SER A C   1 
ATOM   405 O O   . SER A 1 54  ? -10.554 7.426   10.425  1.00 20.09 ? 74  SER A O   1 
ATOM   406 C CB  . SER A 1 54  ? -7.389  7.568   10.902  1.00 17.26 ? 74  SER A CB  1 
ATOM   407 O OG  . SER A 1 54  ? -6.542  7.928   11.939  1.00 22.02 ? 74  SER A OG  1 
ATOM   408 N N   . ASN A 1 55  ? -9.487  5.701   9.382   1.00 14.08 ? 75  ASN A N   1 
ATOM   409 C CA  . ASN A 1 55  ? -10.366 5.621   8.192   1.00 16.22 ? 75  ASN A CA  1 
ATOM   410 C C   . ASN A 1 55  ? -10.843 4.216   8.026   1.00 15.76 ? 75  ASN A C   1 
ATOM   411 O O   . ASN A 1 55  ? -10.237 3.426   7.283   1.00 17.05 ? 75  ASN A O   1 
ATOM   412 C CB  . ASN A 1 55  ? -9.607  6.110   6.933   1.00 13.94 ? 75  ASN A CB  1 
ATOM   413 C CG  . ASN A 1 55  ? -9.052  7.524   7.112   1.00 14.96 ? 75  ASN A CG  1 
ATOM   414 O OD1 . ASN A 1 55  ? -9.766  8.501   7.089   1.00 16.86 ? 75  ASN A OD1 1 
ATOM   415 N ND2 . ASN A 1 55  ? -7.726  7.613   7.248   1.00 15.56 ? 75  ASN A ND2 1 
ATOM   416 N N   . LYS A 1 56  ? -11.999 3.927   8.642   1.00 16.14 ? 76  LYS A N   1 
ATOM   417 C CA  . LYS A 1 56  ? -12.526 2.535   8.660   1.00 16.60 ? 76  LYS A CA  1 
ATOM   418 C C   . LYS A 1 56  ? -12.802 2.092   7.218   1.00 13.28 ? 76  LYS A C   1 
ATOM   419 O O   . LYS A 1 56  ? -13.632 2.712   6.475   1.00 13.96 ? 76  LYS A O   1 
ATOM   420 C CB  . LYS A 1 56  ? -13.798 2.463   9.489   1.00 19.39 ? 76  LYS A CB  1 
ATOM   421 C CG  . LYS A 1 56  ? -13.577 2.812   10.940  1.00 23.58 ? 76  LYS A CG  1 
ATOM   422 N N   . VAL A 1 57  ? -12.164 1.011   6.829   1.00 15.04 ? 77  VAL A N   1 
ATOM   423 C CA  . VAL A 1 57  ? -12.206 0.571   5.454   1.00 13.42 ? 77  VAL A CA  1 
ATOM   424 C C   . VAL A 1 57  ? -13.420 -0.300  5.119   1.00 13.20 ? 77  VAL A C   1 
ATOM   425 O O   . VAL A 1 57  ? -13.705 -1.262  5.830   1.00 14.69 ? 77  VAL A O   1 
ATOM   426 C CB  . VAL A 1 57  ? -10.931 -0.224  5.102   1.00 12.77 ? 77  VAL A CB  1 
ATOM   427 C CG1 . VAL A 1 57  ? -11.041 -0.829  3.728   1.00 11.71 ? 77  VAL A CG1 1 
ATOM   428 C CG2 . VAL A 1 57  ? -9.697  0.661   5.249   1.00 14.54 ? 77  VAL A CG2 1 
ATOM   429 N N   . SER A 1 58  ? -14.089 0.055   4.040   1.00 12.37 ? 78  SER A N   1 
ATOM   430 C CA  . SER A 1 58  ? -15.156 -0.668  3.496   1.00 15.07 ? 78  SER A CA  1 
ATOM   431 C C   . SER A 1 58  ? -14.816 -1.542  2.297   1.00 15.95 ? 78  SER A C   1 
ATOM   432 O O   . SER A 1 58  ? -15.523 -2.491  2.015   1.00 19.66 ? 78  SER A O   1 
ATOM   433 C CB  . SER A 1 58  ? -16.367 0.228   3.209   1.00 15.77 ? 78  SER A CB  1 
ATOM   434 O OG  . SER A 1 58  ? -16.110 1.203   2.281   1.00 16.97 ? 78  SER A OG  1 
ATOM   435 N N   . GLY A 1 59  ? -13.769 -1.208  1.566   1.00 15.30 ? 79  GLY A N   1 
ATOM   436 C CA  . GLY A 1 59  ? -13.400 -1.956  0.405   1.00 14.63 ? 79  GLY A CA  1 
ATOM   437 C C   . GLY A 1 59  ? -12.170 -1.397  -0.268  1.00 13.38 ? 79  GLY A C   1 
ATOM   438 O O   . GLY A 1 59  ? -11.650 -0.331  0.122   1.00 14.31 ? 79  GLY A O   1 
ATOM   439 N N   . PHE A 1 60  ? -11.713 -2.148  -1.280  1.00 15.01 ? 80  PHE A N   1 
ATOM   440 C CA  . PHE A 1 60  ? -10.602 -1.770  -2.082  1.00 15.68 ? 80  PHE A CA  1 
ATOM   441 C C   . PHE A 1 60  ? -10.728 -2.413  -3.408  1.00 14.91 ? 80  PHE A C   1 
ATOM   442 O O   . PHE A 1 60  ? -11.012 -3.631  -3.493  1.00 17.88 ? 80  PHE A O   1 
ATOM   443 C CB  . PHE A 1 60  ? -9.273  -2.168  -1.418  1.00 16.89 ? 80  PHE A CB  1 
ATOM   444 C CG  . PHE A 1 60  ? -8.031  -1.796  -2.237  1.00 14.78 ? 80  PHE A CG  1 
ATOM   445 C CD1 . PHE A 1 60  ? -7.656  -0.469  -2.387  1.00 12.14 ? 80  PHE A CD1 1 
ATOM   446 C CD2 . PHE A 1 60  ? -7.239  -2.782  -2.859  1.00 13.76 ? 80  PHE A CD2 1 
ATOM   447 C CE1 . PHE A 1 60  ? -6.544  -0.099  -3.114  1.00 11.91 ? 80  PHE A CE1 1 
ATOM   448 C CE2 . PHE A 1 60  ? -6.062  -2.408  -3.560  1.00 15.47 ? 80  PHE A CE2 1 
ATOM   449 C CZ  . PHE A 1 60  ? -5.717  -1.069  -3.682  1.00 14.04 ? 80  PHE A CZ  1 
ATOM   450 N N   . ASN A 1 61  ? -10.572 -1.646  -4.484  1.00 15.79 ? 81  ASN A N   1 
ATOM   451 C CA  . ASN A 1 61  ? -10.587 -2.199  -5.827  1.00 18.91 ? 81  ASN A CA  1 
ATOM   452 C C   . ASN A 1 61  ? -9.387  -1.793  -6.624  1.00 17.04 ? 81  ASN A C   1 
ATOM   453 O O   . ASN A 1 61  ? -9.082  -0.593  -6.708  1.00 17.62 ? 81  ASN A O   1 
ATOM   454 C CB  . ASN A 1 61  ? -11.853 -1.823  -6.583  1.00 23.11 ? 81  ASN A CB  1 
ATOM   455 C CG  . ASN A 1 61  ? -13.078 -2.516  -6.027  1.00 33.20 ? 81  ASN A CG  1 
ATOM   456 O OD1 . ASN A 1 61  ? -13.328 -3.701  -6.280  1.00 41.82 ? 81  ASN A OD1 1 
ATOM   457 N ND2 . ASN A 1 61  ? -13.818 -1.807  -5.259  1.00 35.35 ? 81  ASN A ND2 1 
ATOM   458 N N   . VAL A 1 62  ? -8.741  -2.771  -7.270  1.00 17.27 ? 82  VAL A N   1 
ATOM   459 C CA  . VAL A 1 62  ? -7.587  -2.497  -8.107  1.00 16.75 ? 82  VAL A CA  1 
ATOM   460 C C   . VAL A 1 62  ? -8.142  -2.029  -9.459  1.00 15.76 ? 82  VAL A C   1 
ATOM   461 O O   . VAL A 1 62  ? -8.929  -2.755  -10.107 1.00 20.12 ? 82  VAL A O   1 
ATOM   462 C CB  . VAL A 1 62  ? -6.718  -3.732  -8.343  1.00 18.05 ? 82  VAL A CB  1 
ATOM   463 C CG1 . VAL A 1 62  ? -5.565  -3.421  -9.330  1.00 18.32 ? 82  VAL A CG1 1 
ATOM   464 C CG2 . VAL A 1 62  ? -6.202  -4.284  -7.042  1.00 18.31 ? 82  VAL A CG2 1 
ATOM   465 N N   . ASN A 1 63  ? -7.663  -0.858  -9.941  1.00 16.19 ? 83  ASN A N   1 
ATOM   466 C CA  . ASN A 1 63  ? -8.086  -0.272  -11.151 1.00 16.93 ? 83  ASN A CA  1 
ATOM   467 C C   . ASN A 1 63  ? -7.030  -0.465  -12.288 1.00 16.20 ? 83  ASN A C   1 
ATOM   468 O O   . ASN A 1 63  ? -7.356  -0.495  -13.451 1.00 19.72 ? 83  ASN A O   1 
ATOM   469 C CB  . ASN A 1 63  ? -8.341  1.259   -10.974 1.00 20.82 ? 83  ASN A CB  1 
ATOM   470 C CG  . ASN A 1 63  ? -9.234  1.595   -9.780  1.00 25.50 ? 83  ASN A CG  1 
ATOM   471 O OD1 . ASN A 1 63  ? -8.812  2.314   -8.816  1.00 28.20 ? 83  ASN A OD1 1 
ATOM   472 N ND2 . ASN A 1 63  ? -10.422 1.123   -9.828  1.00 26.39 ? 83  ASN A ND2 1 
ATOM   473 N N   . HIS A 1 64  ? -5.716  -0.459  -11.911 1.00 14.68 ? 84  HIS A N   1 
ATOM   474 C CA  . HIS A 1 64  ? -4.668  -0.678  -12.856 1.00 16.16 ? 84  HIS A CA  1 
ATOM   475 C C   . HIS A 1 64  ? -3.521  -1.453  -12.221 1.00 15.67 ? 84  HIS A C   1 
ATOM   476 O O   . HIS A 1 64  ? -3.255  -1.327  -11.044 1.00 14.29 ? 84  HIS A O   1 
ATOM   477 C CB  . HIS A 1 64  ? -4.096  0.632   -13.459 1.00 17.59 ? 84  HIS A CB  1 
ATOM   478 C CG  . HIS A 1 64  ? -5.136  1.578   -13.982 1.00 20.24 ? 84  HIS A CG  1 
ATOM   479 N ND1 . HIS A 1 64  ? -5.571  1.561   -15.272 1.00 24.81 ? 84  HIS A ND1 1 
ATOM   480 C CD2 . HIS A 1 64  ? -5.849  2.539   -13.352 1.00 22.73 ? 84  HIS A CD2 1 
ATOM   481 C CE1 . HIS A 1 64  ? -6.533  2.461   -15.415 1.00 25.86 ? 84  HIS A CE1 1 
ATOM   482 N NE2 . HIS A 1 64  ? -6.718  3.053   -14.256 1.00 23.74 ? 84  HIS A NE2 1 
ATOM   483 N N   . GLU A 1 65  ? -2.841  -2.229  -13.072 1.00 19.80 ? 85  GLU A N   1 
ATOM   484 C CA  A GLU A 1 65  ? -1.616  -2.943  -12.691 0.50 21.10 ? 85  GLU A CA  1 
ATOM   485 C CA  B GLU A 1 65  ? -1.592  -2.914  -12.689 0.50 21.25 ? 85  GLU A CA  1 
ATOM   486 C C   . GLU A 1 65  ? -0.552  -2.661  -13.758 1.00 22.28 ? 85  GLU A C   1 
ATOM   487 O O   . GLU A 1 65  ? -0.876  -2.448  -14.949 1.00 23.80 ? 85  GLU A O   1 
ATOM   488 C CB  A GLU A 1 65  ? -1.896  -4.475  -12.573 0.50 23.66 ? 85  GLU A CB  1 
ATOM   489 C CB  B GLU A 1 65  ? -1.802  -4.454  -12.482 0.50 24.34 ? 85  GLU A CB  1 
ATOM   490 C CG  A GLU A 1 65  ? -3.127  -4.818  -11.718 0.50 26.29 ? 85  GLU A CG  1 
ATOM   491 C CG  B GLU A 1 65  ? -2.190  -5.237  -13.745 0.50 30.88 ? 85  GLU A CG  1 
ATOM   492 C CD  A GLU A 1 65  ? -3.528  -6.293  -11.774 0.50 28.21 ? 85  GLU A CD  1 
ATOM   493 C CD  B GLU A 1 65  ? -1.735  -6.702  -13.724 0.50 37.58 ? 85  GLU A CD  1 
ATOM   494 O OE1 A GLU A 1 65  ? -3.733  -6.818  -12.886 0.50 30.17 ? 85  GLU A OE1 1 
ATOM   495 O OE1 B GLU A 1 65  ? -1.786  -7.338  -12.646 0.50 46.62 ? 85  GLU A OE1 1 
ATOM   496 O OE2 A GLU A 1 65  ? -3.706  -6.905  -10.693 0.50 25.88 ? 85  GLU A OE2 1 
ATOM   497 O OE2 B GLU A 1 65  ? -1.358  -7.227  -14.802 0.50 41.98 ? 85  GLU A OE2 1 
ATOM   498 N N   . GLY A 1 66  ? 0.720   -2.645  -13.363 1.00 19.32 ? 86  GLY A N   1 
ATOM   499 C CA  . GLY A 1 66  ? 1.809   -2.459  -14.313 1.00 22.30 ? 86  GLY A CA  1 
ATOM   500 C C   . GLY A 1 66  ? 3.028   -3.170  -13.789 1.00 26.40 ? 86  GLY A C   1 
ATOM   501 O O   . GLY A 1 66  ? 3.064   -3.493  -12.660 1.00 26.06 ? 86  GLY A O   1 
ATOM   502 N N   . LYS A 1 67  ? 3.964   -3.517  -14.678 1.00 34.55 ? 87  LYS A N   1 
ATOM   503 C CA  . LYS A 1 67  ? 5.141   -4.384  -14.332 1.00 39.81 ? 87  LYS A CA  1 
ATOM   504 C C   . LYS A 1 67  ? 6.358   -3.924  -15.121 1.00 43.52 ? 87  LYS A C   1 
ATOM   505 O O   . LYS A 1 67  ? 6.233   -3.572  -16.301 1.00 43.48 ? 87  LYS A O   1 
ATOM   506 C CB  . LYS A 1 67  ? 4.834   -5.869  -14.648 1.00 44.96 ? 87  LYS A CB  1 
ATOM   507 C CG  . LYS A 1 67  ? 5.867   -6.858  -14.134 1.00 52.27 ? 87  LYS A CG  1 
ATOM   508 C CD  . LYS A 1 67  ? 5.401   -8.303  -14.283 1.00 60.04 ? 87  LYS A CD  1 
ATOM   509 C CE  . LYS A 1 67  ? 5.495   -8.775  -15.737 1.00 62.80 ? 87  LYS A CE  1 
ATOM   510 N NZ  . LYS A 1 67  ? 5.576   -10.260 -15.844 1.00 66.07 ? 87  LYS A NZ  1 
ATOM   511 N N   . ARG A 1 68  ? 7.537   -3.970  -14.474 1.00 49.45 ? 88  ARG A N   1 
ATOM   512 C CA  . ARG A 1 68  ? 8.778   -3.318  -14.980 1.00 66.44 ? 88  ARG A CA  1 
ATOM   513 C C   . ARG A 1 68  ? 10.007  -4.126  -14.572 1.00 56.03 ? 88  ARG A C   1 
ATOM   514 O O   . ARG A 1 68  ? 10.568  -3.905  -13.505 1.00 69.15 ? 88  ARG A O   1 
ATOM   515 C CB  . ARG A 1 68  ? 8.875   -1.871  -14.402 1.00 79.94 ? 88  ARG A CB  1 
ATOM   516 C CG  . ARG A 1 68  ? 10.227  -1.152  -14.566 1.00 78.58 ? 88  ARG A CG  1 
ATOM   517 C CD  . ARG A 1 68  ? 10.754  -1.177  -16.001 1.00 82.89 ? 88  ARG A CD  1 
ATOM   518 N NE  . ARG A 1 68  ? 9.700   -0.986  -17.010 1.00 78.35 ? 88  ARG A NE  1 
ATOM   519 C CZ  . ARG A 1 68  ? 9.034   0.158   -17.227 1.00 76.32 ? 88  ARG A CZ  1 
ATOM   520 N NH1 . ARG A 1 68  ? 9.268   1.249   -16.490 1.00 90.68 ? 88  ARG A NH1 1 
ATOM   521 N NH2 . ARG A 1 68  ? 8.105   0.203   -18.172 1.00 73.31 ? 88  ARG A NH2 1 
ATOM   522 N N   . ASP A 1 69  ? 10.431  -5.039  -15.444 1.00 64.09 ? 89  ASP A N   1 
ATOM   523 C CA  . ASP A 1 69  ? 11.582  -5.952  -15.164 1.00 75.17 ? 89  ASP A CA  1 
ATOM   524 C C   . ASP A 1 69  ? 11.313  -6.860  -13.945 1.00 70.26 ? 89  ASP A C   1 
ATOM   525 O O   . ASP A 1 69  ? 11.555  -6.479  -12.805 1.00 56.96 ? 89  ASP A O   1 
ATOM   526 C CB  . ASP A 1 69  ? 12.905  -5.163  -14.979 1.00 66.19 ? 89  ASP A CB  1 
ATOM   527 C CG  . ASP A 1 69  ? 13.229  -4.278  -16.172 1.00 62.25 ? 89  ASP A CG  1 
ATOM   528 O OD1 . ASP A 1 69  ? 13.230  -4.789  -17.308 1.00 59.84 ? 89  ASP A OD1 1 
ATOM   529 O OD2 . ASP A 1 69  ? 13.487  -3.072  -15.972 1.00 68.44 ? 89  ASP A OD2 1 
ATOM   530 N N   . SER A 1 71  ? 10.343  -4.557  -11.071 1.00 32.68 ? 91  SER A N   1 
ATOM   531 C CA  . SER A 1 71  ? 9.335   -3.783  -10.291 1.00 32.33 ? 91  SER A CA  1 
ATOM   532 C C   . SER A 1 71  ? 7.881   -3.916  -10.827 1.00 26.95 ? 91  SER A C   1 
ATOM   533 O O   . SER A 1 71  ? 7.671   -4.303  -11.978 1.00 31.46 ? 91  SER A O   1 
ATOM   534 C CB  . SER A 1 71  ? 9.724   -2.306  -10.272 1.00 39.78 ? 91  SER A CB  1 
ATOM   535 O OG  . SER A 1 71  ? 10.969  -2.133  -9.631  1.00 52.12 ? 91  SER A OG  1 
ATOM   536 N N   . SER A 1 72  ? 6.914   -3.618  -9.991  1.00 22.90 ? 92  SER A N   1 
ATOM   537 C CA  A SER A 1 72  ? 5.501   -3.677  -10.366 0.50 19.35 ? 92  SER A CA  1 
ATOM   538 C CA  B SER A 1 72  ? 5.509   -3.608  -10.408 0.50 20.36 ? 92  SER A CA  1 
ATOM   539 C C   . SER A 1 72  ? 4.695   -2.670  -9.537  1.00 16.49 ? 92  SER A C   1 
ATOM   540 O O   . SER A 1 72  ? 5.169   -2.151  -8.536  1.00 17.97 ? 92  SER A O   1 
ATOM   541 C CB  A SER A 1 72  ? 4.949   -5.104  -10.135 0.50 18.94 ? 92  SER A CB  1 
ATOM   542 C CB  B SER A 1 72  ? 4.909   -5.018  -10.349 0.50 21.68 ? 92  SER A CB  1 
ATOM   543 O OG  A SER A 1 72  ? 4.840   -5.387  -8.737  0.50 16.77 ? 92  SER A OG  1 
ATOM   544 O OG  B SER A 1 72  ? 5.615   -5.895  -11.182 0.50 25.73 ? 92  SER A OG  1 
ATOM   545 N N   . PHE A 1 73  ? 3.450   -2.433  -9.925  1.00 16.32 ? 93  PHE A N   1 
ATOM   546 C CA  . PHE A 1 73  ? 2.591   -1.582  -9.166  1.00 14.68 ? 93  PHE A CA  1 
ATOM   547 C C   . PHE A 1 73  ? 1.122   -1.895  -9.342  1.00 13.41 ? 93  PHE A C   1 
ATOM   548 O O   . PHE A 1 73  ? 0.754   -2.494  -10.352 1.00 15.22 ? 93  PHE A O   1 
ATOM   549 C CB  . PHE A 1 73  ? 2.854   -0.076  -9.527  1.00 13.28 ? 93  PHE A CB  1 
ATOM   550 C CG  . PHE A 1 73  ? 2.478   0.302   -10.940 1.00 14.64 ? 93  PHE A CG  1 
ATOM   551 C CD1 . PHE A 1 73  ? 1.153   0.694   -11.241 1.00 13.96 ? 93  PHE A CD1 1 
ATOM   552 C CD2 . PHE A 1 73  ? 3.392   0.256   -11.988 1.00 16.02 ? 93  PHE A CD2 1 
ATOM   553 C CE1 . PHE A 1 73  ? 0.786   0.978   -12.549 1.00 18.16 ? 93  PHE A CE1 1 
ATOM   554 C CE2 . PHE A 1 73  ? 3.033   0.597   -13.298 1.00 18.05 ? 93  PHE A CE2 1 
ATOM   555 C CZ  . PHE A 1 73  ? 1.716   0.931   -13.580 1.00 19.44 ? 93  PHE A CZ  1 
ATOM   556 N N   . ILE A 1 74  ? 0.337   -1.453  -8.379  1.00 14.16 ? 94  ILE A N   1 
ATOM   557 C CA  . ILE A 1 74  ? -1.101  -1.392  -8.515  1.00 15.29 ? 94  ILE A CA  1 
ATOM   558 C C   . ILE A 1 74  ? -1.562  0.055   -8.221  1.00 14.96 ? 94  ILE A C   1 
ATOM   559 O O   . ILE A 1 74  ? -0.995  0.765   -7.349  1.00 16.03 ? 94  ILE A O   1 
ATOM   560 C CB  . ILE A 1 74  ? -1.883  -2.397  -7.637  1.00 19.53 ? 94  ILE A CB  1 
ATOM   561 C CG1 . ILE A 1 74  ? -1.512  -2.284  -6.172  1.00 17.91 ? 94  ILE A CG1 1 
ATOM   562 C CG2 . ILE A 1 74  ? -1.670  -3.796  -8.131  1.00 22.79 ? 94  ILE A CG2 1 
ATOM   563 C CD1 . ILE A 1 74  ? -2.301  -3.224  -5.249  1.00 24.90 ? 94  ILE A CD1 1 
ATOM   564 N N   . ILE A 1 75  ? -2.597  0.436   -8.945  1.00 15.88 ? 95  ILE A N   1 
ATOM   565 C CA  . ILE A 1 75  ? -3.263  1.713   -8.734  1.00 16.25 ? 95  ILE A CA  1 
ATOM   566 C C   . ILE A 1 75  ? -4.684  1.268   -8.265  1.00 14.89 ? 95  ILE A C   1 
ATOM   567 O O   . ILE A 1 75  ? -5.376  0.572   -9.022  1.00 15.54 ? 95  ILE A O   1 
ATOM   568 C CB  . ILE A 1 75  ? -3.412  2.519   -10.037 1.00 19.14 ? 95  ILE A CB  1 
ATOM   569 C CG1 . ILE A 1 75  ? -2.098  2.744   -10.792 1.00 23.57 ? 95  ILE A CG1 1 
ATOM   570 C CG2 . ILE A 1 75  ? -4.090  3.856   -9.736  1.00 20.88 ? 95  ILE A CG2 1 
ATOM   571 C CD1 . ILE A 1 75  ? -1.087  3.495   -9.987  1.00 22.03 ? 95  ILE A CD1 1 
ATOM   572 N N   . GLY A 1 76  ? -5.131  1.714   -7.098  1.00 15.27 ? 96  GLY A N   1 
ATOM   573 C CA  . GLY A 1 76  ? -6.432  1.235   -6.559  1.00 15.33 ? 96  GLY A CA  1 
ATOM   574 C C   . GLY A 1 76  ? -7.169  2.314   -5.788  1.00 17.44 ? 96  GLY A C   1 
ATOM   575 O O   . GLY A 1 76  ? -6.628  3.423   -5.602  1.00 14.41 ? 96  GLY A O   1 
ATOM   576 N N   . THR A 1 77  ? -8.461  2.067   -5.558  1.00 15.52 ? 97  THR A N   1 
ATOM   577 C CA  . THR A 1 77  ? -9.316  2.999   -4.826  1.00 15.76 ? 97  THR A CA  1 
ATOM   578 C C   . THR A 1 77  ? -9.806  2.307   -3.569  1.00 14.08 ? 97  THR A C   1 
ATOM   579 O O   . THR A 1 77  ? -10.404 1.198   -3.638  1.00 15.84 ? 97  THR A O   1 
ATOM   580 C CB  . THR A 1 77  ? -10.502 3.493   -5.709  1.00 18.81 ? 97  THR A CB  1 
ATOM   581 O OG1 . THR A 1 77  ? -9.966  4.167   -6.890  1.00 20.06 ? 97  THR A OG1 1 
ATOM   582 C CG2 . THR A 1 77  ? -11.362 4.427   -4.937  1.00 20.82 ? 97  THR A CG2 1 
ATOM   583 N N   . LEU A 1 78  ? -9.511  2.924   -2.420  1.00 12.29 ? 98  LEU A N   1 
ATOM   584 C CA  . LEU A 1 78  ? -9.902  2.463   -1.099  1.00 12.84 ? 98  LEU A CA  1 
ATOM   585 C C   . LEU A 1 78  ? -11.124 3.239   -0.652  1.00 14.19 ? 98  LEU A C   1 
ATOM   586 O O   . LEU A 1 78  ? -11.130 4.476   -0.717  1.00 14.60 ? 98  LEU A O   1 
ATOM   587 C CB  . LEU A 1 78  ? -8.761  2.738   -0.132  1.00 13.23 ? 98  LEU A CB  1 
ATOM   588 C CG  . LEU A 1 78  ? -8.866  2.178   1.279   1.00 14.65 ? 98  LEU A CG  1 
ATOM   589 C CD1 . LEU A 1 78  ? -8.637  0.661   1.222   1.00 11.87 ? 98  LEU A CD1 1 
ATOM   590 C CD2 . LEU A 1 78  ? -7.932  2.873   2.248   1.00 13.31 ? 98  LEU A CD2 1 
ATOM   591 N N   . THR A 1 79  ? -12.200 2.530   -0.339  1.00 13.22 ? 99  THR A N   1 
ATOM   592 C CA  . THR A 1 79  ? -13.428 3.175   0.154   1.00 14.32 ? 99  THR A CA  1 
ATOM   593 C C   . THR A 1 79  ? -13.445 3.060   1.685   1.00 13.50 ? 99  THR A C   1 
ATOM   594 O O   . THR A 1 79  ? -13.070 2.048   2.252   1.00 13.86 ? 99  THR A O   1 
ATOM   595 C CB  . THR A 1 79  ? -14.681 2.574   -0.494  1.00 16.94 ? 99  THR A CB  1 
ATOM   596 O OG1 . THR A 1 79  ? -14.858 1.186   -0.113  1.00 16.88 ? 99  THR A OG1 1 
ATOM   597 C CG2 . THR A 1 79  ? -14.609 2.688   -1.952  1.00 16.47 ? 99  THR A CG2 1 
ATOM   598 N N   . THR A 1 80  ? -13.741 4.178   2.363   1.00 12.79 ? 100 THR A N   1 
ATOM   599 C CA  . THR A 1 80  ? -13.728 4.223   3.794   1.00 13.06 ? 100 THR A CA  1 
ATOM   600 C C   . THR A 1 80  ? -14.947 5.023   4.355   1.00 13.25 ? 100 THR A C   1 
ATOM   601 O O   . THR A 1 80  ? -15.624 5.762   3.606   1.00 14.42 ? 100 THR A O   1 
ATOM   602 C CB  . THR A 1 80  ? -12.437 4.872   4.356   1.00 12.73 ? 100 THR A CB  1 
ATOM   603 O OG1 . THR A 1 80  ? -12.548 6.301   4.290   1.00 14.91 ? 100 THR A OG1 1 
ATOM   604 C CG2 . THR A 1 80  ? -11.176 4.456   3.576   1.00 12.34 ? 100 THR A CG2 1 
ATOM   605 N N   . ALA A 1 81  ? -15.090 4.977   5.680   1.00 14.54 ? 101 ALA A N   1 
ATOM   606 C CA  . ALA A 1 81  ? -16.137 5.751   6.382   1.00 17.78 ? 101 ALA A CA  1 
ATOM   607 C C   . ALA A 1 81  ? -15.961 7.255   6.174   1.00 17.64 ? 101 ALA A C   1 
ATOM   608 O O   . ALA A 1 81  ? -16.899 8.003   6.375   1.00 19.55 ? 101 ALA A O   1 
ATOM   609 C CB  . ALA A 1 81  ? -16.094 5.457   7.834   1.00 17.91 ? 101 ALA A CB  1 
ATOM   610 N N   . ASN A 1 82  ? -14.722 7.661   5.846   1.00 16.05 ? 102 ASN A N   1 
ATOM   611 C CA  . ASN A 1 82  ? -14.358 9.092   5.560   1.00 18.36 ? 102 ASN A CA  1 
ATOM   612 C C   . ASN A 1 82  ? -14.132 9.393   4.100   1.00 20.97 ? 102 ASN A C   1 
ATOM   613 O O   . ASN A 1 82  ? -13.505 10.407  3.749   1.00 22.61 ? 102 ASN A O   1 
ATOM   614 C CB  . ASN A 1 82  ? -13.131 9.501   6.385   1.00 20.36 ? 102 ASN A CB  1 
ATOM   615 C CG  . ASN A 1 82  ? -13.379 9.383   7.866   1.00 19.26 ? 102 ASN A CG  1 
ATOM   616 O OD1 . ASN A 1 82  ? -14.475 9.614   8.351   1.00 22.25 ? 102 ASN A OD1 1 
ATOM   617 N ND2 . ASN A 1 82  ? -12.357 8.972   8.587   1.00 21.53 ? 102 ASN A ND2 1 
ATOM   618 N N   . GLY A 1 83  ? -14.679 8.538   3.224   1.00 17.93 ? 103 GLY A N   1 
ATOM   619 C CA  . GLY A 1 83  ? -14.606 8.738   1.825   1.00 17.60 ? 103 GLY A CA  1 
ATOM   620 C C   . GLY A 1 83  ? -13.444 7.986   1.179   1.00 14.81 ? 103 GLY A C   1 
ATOM   621 O O   . GLY A 1 83  ? -12.846 7.080   1.772   1.00 15.60 ? 103 GLY A O   1 
ATOM   622 N N   . ASN A 1 84  ? -13.232 8.269   -0.096  1.00 16.53 ? 104 ASN A N   1 
ATOM   623 C CA  . ASN A 1 84  ? -12.313 7.474   -0.912  1.00 16.69 ? 104 ASN A CA  1 
ATOM   624 C C   . ASN A 1 84  ? -10.883 7.994   -0.867  1.00 15.41 ? 104 ASN A C   1 
ATOM   625 O O   . ASN A 1 84  ? -10.650 9.243   -0.792  1.00 16.48 ? 104 ASN A O   1 
ATOM   626 C CB  . ASN A 1 84  ? -12.753 7.441   -2.380  1.00 18.32 ? 104 ASN A CB  1 
ATOM   627 C CG  . ASN A 1 84  ? -14.031 6.642   -2.622  1.00 23.43 ? 104 ASN A CG  1 
ATOM   628 O OD1 . ASN A 1 84  ? -14.681 6.115   -1.701  1.00 27.12 ? 104 ASN A OD1 1 
ATOM   629 N ND2 . ASN A 1 84  ? -14.402 6.561   -3.877  1.00 27.92 ? 104 ASN A ND2 1 
ATOM   630 N N   . PHE A 1 85  ? -9.954  7.056   -0.985  1.00 13.82 ? 105 PHE A N   1 
ATOM   631 C CA  . PHE A 1 85  ? -8.517  7.342   -1.134  1.00 13.89 ? 105 PHE A CA  1 
ATOM   632 C C   . PHE A 1 85  ? -8.007  6.597   -2.344  1.00 14.23 ? 105 PHE A C   1 
ATOM   633 O O   . PHE A 1 85  ? -8.325  5.406   -2.516  1.00 14.67 ? 105 PHE A O   1 
ATOM   634 C CB  . PHE A 1 85  ? -7.737  6.906   0.113   1.00 12.76 ? 105 PHE A CB  1 
ATOM   635 C CG  . PHE A 1 85  ? -8.095  7.660   1.371   1.00 12.84 ? 105 PHE A CG  1 
ATOM   636 C CD1 . PHE A 1 85  ? -9.279  7.356   2.083   1.00 13.60 ? 105 PHE A CD1 1 
ATOM   637 C CD2 . PHE A 1 85  ? -7.292  8.683   1.860   1.00 14.33 ? 105 PHE A CD2 1 
ATOM   638 C CE1 . PHE A 1 85  ? -9.599  8.036   3.222   1.00 15.83 ? 105 PHE A CE1 1 
ATOM   639 C CE2 . PHE A 1 85  ? -7.603  9.334   3.004   1.00 16.04 ? 105 PHE A CE2 1 
ATOM   640 C CZ  . PHE A 1 85  ? -8.776  9.039   3.679   1.00 16.16 ? 105 PHE A CZ  1 
ATOM   641 N N   . ARG A 1 86  ? -7.076  7.224   -3.064  1.00 14.29 ? 106 ARG A N   1 
ATOM   642 C CA  . ARG A 1 86  ? -6.385  6.616   -4.146  1.00 12.85 ? 106 ARG A CA  1 
ATOM   643 C C   . ARG A 1 86  ? -5.048  6.074   -3.620  1.00 13.16 ? 106 ARG A C   1 
ATOM   644 O O   . ARG A 1 86  ? -4.341  6.778   -2.944  1.00 17.34 ? 106 ARG A O   1 
ATOM   645 C CB  . ARG A 1 86  ? -6.180  7.619   -5.194  1.00 15.99 ? 106 ARG A CB  1 
ATOM   646 C CG  . ARG A 1 86  ? -7.381  7.741   -6.156  1.00 16.56 ? 106 ARG A CG  1 
ATOM   647 C CD  . ARG A 1 86  ? -7.318  6.789   -7.365  1.00 20.96 ? 106 ARG A CD  1 
ATOM   648 N NE  . ARG A 1 86  ? -6.129  7.086   -8.162  1.00 15.86 ? 106 ARG A NE  1 
ATOM   649 C CZ  . ARG A 1 86  ? -4.944  6.596   -7.892  1.00 18.26 ? 106 ARG A CZ  1 
ATOM   650 N NH1 . ARG A 1 86  ? -4.788  5.549   -7.028  1.00 21.83 ? 106 ARG A NH1 1 
ATOM   651 N NH2 . ARG A 1 86  ? -3.922  7.031   -8.564  1.00 22.82 ? 106 ARG A NH2 1 
ATOM   652 N N   . ILE A 1 87  ? -4.796  4.811   -3.863  1.00 12.46 ? 107 ILE A N   1 
ATOM   653 C CA  A ILE A 1 87  ? -3.620  4.073   -3.342  0.50 12.37 ? 107 ILE A CA  1 
ATOM   654 C CA  B ILE A 1 87  ? -3.583  4.175   -3.397  0.50 13.03 ? 107 ILE A CA  1 
ATOM   655 C C   . ILE A 1 87  ? -2.768  3.680   -4.556  1.00 15.17 ? 107 ILE A C   1 
ATOM   656 O O   . ILE A 1 87  ? -3.290  2.988   -5.499  1.00 15.14 ? 107 ILE A O   1 
ATOM   657 C CB  A ILE A 1 87  ? -4.022  2.728   -2.595  0.50 13.38 ? 107 ILE A CB  1 
ATOM   658 C CB  B ILE A 1 87  ? -3.884  3.038   -2.452  0.50 14.45 ? 107 ILE A CB  1 
ATOM   659 C CG1 A ILE A 1 87  ? -5.138  2.920   -1.534  0.50 10.36 ? 107 ILE A CG1 1 
ATOM   660 C CG1 B ILE A 1 87  ? -4.599  3.583   -1.235  0.50 13.54 ? 107 ILE A CG1 1 
ATOM   661 C CG2 A ILE A 1 87  ? -2.817  2.094   -1.936  0.50 17.37 ? 107 ILE A CG2 1 
ATOM   662 C CG2 B ILE A 1 87  ? -2.598  2.336   -2.048  0.50 18.09 ? 107 ILE A CG2 1 
ATOM   663 C CD1 A ILE A 1 87  ? -4.886  4.069   -0.579  0.50 12.60 ? 107 ILE A CD1 1 
ATOM   664 C CD1 B ILE A 1 87  ? -4.907  2.540   -0.206  0.50 13.44 ? 107 ILE A CD1 1 
ATOM   665 N N   . ASN A 1 88  ? -1.501  4.073   -4.547  1.00 14.60 ? 108 ASN A N   1 
ATOM   666 C CA  A ASN A 1 88  ? -0.552  3.566   -5.499  0.50 15.02 ? 108 ASN A CA  1 
ATOM   667 C CA  B ASN A 1 88  ? -0.508  3.632   -5.554  0.50 13.58 ? 108 ASN A CA  1 
ATOM   668 C C   . ASN A 1 88  ? 0.522   2.832   -4.773  1.00 15.49 ? 108 ASN A C   1 
ATOM   669 O O   . ASN A 1 88  ? 1.207   3.395   -3.930  1.00 15.23 ? 108 ASN A O   1 
ATOM   670 C CB  A ASN A 1 88  ? 0.037   4.665   -6.295  0.50 18.23 ? 108 ASN A CB  1 
ATOM   671 C CB  B ASN A 1 88  ? 0.234   4.821   -6.252  0.50 14.62 ? 108 ASN A CB  1 
ATOM   672 C CG  A ASN A 1 88  ? 0.762   4.166   -7.499  0.50 21.01 ? 108 ASN A CG  1 
ATOM   673 C CG  B ASN A 1 88  ? -0.694  5.760   -7.078  0.50 13.02 ? 108 ASN A CG  1 
ATOM   674 O OD1 A ASN A 1 88  ? 1.331   3.057   -7.506  0.50 23.00 ? 108 ASN A OD1 1 
ATOM   675 O OD1 B ASN A 1 88  ? -1.870  5.492   -7.300  0.50 11.93 ? 108 ASN A OD1 1 
ATOM   676 N ND2 A ASN A 1 88  ? 0.732   4.947   -8.538  0.50 23.07 ? 108 ASN A ND2 1 
ATOM   677 N ND2 B ASN A 1 88  ? -0.115  6.865   -7.566  0.50 14.44 ? 108 ASN A ND2 1 
ATOM   678 N N   . CYS A 1 89  ? 0.624   1.532   -5.036  1.00 13.73 ? 109 CYS A N   1 
ATOM   679 C CA  A CYS A 1 89  ? 1.501   0.715   -4.279  0.50 12.21 ? 109 CYS A CA  1 
ATOM   680 C CA  B CYS A 1 89  ? 1.498   0.585   -4.314  0.50 15.11 ? 109 CYS A CA  1 
ATOM   681 C C   . CYS A 1 89  ? 2.522   0.046   -5.254  1.00 14.86 ? 109 CYS A C   1 
ATOM   682 O O   . CYS A 1 89  ? 2.140   -0.505  -6.329  1.00 16.59 ? 109 CYS A O   1 
ATOM   683 C CB  A CYS A 1 89  ? 0.639   -0.266  -3.431  0.50 11.70 ? 109 CYS A CB  1 
ATOM   684 C CB  B CYS A 1 89  ? 0.682   -0.634  -3.872  0.50 21.23 ? 109 CYS A CB  1 
ATOM   685 S SG  A CYS A 1 89  ? 1.498   -1.480  -2.437  0.50 11.65 ? 109 CYS A SG  1 
ATOM   686 S SG  B CYS A 1 89  ? 0.472   -0.822  -2.148  0.50 21.30 ? 109 CYS A SG  1 
ATOM   687 N N   . PHE A 1 90  ? 3.819   0.176   -4.925  1.00 14.38 ? 110 PHE A N   1 
ATOM   688 C CA  . PHE A 1 90  ? 4.868   -0.269  -5.742  1.00 16.38 ? 110 PHE A CA  1 
ATOM   689 C C   . PHE A 1 90  ? 5.621   -1.388  -5.082  1.00 17.24 ? 110 PHE A C   1 
ATOM   690 O O   . PHE A 1 90  ? 5.812   -1.359  -3.903  1.00 17.44 ? 110 PHE A O   1 
ATOM   691 C CB  . PHE A 1 90  ? 5.861   0.870   -6.036  1.00 21.50 ? 110 PHE A CB  1 
ATOM   692 C CG  . PHE A 1 90  ? 5.197   2.082   -6.621  1.00 21.57 ? 110 PHE A CG  1 
ATOM   693 C CD1 . PHE A 1 90  ? 4.587   3.025   -5.796  1.00 22.31 ? 110 PHE A CD1 1 
ATOM   694 C CD2 . PHE A 1 90  ? 5.146   2.254   -7.965  1.00 24.03 ? 110 PHE A CD2 1 
ATOM   695 C CE1 . PHE A 1 90  ? 3.941   4.123   -6.342  1.00 24.64 ? 110 PHE A CE1 1 
ATOM   696 C CE2 . PHE A 1 90  ? 4.482   3.364   -8.511  1.00 20.08 ? 110 PHE A CE2 1 
ATOM   697 C CZ  . PHE A 1 90  ? 3.920   4.278   -7.706  1.00 24.14 ? 110 PHE A CZ  1 
ATOM   698 N N   . PHE A 1 91  ? 6.010   -2.372  -5.880  1.00 17.53 ? 111 PHE A N   1 
ATOM   699 C CA  . PHE A 1 91  ? 6.685   -3.575  -5.366  1.00 22.15 ? 111 PHE A CA  1 
ATOM   700 C C   . PHE A 1 91  ? 7.973   -3.764  -6.106  1.00 25.00 ? 111 PHE A C   1 
ATOM   701 O O   . PHE A 1 91  ? 8.053   -3.467  -7.304  1.00 25.28 ? 111 PHE A O   1 
ATOM   702 C CB  . PHE A 1 91  ? 5.843   -4.855  -5.603  1.00 25.40 ? 111 PHE A CB  1 
ATOM   703 C CG  . PHE A 1 91  ? 4.463   -4.772  -5.169  1.00 23.39 ? 111 PHE A CG  1 
ATOM   704 C CD1 . PHE A 1 91  ? 3.485   -4.214  -5.999  1.00 21.30 ? 111 PHE A CD1 1 
ATOM   705 C CD2 . PHE A 1 91  ? 4.081   -5.234  -3.895  1.00 21.56 ? 111 PHE A CD2 1 
ATOM   706 C CE1 . PHE A 1 91  ? 2.176   -4.103  -5.565  1.00 26.76 ? 111 PHE A CE1 1 
ATOM   707 C CE2 . PHE A 1 91  ? 2.776   -5.141  -3.475  1.00 25.07 ? 111 PHE A CE2 1 
ATOM   708 C CZ  . PHE A 1 91  ? 1.821   -4.584  -4.307  1.00 24.60 ? 111 PHE A CZ  1 
ATOM   709 N N   . ARG A 1 92  ? 8.982   -4.345  -5.419  1.00 25.36 ? 112 ARG A N   1 
ATOM   710 C CA  . ARG A 1 92  ? 10.257  -4.771  -6.045  1.00 28.88 ? 112 ARG A CA  1 
ATOM   711 C C   . ARG A 1 92  ? 10.441  -6.243  -5.671  1.00 29.80 ? 112 ARG A C   1 
ATOM   712 O O   . ARG A 1 92  ? 10.087  -6.647  -4.581  1.00 30.37 ? 112 ARG A O   1 
ATOM   713 C CB  . ARG A 1 92  ? 11.441  -3.942  -5.506  1.00 32.95 ? 112 ARG A CB  1 
ATOM   714 N N   . ARG A 1 93  ? 10.961  -7.037  -6.582  1.00 34.24 ? 113 ARG A N   1 
ATOM   715 C CA  . ARG A 1 93  ? 11.191  -8.447  -6.303  1.00 35.73 ? 113 ARG A CA  1 
ATOM   716 C C   . ARG A 1 93  ? 12.482  -8.645  -5.439  1.00 39.13 ? 113 ARG A C   1 
ATOM   717 O O   . ARG A 1 93  ? 13.576  -8.230  -5.845  1.00 44.91 ? 113 ARG A O   1 
ATOM   718 C CB  . ARG A 1 93  ? 11.293  -9.221  -7.627  1.00 40.97 ? 113 ARG A CB  1 
ATOM   719 C CG  . ARG A 1 93  ? 10.991  -10.699 -7.502  1.00 47.88 ? 113 ARG A CG  1 
ATOM   720 C CD  . ARG A 1 93  ? 10.878  -11.357 -8.876  1.00 50.96 ? 113 ARG A CD  1 
ATOM   721 N NE  . ARG A 1 93  ? 12.078  -11.107 -9.700  1.00 63.82 ? 113 ARG A NE  1 
ATOM   722 C CZ  . ARG A 1 93  ? 12.126  -10.356 -10.814 1.00 63.48 ? 113 ARG A CZ  1 
ATOM   723 N NH1 . ARG A 1 93  ? 11.028  -9.774  -11.314 1.00 68.51 ? 113 ARG A NH1 1 
ATOM   724 N NH2 . ARG A 1 93  ? 13.286  -10.208 -11.453 1.00 63.27 ? 113 ARG A NH2 1 
ATOM   725 N N   . VAL A 1 94  ? 12.321  -9.240  -4.246  1.00 38.80 ? 114 VAL A N   1 
ATOM   726 C CA  . VAL A 1 94  ? 13.454  -9.583  -3.354  1.00 46.47 ? 114 VAL A CA  1 
ATOM   727 C C   . VAL A 1 94  ? 13.421  -11.081 -3.155  1.00 46.36 ? 114 VAL A C   1 
ATOM   728 O O   . VAL A 1 94  ? 12.461  -11.621 -2.614  1.00 43.22 ? 114 VAL A O   1 
ATOM   729 C CB  . VAL A 1 94  ? 13.330  -8.892  -1.957  1.00 46.84 ? 114 VAL A CB  1 
ATOM   730 C CG1 . VAL A 1 94  ? 14.453  -9.359  -1.004  1.00 46.39 ? 114 VAL A CG1 1 
ATOM   731 C CG2 . VAL A 1 94  ? 13.319  -7.372  -2.087  1.00 43.36 ? 114 VAL A CG2 1 
ATOM   732 N N   . GLN A 1 95  ? 14.472  -11.767 -3.595  1.00 50.89 ? 115 GLN A N   1 
ATOM   733 C CA  . GLN A 1 95  ? 14.553  -13.213 -3.426  1.00 56.98 ? 115 GLN A CA  1 
ATOM   734 C C   . GLN A 1 95  ? 13.285  -13.885 -3.996  1.00 52.55 ? 115 GLN A C   1 
ATOM   735 O O   . GLN A 1 95  ? 12.640  -14.718 -3.343  1.00 53.28 ? 115 GLN A O   1 
ATOM   736 C CB  . GLN A 1 95  ? 14.739  -13.538 -1.946  1.00 60.01 ? 115 GLN A CB  1 
ATOM   737 C CG  . GLN A 1 95  ? 15.200  -14.927 -1.673  1.00 64.35 ? 115 GLN A CG  1 
ATOM   738 C CD  . GLN A 1 95  ? 15.918  -15.031 -0.353  1.00 66.81 ? 115 GLN A CD  1 
ATOM   739 O OE1 . GLN A 1 95  ? 15.299  -15.016 0.702   1.00 63.94 ? 115 GLN A OE1 1 
ATOM   740 N NE2 . GLN A 1 95  ? 17.233  -15.133 -0.406  1.00 70.05 ? 115 GLN A NE2 1 
ATOM   741 N N   . ASN A 1 96  ? 12.917  -13.447 -5.206  1.00 49.62 ? 116 ASN A N   1 
ATOM   742 C CA  . ASN A 1 96  ? 11.785  -13.989 -5.957  1.00 48.90 ? 116 ASN A CA  1 
ATOM   743 C C   . ASN A 1 96  ? 10.398  -13.715 -5.346  1.00 47.30 ? 116 ASN A C   1 
ATOM   744 O O   . ASN A 1 96  ? 9.395   -14.222 -5.844  1.00 48.35 ? 116 ASN A O   1 
ATOM   745 C CB  . ASN A 1 96  ? 11.974  -15.490 -6.232  1.00 53.01 ? 116 ASN A CB  1 
ATOM   746 C CG  . ASN A 1 96  ? 11.146  -15.981 -7.416  1.00 51.79 ? 116 ASN A CG  1 
ATOM   747 O OD1 . ASN A 1 96  ? 11.366  -15.562 -8.552  1.00 56.69 ? 116 ASN A OD1 1 
ATOM   748 N ND2 . ASN A 1 96  ? 10.186  -16.872 -7.150  1.00 53.86 ? 116 ASN A ND2 1 
ATOM   749 N N   . LYS A 1 97  ? 10.337  -12.881 -4.306  1.00 44.12 ? 117 LYS A N   1 
ATOM   750 C CA  . LYS A 1 97  ? 9.041   -12.471 -3.745  1.00 40.50 ? 117 LYS A CA  1 
ATOM   751 C C   . LYS A 1 97  ? 8.839   -10.938 -3.877  1.00 34.54 ? 117 LYS A C   1 
ATOM   752 O O   . LYS A 1 97  ? 9.731   -10.159 -3.584  1.00 38.52 ? 117 LYS A O   1 
ATOM   753 C CB  . LYS A 1 97  ? 8.890   -12.948 -2.276  1.00 47.12 ? 117 LYS A CB  1 
ATOM   754 C CG  . LYS A 1 97  ? 9.881   -12.350 -1.286  1.00 52.00 ? 117 LYS A CG  1 
ATOM   755 N N   . TYR A 1 98  ? 7.692   -10.523 -4.388  1.00 29.88 ? 118 TYR A N   1 
ATOM   756 C CA  . TYR A 1 98  ? 7.405   -9.082  -4.513  1.00 28.24 ? 118 TYR A CA  1 
ATOM   757 C C   . TYR A 1 98  ? 7.071   -8.466  -3.133  1.00 24.67 ? 118 TYR A C   1 
ATOM   758 O O   . TYR A 1 98  ? 6.192   -8.925  -2.435  1.00 27.90 ? 118 TYR A O   1 
ATOM   759 C CB  . TYR A 1 98  ? 6.278   -8.828  -5.499  1.00 29.19 ? 118 TYR A CB  1 
ATOM   760 C CG  . TYR A 1 98  ? 6.719   -8.931  -6.954  1.00 36.53 ? 118 TYR A CG  1 
ATOM   761 C CD1 . TYR A 1 98  ? 6.805   -10.185 -7.600  1.00 48.36 ? 118 TYR A CD1 1 
ATOM   762 C CD2 . TYR A 1 98  ? 7.105   -7.791  -7.672  1.00 31.86 ? 118 TYR A CD2 1 
ATOM   763 C CE1 . TYR A 1 98  ? 7.210   -10.287 -8.931  1.00 44.32 ? 118 TYR A CE1 1 
ATOM   764 C CE2 . TYR A 1 98  ? 7.476   -7.873  -9.008  1.00 35.45 ? 118 TYR A CE2 1 
ATOM   765 C CZ  . TYR A 1 98  ? 7.546   -9.123  -9.635  1.00 46.78 ? 118 TYR A CZ  1 
ATOM   766 O OH  . TYR A 1 98  ? 7.928   -9.208  -10.946 1.00 46.90 ? 118 TYR A OH  1 
ATOM   767 N N   . LEU A 1 99  ? 7.808   -7.425  -2.783  1.00 21.53 ? 119 LEU A N   1 
ATOM   768 C CA  . LEU A 1 99  ? 7.680   -6.741  -1.516  1.00 18.91 ? 119 LEU A CA  1 
ATOM   769 C C   . LEU A 1 99  ? 7.460   -5.278  -1.813  1.00 18.31 ? 119 LEU A C   1 
ATOM   770 O O   . LEU A 1 99  ? 8.155   -4.714  -2.671  1.00 21.16 ? 119 LEU A O   1 
ATOM   771 C CB  . LEU A 1 99  ? 8.960   -6.889  -0.678  1.00 23.03 ? 119 LEU A CB  1 
ATOM   772 C CG  . LEU A 1 99  ? 9.253   -8.298  -0.136  1.00 26.83 ? 119 LEU A CG  1 
ATOM   773 C CD1 . LEU A 1 99  ? 10.544  -8.241  0.647   1.00 28.77 ? 119 LEU A CD1 1 
ATOM   774 C CD2 . LEU A 1 99  ? 8.118   -8.874  0.717   1.00 30.05 ? 119 LEU A CD2 1 
ATOM   775 N N   . ILE A 1 100 ? 6.588   -4.650  -1.038  1.00 15.81 ? 120 ILE A N   1 
ATOM   776 C CA  . ILE A 1 100 ? 6.245   -3.229  -1.177  1.00 15.19 ? 120 ILE A CA  1 
ATOM   777 C C   . ILE A 1 100 ? 7.449   -2.347  -0.777  1.00 17.65 ? 120 ILE A C   1 
ATOM   778 O O   . ILE A 1 100 ? 7.956   -2.483  0.349   1.00 19.34 ? 120 ILE A O   1 
ATOM   779 C CB  . ILE A 1 100 ? 5.043   -2.849  -0.273  1.00 17.29 ? 120 ILE A CB  1 
ATOM   780 C CG1 . ILE A 1 100 ? 3.797   -3.685  -0.643  1.00 17.04 ? 120 ILE A CG1 1 
ATOM   781 C CG2 . ILE A 1 100 ? 4.729   -1.371  -0.369  1.00 16.20 ? 120 ILE A CG2 1 
ATOM   782 C CD1 . ILE A 1 100 ? 2.736   -3.721  0.408   1.00 18.24 ? 120 ILE A CD1 1 
ATOM   783 N N   . ASN A 1 101 ? 7.810   -1.380  -1.655  1.00 15.76 ? 121 ASN A N   1 
ATOM   784 C CA  A ASN A 1 101 ? 8.792   -0.372  -1.290  0.50 17.65 ? 121 ASN A CA  1 
ATOM   785 C CA  B ASN A 1 101 ? 8.831   -0.378  -1.388  0.50 18.67 ? 121 ASN A CA  1 
ATOM   786 C C   . ASN A 1 101 ? 8.282   1.055   -1.308  1.00 16.65 ? 121 ASN A C   1 
ATOM   787 O O   . ASN A 1 101 ? 8.986   1.965   -0.873  1.00 19.80 ? 121 ASN A O   1 
ATOM   788 C CB  A ASN A 1 101 ? 10.081  -0.510  -2.106  0.50 20.60 ? 121 ASN A CB  1 
ATOM   789 C CB  B ASN A 1 101 ? 9.923   -0.431  -2.466  0.50 23.76 ? 121 ASN A CB  1 
ATOM   790 C CG  A ASN A 1 101 ? 9.851   -0.404  -3.609  0.50 20.56 ? 121 ASN A CG  1 
ATOM   791 C CG  B ASN A 1 101 ? 9.423   0.025   -3.835  0.50 25.04 ? 121 ASN A CG  1 
ATOM   792 O OD1 A ASN A 1 101 ? 8.853   0.189   -4.073  0.50 19.37 ? 121 ASN A OD1 1 
ATOM   793 O OD1 B ASN A 1 101 ? 8.776   -0.730  -4.555  0.50 26.92 ? 121 ASN A OD1 1 
ATOM   794 N ND2 A ASN A 1 101 ? 10.786  -0.931  -4.376  0.50 24.24 ? 121 ASN A ND2 1 
ATOM   795 N ND2 B ASN A 1 101 ? 9.721   1.266   -4.188  0.50 24.66 ? 121 ASN A ND2 1 
ATOM   796 N N   . GLN A 1 102 ? 7.045   1.262   -1.777  1.00 16.61 ? 122 GLN A N   1 
ATOM   797 C CA  A GLN A 1 102 ? 6.436   2.575   -1.738  0.50 17.01 ? 122 GLN A CA  1 
ATOM   798 C CA  B GLN A 1 102 ? 6.461   2.588   -1.834  0.50 16.72 ? 122 GLN A CA  1 
ATOM   799 C C   . GLN A 1 102 ? 4.936   2.483   -1.809  1.00 14.62 ? 122 GLN A C   1 
ATOM   800 O O   . GLN A 1 102 ? 4.379   1.699   -2.553  1.00 14.57 ? 122 GLN A O   1 
ATOM   801 C CB  A GLN A 1 102 ? 6.943   3.491   -2.855  0.50 19.63 ? 122 GLN A CB  1 
ATOM   802 C CB  B GLN A 1 102 ? 6.930   3.269   -3.127  0.50 18.56 ? 122 GLN A CB  1 
ATOM   803 C CG  A GLN A 1 102 ? 6.239   4.847   -2.838  0.50 18.36 ? 122 GLN A CG  1 
ATOM   804 C CG  B GLN A 1 102 ? 6.457   4.691   -3.324  0.50 17.42 ? 122 GLN A CG  1 
ATOM   805 C CD  A GLN A 1 102 ? 6.694   5.768   -3.905  0.50 21.17 ? 122 GLN A CD  1 
ATOM   806 C CD  B GLN A 1 102 ? 6.937   5.270   -4.637  0.50 18.96 ? 122 GLN A CD  1 
ATOM   807 O OE1 A GLN A 1 102 ? 7.858   6.179   -3.935  0.50 23.91 ? 122 GLN A OE1 1 
ATOM   808 O OE1 B GLN A 1 102 ? 7.655   4.613   -5.400  0.50 21.19 ? 122 GLN A OE1 1 
ATOM   809 N NE2 A GLN A 1 102 ? 5.770   6.153   -4.769  0.50 20.72 ? 122 GLN A NE2 1 
ATOM   810 N NE2 B GLN A 1 102 ? 6.607   6.520   -4.876  0.50 19.39 ? 122 GLN A NE2 1 
ATOM   811 N N   . ILE A 1 103 ? 4.292   3.245   -0.941  1.00 14.22 ? 123 ILE A N   1 
ATOM   812 C CA  . ILE A 1 103 ? 2.837   3.388   -0.951  1.00 13.88 ? 123 ILE A CA  1 
ATOM   813 C C   . ILE A 1 103 ? 2.537   4.852   -0.964  1.00 15.79 ? 123 ILE A C   1 
ATOM   814 O O   . ILE A 1 103 ? 2.933   5.577   -0.031  1.00 14.51 ? 123 ILE A O   1 
ATOM   815 C CB  . ILE A 1 103 ? 2.154   2.742   0.236   1.00 14.25 ? 123 ILE A CB  1 
ATOM   816 C CG1 . ILE A 1 103 ? 2.555   1.266   0.374   1.00 13.85 ? 123 ILE A CG1 1 
ATOM   817 C CG2 . ILE A 1 103 ? 0.648   2.854   0.039   1.00 15.84 ? 123 ILE A CG2 1 
ATOM   818 C CD1 . ILE A 1 103 ? 2.123   0.608   1.637   1.00 16.71 ? 123 ILE A CD1 1 
ATOM   819 N N   . ARG A 1 104 ? 1.769   5.294   -1.972  1.00 14.69 ? 124 ARG A N   1 
ATOM   820 C CA  . ARG A 1 104 ? 1.224   6.653   -2.014  1.00 14.72 ? 124 ARG A CA  1 
ATOM   821 C C   . ARG A 1 104 ? -0.309  6.583   -1.718  1.00 16.23 ? 124 ARG A C   1 
ATOM   822 O O   . ARG A 1 104 ? -1.014  5.760   -2.312  1.00 16.50 ? 124 ARG A O   1 
ATOM   823 C CB  . ARG A 1 104 ? 1.456   7.302   -3.362  1.00 15.73 ? 124 ARG A CB  1 
ATOM   824 C CG  . ARG A 1 104 ? 0.975   8.743   -3.441  1.00 19.95 ? 124 ARG A CG  1 
ATOM   825 C CD  . ARG A 1 104 ? 1.338   9.484   -4.726  1.00 21.86 ? 124 ARG A CD  1 
ATOM   826 N NE  . ARG A 1 104 ? 0.630   10.764  -4.718  1.00 24.09 ? 124 ARG A NE  1 
ATOM   827 C CZ  . ARG A 1 104 ? 1.164   11.978  -4.645  1.00 27.31 ? 124 ARG A CZ  1 
ATOM   828 N NH1 . ARG A 1 104 ? 2.459   12.184  -4.881  1.00 27.42 ? 124 ARG A NH1 1 
ATOM   829 N NH2 . ARG A 1 104 ? 0.344   13.025  -4.519  1.00 29.34 ? 124 ARG A NH2 1 
ATOM   830 N N   . ILE A 1 105 ? -0.794  7.432   -0.786  1.00 12.77 ? 125 ILE A N   1 
ATOM   831 C CA  . ILE A 1 105 ? -2.168  7.481   -0.406  1.00 13.38 ? 125 ILE A CA  1 
ATOM   832 C C   . ILE A 1 105 ? -2.626  8.926   -0.548  1.00 14.58 ? 125 ILE A C   1 
ATOM   833 O O   . ILE A 1 105 ? -2.099  9.833   0.109   1.00 18.12 ? 125 ILE A O   1 
ATOM   834 C CB  . ILE A 1 105 ? -2.380  7.011   1.059   1.00 15.84 ? 125 ILE A CB  1 
ATOM   835 C CG1 . ILE A 1 105 ? -1.868  5.593   1.227   1.00 17.15 ? 125 ILE A CG1 1 
ATOM   836 C CG2 . ILE A 1 105 ? -3.869  7.113   1.407   1.00 19.08 ? 125 ILE A CG2 1 
ATOM   837 C CD1 . ILE A 1 105 ? -2.034  5.004   2.622   1.00 22.41 ? 125 ILE A CD1 1 
ATOM   838 N N   . ASP A 1 106 ? -3.611  9.155   -1.420  1.00 16.46 ? 126 ASP A N   1 
ATOM   839 C CA  . ASP A 1 106 ? -4.200  10.483  -1.565  1.00 18.44 ? 126 ASP A CA  1 
ATOM   840 C C   . ASP A 1 106 ? -5.684  10.475  -1.349  1.00 19.59 ? 126 ASP A C   1 
ATOM   841 O O   . ASP A 1 106 ? -6.378  9.650   -1.915  1.00 19.40 ? 126 ASP A O   1 
ATOM   842 C CB  . ASP A 1 106 ? -3.986  11.020  -2.985  1.00 20.40 ? 126 ASP A CB  1 
ATOM   843 C CG  . ASP A 1 106 ? -2.538  11.254  -3.315  1.00 25.20 ? 126 ASP A CG  1 
ATOM   844 O OD1 . ASP A 1 106 ? -1.901  12.099  -2.650  1.00 28.42 ? 126 ASP A OD1 1 
ATOM   845 O OD2 . ASP A 1 106 ? -2.078  10.688  -4.298  1.00 28.23 ? 126 ASP A OD2 1 
ATOM   846 N N   . LYS A 1 107 ? -6.184  11.399  -0.545  1.00 20.01 ? 127 LYS A N   1 
ATOM   847 C CA  A LYS A 1 107 ? -7.627  11.581  -0.413  0.50 21.05 ? 127 LYS A CA  1 
ATOM   848 C CA  B LYS A 1 107 ? -7.629  11.567  -0.419  0.50 20.39 ? 127 LYS A CA  1 
ATOM   849 C C   . LYS A 1 107 ? -8.170  12.094  -1.732  1.00 22.15 ? 127 LYS A C   1 
ATOM   850 O O   . LYS A 1 107 ? -7.635  13.052  -2.287  1.00 25.09 ? 127 LYS A O   1 
ATOM   851 C CB  A LYS A 1 107 ? -7.942  12.559  0.727   0.50 24.65 ? 127 LYS A CB  1 
ATOM   852 C CB  B LYS A 1 107 ? -7.976  12.513  0.730   0.50 22.68 ? 127 LYS A CB  1 
ATOM   853 C CG  A LYS A 1 107 ? -9.413  12.960  0.830   0.50 26.66 ? 127 LYS A CG  1 
ATOM   854 C CG  B LYS A 1 107 ? -9.479  12.753  0.908   0.50 23.57 ? 127 LYS A CG  1 
ATOM   855 C CD  A LYS A 1 107 ? -10.294 11.741  1.090   0.50 24.92 ? 127 LYS A CD  1 
ATOM   856 C CD  B LYS A 1 107 ? -10.157 11.522  1.503   0.50 19.60 ? 127 LYS A CD  1 
ATOM   857 C CE  A LYS A 1 107 ? -11.774 12.027  0.864   0.50 29.72 ? 127 LYS A CE  1 
ATOM   858 C CE  B LYS A 1 107 ? -11.683 11.531  1.357   0.50 20.63 ? 127 LYS A CE  1 
ATOM   859 N NZ  A LYS A 1 107 ? -12.368 12.723  2.034   0.50 30.26 ? 127 LYS A NZ  1 
ATOM   860 N NZ  B LYS A 1 107 ? -12.162 11.634  -0.049  0.50 18.65 ? 127 LYS A NZ  1 
ATOM   861 N N   . THR A 1 108 ? -9.200  11.416  -2.269  1.00 24.35 ? 128 THR A N   1 
ATOM   862 C CA  . THR A 1 108 ? -9.854  11.817  -3.533  1.00 31.29 ? 128 THR A CA  1 
ATOM   863 C C   . THR A 1 108 ? -11.265 11.832  -3.200  1.00 41.44 ? 128 THR A C   1 
ATOM   864 O O   . THR A 1 108 ? -11.900 10.771  -3.166  1.00 30.83 ? 128 THR A O   1 
ATOM   865 C CB  . THR A 1 108 ? -9.599  10.833  -4.709  1.00 39.98 ? 128 THR A CB  1 
ATOM   866 O OG1 . THR A 1 108 ? -9.984  9.493   -4.354  1.00 38.15 ? 128 THR A OG1 1 
ATOM   867 N N   . ASN A 1 109 ? -11.724 13.002  -2.755  1.00 36.68 ? 129 ASN A N   1 
HETATM 868 O O   . HOH B 2 .   ? -3.838  -10.868 3.125   1.00 17.63 ? 201 HOH A O   1 
HETATM 869 O O   . HOH B 2 .   ? -10.022 0.021   8.468   1.00 20.13 ? 202 HOH A O   1 
HETATM 870 O O   . HOH B 2 .   ? -13.599 -4.482  -1.667  1.00 18.38 ? 203 HOH A O   1 
HETATM 871 O O   . HOH B 2 .   ? -0.017  -13.006 -1.717  1.00 20.92 ? 204 HOH A O   1 
HETATM 872 O O   . HOH B 2 .   ? -11.565 2.558   14.041  1.00 39.04 ? 205 HOH A O   1 
HETATM 873 O O   . HOH B 2 .   ? -9.551  -5.580  -7.050  1.00 27.23 ? 206 HOH A O   1 
HETATM 874 O O   . HOH B 2 .   ? -11.408 12.093  4.623   1.00 30.88 ? 207 HOH A O   1 
HETATM 875 O O   . HOH B 2 .   ? -18.239 2.782   2.340   1.00 23.14 ? 208 HOH A O   1 
HETATM 876 O O   . HOH B 2 .   ? 13.319  -5.557  1.613   1.00 25.08 ? 209 HOH A O   1 
HETATM 877 O O   . HOH B 2 .   ? -13.269 6.085   10.191  1.00 22.16 ? 210 HOH A O   1 
HETATM 878 O O   . HOH B 2 .   ? 3.862   17.477  8.063   1.00 35.70 ? 211 HOH A O   1 
HETATM 879 O O   . HOH B 2 .   ? -4.946  -2.189  10.681  1.00 27.06 ? 212 HOH A O   1 
HETATM 880 O O   . HOH B 2 .   ? 1.767   -10.350 7.681   1.00 28.82 ? 213 HOH A O   1 
HETATM 881 O O   . HOH B 2 .   ? -7.645  4.188   -9.278  1.00 29.37 ? 214 HOH A O   1 
HETATM 882 O O   . HOH B 2 .   ? 14.926  0.873   6.969   1.00 42.11 ? 215 HOH A O   1 
HETATM 883 O O   . HOH B 2 .   ? -1.420  -0.004  -16.070 1.00 26.84 ? 216 HOH A O   1 
HETATM 884 O O   . HOH B 2 .   ? -15.101 -2.831  -3.331  1.00 29.27 ? 217 HOH A O   1 
HETATM 885 O O   . HOH B 2 .   ? -3.651  1.751   -17.637 1.00 37.91 ? 218 HOH A O   1 
HETATM 886 O O   . HOH B 2 .   ? -2.880  -3.392  12.789  1.00 23.60 ? 219 HOH A O   1 
HETATM 887 O O   . HOH B 2 .   ? -0.550  -13.434 -5.855  1.00 30.48 ? 220 HOH A O   1 
HETATM 888 O O   . HOH B 2 .   ? -6.334  -4.332  11.952  1.00 29.37 ? 221 HOH A O   1 
HETATM 889 O O   . HOH B 2 .   ? -2.126  7.443   -4.826  1.00 24.65 ? 222 HOH A O   1 
HETATM 890 O O   . HOH B 2 .   ? 10.838  -7.171  4.617   1.00 29.29 ? 223 HOH A O   1 
HETATM 891 O O   . HOH B 2 .   ? -4.178  -2.712  -15.635 1.00 27.84 ? 224 HOH A O   1 
HETATM 892 O O   . HOH B 2 .   ? -15.226 5.725   0.506   1.00 27.11 ? 225 HOH A O   1 
HETATM 893 O O   . HOH B 2 .   ? 4.373   10.279  4.788   1.00 35.77 ? 226 HOH A O   1 
HETATM 894 O O   . HOH B 2 .   ? -16.749 11.329  7.792   1.00 35.79 ? 227 HOH A O   1 
HETATM 895 O O   . HOH B 2 .   ? -8.866  4.413   -13.946 1.00 28.28 ? 228 HOH A O   1 
HETATM 896 O O   . HOH B 2 .   ? -1.186  7.162   9.636   1.00 23.91 ? 229 HOH A O   1 
HETATM 897 O O   . HOH B 2 .   ? -3.714  10.564  2.499   1.00 32.72 ? 230 HOH A O   1 
HETATM 898 O O   . HOH B 2 .   ? 3.005   -9.799  9.995   1.00 49.21 ? 231 HOH A O   1 
HETATM 899 O O   . HOH B 2 .   ? 2.929   7.753   -7.386  1.00 25.29 ? 232 HOH A O   1 
HETATM 900 O O   . HOH B 2 .   ? -13.443 -4.037  4.955   1.00 26.26 ? 233 HOH A O   1 
HETATM 901 O O   . HOH B 2 .   ? -3.849  8.173   10.616  1.00 29.11 ? 234 HOH A O   1 
HETATM 902 O O   . HOH B 2 .   ? 5.134   -11.381 -1.722  1.00 37.00 ? 235 HOH A O   1 
HETATM 903 O O   . HOH B 2 .   ? 6.041   -11.758 0.912   1.00 33.86 ? 236 HOH A O   1 
HETATM 904 O O   . HOH B 2 .   ? -17.717 5.579   1.799   1.00 29.34 ? 237 HOH A O   1 
HETATM 905 O O   . HOH B 2 .   ? 0.252   11.651  -1.151  1.00 22.60 ? 238 HOH A O   1 
HETATM 906 O O   . HOH B 2 .   ? 12.558  10.418  3.842   1.00 40.48 ? 239 HOH A O   1 
HETATM 907 O O   . HOH B 2 .   ? -5.706  9.415   8.387   1.00 36.15 ? 240 HOH A O   1 
HETATM 908 O O   . HOH B 2 .   ? -9.602  0.224   -14.878 1.00 35.99 ? 241 HOH A O   1 
HETATM 909 O O   . HOH B 2 .   ? 3.817   7.141   -9.963  1.00 24.19 ? 242 HOH A O   1 
HETATM 910 O O   . HOH B 2 .   ? -4.422  13.016  0.935   1.00 26.99 ? 243 HOH A O   1 
HETATM 911 O O   . HOH B 2 .   ? -3.208  14.194  -1.569  1.00 37.98 ? 244 HOH A O   1 
HETATM 912 O O   . HOH B 2 .   ? -4.791  -7.106  -8.229  1.00 40.96 ? 245 HOH A O   1 
HETATM 913 O O   . HOH B 2 .   ? -18.608 3.362   -1.373  1.00 33.26 ? 246 HOH A O   1 
HETATM 914 O O   . HOH B 2 .   ? -1.165  -12.880 3.255   1.00 48.68 ? 247 HOH A O   1 
HETATM 915 O O   . HOH B 2 .   ? -1.460  -12.337 8.731   1.00 34.78 ? 248 HOH A O   1 
HETATM 916 O O   . HOH B 2 .   ? -4.970  -12.735 9.328   1.00 31.23 ? 249 HOH A O   1 
HETATM 917 O O   . HOH B 2 .   ? -4.609  -10.172 10.910  1.00 31.68 ? 250 HOH A O   1 
HETATM 918 O O   . HOH B 2 .   ? -8.357  -5.071  10.509  1.00 37.65 ? 251 HOH A O   1 
HETATM 919 O O   . HOH B 2 .   ? -8.697  -1.850  10.465  1.00 29.20 ? 252 HOH A O   1 
HETATM 920 O O   . HOH B 2 .   ? -12.833 -2.525  7.985   1.00 30.54 ? 253 HOH A O   1 
HETATM 921 O O   . HOH B 2 .   ? -9.402  -8.104  9.174   1.00 35.10 ? 254 HOH A O   1 
HETATM 922 O O   . HOH B 2 .   ? -4.426  -5.452  11.624  1.00 34.17 ? 255 HOH A O   1 
HETATM 923 O O   . HOH B 2 .   ? 12.990  -8.297  2.900   1.00 39.83 ? 256 HOH A O   1 
HETATM 924 O O   . HOH B 2 .   ? 12.642  -1.893  0.658   1.00 33.15 ? 257 HOH A O   1 
HETATM 925 O O   . HOH B 2 .   ? 12.035  4.378   10.291  1.00 29.90 ? 258 HOH A O   1 
HETATM 926 O O   . HOH B 2 .   ? 6.105   5.940   9.143   1.00 31.39 ? 259 HOH A O   1 
HETATM 927 O O   . HOH B 2 .   ? 3.207   8.110   10.642  1.00 31.35 ? 260 HOH A O   1 
HETATM 928 O O   . HOH B 2 .   ? 14.311  3.860   6.612   1.00 42.36 ? 261 HOH A O   1 
HETATM 929 O O   . HOH B 2 .   ? -6.737  10.200  13.359  1.00 28.13 ? 262 HOH A O   1 
HETATM 930 O O   . HOH B 2 .   ? -9.856  11.038  6.916   1.00 30.43 ? 263 HOH A O   1 
HETATM 931 O O   . HOH B 2 .   ? -15.548 6.035   11.499  1.00 36.38 ? 264 HOH A O   1 
HETATM 932 O O   . HOH B 2 .   ? -16.012 8.669   10.379  1.00 35.40 ? 265 HOH A O   1 
HETATM 933 O O   . HOH B 2 .   ? -19.372 7.179   7.579   1.00 27.03 ? 266 HOH A O   1 
HETATM 934 O O   . HOH B 2 .   ? -21.472 7.683   5.923   1.00 31.03 ? 267 HOH A O   1 
HETATM 935 O O   . HOH B 2 .   ? -22.652 10.066  6.973   1.00 39.50 ? 268 HOH A O   1 
HETATM 936 O O   . HOH B 2 .   ? -18.329 6.656   11.071  1.00 46.53 ? 269 HOH A O   1 
HETATM 937 O O   . HOH B 2 .   ? -19.314 4.754   9.581   1.00 36.94 ? 270 HOH A O   1 
HETATM 938 O O   . HOH B 2 .   ? -16.263 -0.340  -1.866  1.00 35.10 ? 271 HOH A O   1 
HETATM 939 O O   . HOH B 2 .   ? -12.777 1.803   -8.095  1.00 25.61 ? 272 HOH A O   1 
HETATM 940 O O   . HOH B 2 .   ? -12.442 4.393   -8.621  1.00 47.81 ? 273 HOH A O   1 
HETATM 941 O O   . HOH B 2 .   ? -10.789 6.417   -7.870  1.00 40.04 ? 274 HOH A O   1 
HETATM 942 O O   . HOH B 2 .   ? -9.009  7.594   -9.659  1.00 30.16 ? 275 HOH A O   1 
HETATM 943 O O   . HOH B 2 .   ? -9.457  4.897   -11.495 1.00 35.60 ? 276 HOH A O   1 
HETATM 944 O O   . HOH B 2 .   ? -10.792 2.772   -14.191 1.00 40.39 ? 277 HOH A O   1 
HETATM 945 O O   . HOH B 2 .   ? -15.015 10.208  -1.303  1.00 33.87 ? 278 HOH A O   1 
HETATM 946 O O   . HOH B 2 .   ? -4.782  10.653  -6.911  1.00 27.55 ? 279 HOH A O   1 
HETATM 947 O O   . HOH B 2 .   ? -2.965  9.313   -6.195  1.00 38.90 ? 280 HOH A O   1 
HETATM 948 O O   . HOH B 2 .   ? 14.597  -5.659  -4.393  1.00 47.77 ? 281 HOH A O   1 
HETATM 949 O O   . HOH B 2 .   ? 10.925  -3.893  -2.227  1.00 39.28 ? 282 HOH A O   1 
HETATM 950 O O   . HOH B 2 .   ? 11.786  2.537   -0.422  1.00 34.04 ? 283 HOH A O   1 
HETATM 951 O O   . HOH B 2 .   ? 11.310  3.281   -2.881  1.00 44.10 ? 284 HOH A O   1 
HETATM 952 O O   A HOH B 2 .   ? 11.437  6.133   -3.678  0.50 28.83 ? 285 HOH A O   1 
HETATM 953 O O   B HOH B 2 .   ? 10.858  7.368   -4.894  0.50 29.32 ? 285 HOH A O   1 
HETATM 954 O O   . HOH B 2 .   ? -4.780  10.794  5.148   1.00 35.75 ? 286 HOH A O   1 
HETATM 955 O O   . HOH B 2 .   ? -6.728  12.422  4.703   1.00 40.01 ? 287 HOH A O   1 
HETATM 956 O O   . HOH B 2 .   ? 7.795   -8.886  7.056   1.00 48.81 ? 288 HOH A O   1 
HETATM 957 O O   . HOH B 2 .   ? -14.020 2.033   -5.868  1.00 37.38 ? 289 HOH A O   1 
HETATM 958 O O   . HOH B 2 .   ? -17.240 5.441   -0.723  1.00 35.95 ? 290 HOH A O   1 
HETATM 959 O O   . HOH B 2 .   ? -15.694 12.571  9.994   1.00 43.08 ? 291 HOH A O   1 
HETATM 960 O O   . HOH B 2 .   ? -6.628  -10.297 -4.028  1.00 36.24 ? 292 HOH A O   1 
HETATM 961 O O   . HOH B 2 .   ? -5.847  -9.623  -6.500  1.00 34.66 ? 293 HOH A O   1 
HETATM 962 O O   . HOH B 2 .   ? -6.126  -4.016  -13.181 1.00 41.34 ? 294 HOH A O   1 
HETATM 963 O O   . HOH B 2 .   ? 1.626   -6.113  -12.865 1.00 36.12 ? 295 HOH A O   1 
HETATM 964 O O   . HOH B 2 .   ? 0.542   -4.514  -16.891 1.00 43.08 ? 296 HOH A O   1 
HETATM 965 O O   . HOH B 2 .   ? -18.642 7.738   2.230   1.00 35.37 ? 297 HOH A O   1 
HETATM 966 O O   . HOH B 2 .   ? 14.668  -11.854 -6.743  1.00 38.16 ? 298 HOH A O   1 
HETATM 967 O O   . HOH B 2 .   ? 13.511  -13.597 -8.725  1.00 34.62 ? 299 HOH A O   1 
HETATM 968 O O   . HOH B 2 .   ? -13.065 0.332   -4.207  1.00 27.74 ? 300 HOH A O   1 
HETATM 969 O O   . HOH B 2 .   ? -7.127  11.901  -6.433  1.00 44.45 ? 301 HOH A O   1 
HETATM 970 O O   . HOH B 2 .   ? -20.010 9.111   4.047   1.00 39.38 ? 302 HOH A O   1 
HETATM 971 O O   . HOH B 2 .   ? -17.647 10.042  4.771   1.00 36.38 ? 303 HOH A O   1 
HETATM 972 O O   . HOH B 2 .   ? -11.263 8.735   -6.684  1.00 39.87 ? 304 HOH A O   1 
# 
loop_
_atom_site_anisotrop.id 
_atom_site_anisotrop.type_symbol 
_atom_site_anisotrop.pdbx_label_atom_id 
_atom_site_anisotrop.pdbx_label_alt_id 
_atom_site_anisotrop.pdbx_label_comp_id 
_atom_site_anisotrop.pdbx_label_asym_id 
_atom_site_anisotrop.pdbx_label_seq_id 
_atom_site_anisotrop.pdbx_PDB_ins_code 
_atom_site_anisotrop.U[1][1] 
_atom_site_anisotrop.U[2][2] 
_atom_site_anisotrop.U[3][3] 
_atom_site_anisotrop.U[1][2] 
_atom_site_anisotrop.U[1][3] 
_atom_site_anisotrop.U[2][3] 
_atom_site_anisotrop.pdbx_auth_seq_id 
_atom_site_anisotrop.pdbx_auth_comp_id 
_atom_site_anisotrop.pdbx_auth_asym_id 
_atom_site_anisotrop.pdbx_auth_atom_id 
1   N N   . ASP A 3   ? 1.1090 0.9921 0.9782 0.1283  0.0819  -0.1052 23  ASP A N   
2   C CA  . ASP A 3   ? 0.8979 0.8355 0.7846 0.1184  0.0779  -0.0911 23  ASP A CA  
3   C C   . ASP A 3   ? 0.9162 0.8584 0.8212 0.0968  0.0664  -0.0775 23  ASP A C   
4   O O   . ASP A 3   ? 0.7607 0.7360 0.6873 0.0944  0.0645  -0.0610 23  ASP A O   
5   C CB  . ASP A 3   ? 0.8713 0.8284 0.7393 0.1136  0.0792  -0.1025 23  ASP A CB  
6   C CG  . ASP A 3   ? 1.0119 0.9411 0.8603 0.0946  0.0707  -0.1197 23  ASP A CG  
7   O OD1 . ASP A 3   ? 1.1744 1.0599 1.0183 0.0879  0.0676  -0.1281 23  ASP A OD1 
8   O OD2 . ASP A 3   ? 0.9642 0.9178 0.8018 0.0860  0.0673  -0.1240 23  ASP A OD2 
9   N N   . ILE A 4   ? 0.5554 0.4649 0.4518 0.0808  0.0596  -0.0854 24  ILE A N   
10  C CA  . ILE A 4   ? 0.5190 0.4332 0.4309 0.0630  0.0502  -0.0741 24  ILE A CA  
11  C C   . ILE A 4   ? 0.4967 0.3697 0.4066 0.0579  0.0486  -0.0751 24  ILE A C   
12  O O   . ILE A 4   ? 0.4786 0.3218 0.3741 0.0461  0.0473  -0.0888 24  ILE A O   
13  C CB  . ILE A 4   ? 0.5438 0.4735 0.4511 0.0448  0.0428  -0.0784 24  ILE A CB  
14  C CG1 . ILE A 4   ? 0.6006 0.5664 0.5034 0.0507  0.0459  -0.0768 24  ILE A CG1 
15  C CG2 . ILE A 4   ? 0.5738 0.5135 0.4988 0.0315  0.0349  -0.0652 24  ILE A CG2 
16  C CD1 . ILE A 4   ? 0.6077 0.6055 0.5311 0.0554  0.0483  -0.0576 24  ILE A CD1 
17  N N   . PRO A 5   ? 0.4393 0.3122 0.3632 0.0657  0.0490  -0.0605 25  PRO A N   
18  C CA  . PRO A 5   ? 0.4488 0.2834 0.3691 0.0638  0.0494  -0.0574 25  PRO A CA  
19  C C   . PRO A 5   ? 0.4029 0.2299 0.3244 0.0384  0.0423  -0.0587 25  PRO A C   
20  O O   . PRO A 5   ? 0.3520 0.2078 0.2869 0.0291  0.0361  -0.0504 25  PRO A O   
21  C CB  . PRO A 5   ? 0.4842 0.3384 0.4209 0.0766  0.0486  -0.0392 25  PRO A CB  
22  C CG  . PRO A 5   ? 0.4856 0.3803 0.4322 0.0895  0.0509  -0.0370 25  PRO A CG  
23  C CD  . PRO A 5   ? 0.4544 0.3650 0.3971 0.0763  0.0491  -0.0462 25  PRO A CD  
24  N N   . VAL A 6   ? 0.3879 0.1754 0.2951 0.0277  0.0443  -0.0702 26  VAL A N   
25  C CA  . VAL A 6   ? 0.3471 0.1282 0.2570 0.0031  0.0393  -0.0713 26  VAL A CA  
26  C C   . VAL A 6   ? 0.3173 0.1099 0.2419 0.0013  0.0372  -0.0519 26  VAL A C   
27  O O   . VAL A 6   ? 0.3006 0.1128 0.2345 -0.0149 0.0318  -0.0486 26  VAL A O   
28  C CB  . VAL A 6   ? 0.4082 0.1337 0.3013 -0.0064 0.0447  -0.0835 26  VAL A CB  
29  C CG1 . VAL A 6   ? 0.4101 0.1269 0.3092 -0.0329 0.0419  -0.0806 26  VAL A CG1 
30  C CG2 . VAL A 6   ? 0.4576 0.1734 0.3335 -0.0096 0.0450  -0.1075 26  VAL A CG2 
31  N N   . GLY A 7   ? 0.3200 0.0977 0.2446 0.0192  0.0422  -0.0396 27  GLY A N   
32  C CA  . GLY A 7   ? 0.2917 0.0808 0.2260 0.0193  0.0404  -0.0225 27  GLY A CA  
33  C C   . GLY A 7   ? 0.2359 0.0735 0.1861 0.0173  0.0328  -0.0169 27  GLY A C   
34  O O   . GLY A 7   ? 0.2339 0.0837 0.1906 0.0110  0.0300  -0.0076 27  GLY A O   
35  N N   . VAL A 8   ? 0.2291 0.0919 0.1841 0.0240  0.0307  -0.0219 28  VAL A N   
36  C CA  . VAL A 8   ? 0.2051 0.1057 0.1735 0.0211  0.0248  -0.0176 28  VAL A CA  
37  C C   . VAL A 8   ? 0.1847 0.0950 0.1552 0.0038  0.0203  -0.0214 28  VAL A C   
38  O O   . VAL A 8   ? 0.1926 0.1196 0.1714 -0.0004 0.0166  -0.0153 28  VAL A O   
39  C CB  . VAL A 8   ? 0.2011 0.1227 0.1735 0.0305  0.0257  -0.0202 28  VAL A CB  
40  C CG1 . VAL A 8   ? 0.1935 0.1454 0.1773 0.0234  0.0207  -0.0169 28  VAL A CG1 
41  C CG2 . VAL A 8   ? 0.2697 0.1948 0.2457 0.0492  0.0293  -0.0135 28  VAL A CG2 
42  N N   . VAL A 9   ? 0.2033 0.1052 0.1656 -0.0046 0.0205  -0.0327 29  VAL A N   
43  C CA  . VAL A 9   ? 0.2033 0.1220 0.1685 -0.0197 0.0155  -0.0369 29  VAL A CA  
44  C C   . VAL A 9   ? 0.2249 0.1369 0.1942 -0.0314 0.0155  -0.0318 29  VAL A C   
45  O O   . VAL A 9   ? 0.2145 0.1499 0.1930 -0.0367 0.0119  -0.0273 29  VAL A O   
46  C CB  . VAL A 9   ? 0.2237 0.1371 0.1773 -0.0272 0.0147  -0.0519 29  VAL A CB  
47  C CG1 . VAL A 9   ? 0.2225 0.1601 0.1809 -0.0427 0.0084  -0.0553 29  VAL A CG1 
48  C CG2 . VAL A 9   ? 0.2124 0.1379 0.1602 -0.0151 0.0161  -0.0554 29  VAL A CG2 
49  N N   . VAL A 10  ? 0.2419 0.1211 0.2042 -0.0337 0.0207  -0.0310 30  VAL A N   
50  C CA  . VAL A 10  ? 0.2501 0.1212 0.2154 -0.0454 0.0231  -0.0231 30  VAL A CA  
51  C C   . VAL A 10  ? 0.2500 0.1412 0.2229 -0.0365 0.0222  -0.0094 30  VAL A C   
52  O O   . VAL A 10  ? 0.2629 0.1730 0.2429 -0.0450 0.0213  -0.0046 30  VAL A O   
53  C CB  . VAL A 10  ? 0.3182 0.1414 0.2715 -0.0473 0.0308  -0.0221 30  VAL A CB  
54  C CG1 . VAL A 10  ? 0.3337 0.1494 0.2897 -0.0581 0.0352  -0.0089 30  VAL A CG1 
55  C CG2 . VAL A 10  ? 0.3562 0.1560 0.2998 -0.0599 0.0313  -0.0404 30  VAL A CG2 
56  N N   . ALA A 11  ? 0.2033 0.0948 0.1752 -0.0190 0.0223  -0.0043 31  ALA A N   
57  C CA  . ALA A 11  ? 0.2061 0.1180 0.1834 -0.0112 0.0201  0.0057  31  ALA A CA  
58  C C   . ALA A 11  ? 0.1899 0.1327 0.1765 -0.0148 0.0148  0.0023  31  ALA A C   
59  O O   . ALA A 11  ? 0.2058 0.1629 0.1953 -0.0165 0.0141  0.0070  31  ALA A O   
60  C CB  . ALA A 11  ? 0.2013 0.1134 0.1776 0.0063  0.0197  0.0098  31  ALA A CB  
61  N N   . PHE A 12  ? 0.1691 0.1207 0.1587 -0.0145 0.0118  -0.0050 32  PHE A N   
62  C CA  . PHE A 12  ? 0.1871 0.1624 0.1839 -0.0157 0.0078  -0.0063 32  PHE A CA  
63  C C   . PHE A 12  ? 0.1899 0.1771 0.1897 -0.0260 0.0075  -0.0072 32  PHE A C   
64  O O   . PHE A 12  ? 0.1961 0.2008 0.2010 -0.0239 0.0063  -0.0044 32  PHE A O   
65  C CB  . PHE A 12  ? 0.2130 0.1942 0.2104 -0.0128 0.0061  -0.0108 32  PHE A CB  
66  C CG  . PHE A 12  ? 0.1588 0.1432 0.1598 -0.0041 0.0059  -0.0081 32  PHE A CG  
67  C CD1 . PHE A 12  ? 0.2034 0.1974 0.2107 -0.0019 0.0033  -0.0055 32  PHE A CD1 
68  C CD2 . PHE A 12  ? 0.2284 0.2083 0.2273 0.0009  0.0082  -0.0097 32  PHE A CD2 
69  C CE1 . PHE A 12  ? 0.1949 0.1930 0.2073 0.0015  0.0028  -0.0044 32  PHE A CE1 
70  C CE2 . PHE A 12  ? 0.2311 0.2211 0.2371 0.0065  0.0084  -0.0067 32  PHE A CE2 
71  C CZ  . PHE A 12  ? 0.2107 0.2096 0.2240 0.0049  0.0052  -0.0041 32  PHE A CZ  
72  N N   . LYS A 13  ? 0.1818 0.1610 0.1789 -0.0375 0.0087  -0.0117 33  LYS A N   
73  C CA  . LYS A 13  ? 0.1737 0.1714 0.1770 -0.0504 0.0081  -0.0128 33  LYS A CA  
74  C C   . LYS A 13  ? 0.2324 0.2378 0.2399 -0.0527 0.0122  -0.0036 33  LYS A C   
75  O O   . LYS A 13  ? 0.2256 0.2595 0.2420 -0.0574 0.0119  -0.0021 33  LYS A O   
76  C CB  . LYS A 13  ? 0.2133 0.1962 0.2123 -0.0665 0.0088  -0.0212 33  LYS A CB  
77  C CG  . LYS A 13  ? 0.2237 0.2144 0.2185 -0.0678 0.0038  -0.0326 33  LYS A CG  
78  C CD  . LYS A 13  ? 0.3146 0.2839 0.3014 -0.0842 0.0046  -0.0449 33  LYS A CD  
79  C CE  . LYS A 13  ? 0.3193 0.3048 0.3000 -0.0862 -0.0015 -0.0578 33  LYS A CE  
80  N NZ  . LYS A 13  ? 0.3397 0.3708 0.3315 -0.0943 -0.0084 -0.0584 33  LYS A NZ  
81  N N   . LYS A 14  ? 0.2225 0.2063 0.2230 -0.0475 0.0163  0.0033  34  LYS A N   
82  C CA  . LYS A 14  ? 0.2704 0.2613 0.2706 -0.0473 0.0209  0.0137  34  LYS A CA  
83  C C   . LYS A 14  ? 0.2340 0.2379 0.2321 -0.0315 0.0188  0.0162  34  LYS A C   
84  O O   . LYS A 14  ? 0.2615 0.2766 0.2567 -0.0290 0.0223  0.0231  34  LYS A O   
85  C CB  . LYS A 14  ? 0.2885 0.2475 0.2792 -0.0506 0.0271  0.0218  34  LYS A CB  
86  C CG  . LYS A 14  ? 0.3267 0.2642 0.3171 -0.0686 0.0301  0.0174  34  LYS A CG  
87  C CD  . LYS A 14  ? 0.4491 0.3507 0.4296 -0.0729 0.0386  0.0285  34  LYS A CD  
88  C CE  . LYS A 14  ? 0.4085 0.2794 0.3770 -0.0547 0.0392  0.0307  34  LYS A CE  
89  N NZ  . LYS A 14  ? 0.4310 0.2611 0.3888 -0.0591 0.0485  0.0423  34  LYS A NZ  
90  N N   . GLY A 15  ? 0.2083 0.2108 0.2067 -0.0217 0.0136  0.0102  35  GLY A N   
91  C CA  . GLY A 15  ? 0.2144 0.2239 0.2104 -0.0103 0.0108  0.0099  35  GLY A CA  
92  C C   . GLY A 15  ? 0.2160 0.2177 0.2032 -0.0047 0.0124  0.0172  35  GLY A C   
93  O O   . GLY A 15  ? 0.2378 0.2518 0.2197 0.0010  0.0122  0.0194  35  GLY A O   
94  N N   . ASN A 16  ? 0.2262 0.2076 0.2101 -0.0043 0.0142  0.0211  36  ASN A N   
95  C CA  . ASN A 16  ? 0.2265 0.1989 0.2010 0.0038  0.0164  0.0315  36  ASN A CA  
96  C C   . ASN A 16  ? 0.2188 0.1917 0.1944 0.0156  0.0118  0.0295  36  ASN A C   
97  O O   . ASN A 16  ? 0.2355 0.1927 0.2121 0.0179  0.0133  0.0284  36  ASN A O   
98  C CB  . ASN A 16  ? 0.2415 0.1863 0.2104 -0.0032 0.0241  0.0398  36  ASN A CB  
99  C CG  . ASN A 16  ? 0.2600 0.1923 0.2171 0.0070  0.0279  0.0542  36  ASN A CG  
100 O OD1 . ASN A 16  ? 0.2833 0.2234 0.2375 0.0219  0.0238  0.0566  36  ASN A OD1 
101 N ND2 . ASN A 16  ? 0.3320 0.2462 0.2826 -0.0011 0.0362  0.0655  36  ASN A ND2 
102 N N   . SER A 17  ? 0.2306 0.2251 0.2066 0.0223  0.0060  0.0274  37  SER A N   
103 C CA  . SER A 17  ? 0.2128 0.2174 0.1934 0.0309  0.0009  0.0255  37  SER A CA  
104 C C   . SER A 17  ? 0.2335 0.2318 0.2081 0.0443  0.0029  0.0368  37  SER A C   
105 O O   . SER A 17  ? 0.2444 0.2499 0.2256 0.0524  0.0008  0.0359  37  SER A O   
106 C CB  . SER A 17  ? 0.2471 0.2773 0.2296 0.0314  -0.0065 0.0184  37  SER A CB  
107 O OG  . SER A 17  ? 0.2550 0.2972 0.2257 0.0379  -0.0078 0.0246  37  SER A OG  
108 N N   . GLN A 18  ? 0.2490 0.2380 0.2110 0.0484  0.0072  0.0491  38  GLN A N   
109 C CA  . GLN A 18  ? 0.2555 0.2347 0.2087 0.0639  0.0099  0.0632  38  GLN A CA  
110 C C   . GLN A 18  ? 0.2367 0.1826 0.1912 0.0661  0.0164  0.0629  38  GLN A C   
111 O O   . GLN A 18  ? 0.2809 0.2259 0.2354 0.0822  0.0167  0.0675  38  GLN A O   
112 C CB  . GLN A 18  ? 0.2829 0.2524 0.2202 0.0651  0.0159  0.0792  38  GLN A CB  
113 C CG  . GLN A 18  ? 0.3674 0.3272 0.2925 0.0849  0.0190  0.0979  38  GLN A CG  
114 C CD  . GLN A 18  ? 0.4195 0.3332 0.3415 0.0890  0.0280  0.1038  38  GLN A CD  
115 O OE1 . GLN A 18  ? 0.4379 0.3223 0.3613 0.0725  0.0342  0.0979  38  GLN A OE1 
116 N NE2 . GLN A 18  ? 0.4534 0.3618 0.3703 0.1118  0.0287  0.1143  38  GLN A NE2 
117 N N   . GLU A 19  ? 0.2483 0.1716 0.2042 0.0503  0.0211  0.0559  39  GLU A N   
118 C CA  . GLU A 19  ? 0.2600 0.1514 0.2144 0.0504  0.0266  0.0512  39  GLU A CA  
119 C C   . GLU A 19  ? 0.2427 0.1516 0.2079 0.0554  0.0225  0.0396  39  GLU A C   
120 O O   . GLU A 19  ? 0.2916 0.1828 0.2541 0.0645  0.0267  0.0370  39  GLU A O   
121 C CB  . GLU A 19  ? 0.2685 0.1369 0.2214 0.0296  0.0310  0.0447  39  GLU A CB  
122 C CG  . GLU A 19  ? 0.3375 0.1784 0.2800 0.0227  0.0387  0.0572  39  GLU A CG  
123 C CD  . GLU A 19  ? 0.3903 0.2141 0.3348 -0.0012 0.0424  0.0492  39  GLU A CD  
124 O OE1 . GLU A 19  ? 0.3530 0.1860 0.3048 -0.0103 0.0384  0.0336  39  GLU A OE1 
125 O OE2 . GLU A 19  ? 0.4885 0.2928 0.4272 -0.0117 0.0494  0.0596  39  GLU A OE2 
126 N N   . LEU A 20  ? 0.2405 0.1810 0.2166 0.0487  0.0157  0.0324  40  LEU A N   
127 C CA  . LEU A 20  ? 0.2490 0.2087 0.2363 0.0519  0.0129  0.0243  40  LEU A CA  
128 C C   . LEU A 20  ? 0.2645 0.2434 0.2562 0.0692  0.0113  0.0303  40  LEU A C   
129 O O   . LEU A 20  ? 0.2751 0.2651 0.2746 0.0757  0.0127  0.0266  40  LEU A O   
130 C CB  . LEU A 20  ? 0.2547 0.2388 0.2522 0.0402  0.0069  0.0170  40  LEU A CB  
131 C CG  . LEU A 20  ? 0.2810 0.2576 0.2792 0.0269  0.0079  0.0097  40  LEU A CG  
132 C CD1 . LEU A 20  ? 0.2617 0.2569 0.2681 0.0197  0.0029  0.0053  40  LEU A CD1 
133 C CD2 . LEU A 20  ? 0.2716 0.2387 0.2693 0.0280  0.0120  0.0043  40  LEU A CD2 
134 N N   . ASN A 21  ? 0.2496 0.2393 0.2371 0.0774  0.0082  0.0400  41  ASN A N   
135 C CA  . ASN A 21  ? 0.2891 0.3103 0.2832 0.0937  0.0038  0.0457  41  ASN A CA  
136 C C   . ASN A 21  ? 0.3107 0.3246 0.3057 0.1130  0.0099  0.0497  41  ASN A C   
137 O O   . ASN A 21  ? 0.2722 0.3202 0.2815 0.1200  0.0072  0.0475  41  ASN A O   
138 C CB  . ASN A 21  ? 0.3870 0.4208 0.3718 0.1019  -0.0005 0.0568  41  ASN A CB  
139 C CG  . ASN A 21  ? 0.4836 0.5612 0.4769 0.1184  -0.0077 0.0619  41  ASN A CG  
140 O OD1 . ASN A 21  ? 0.5213 0.5978 0.5071 0.1400  -0.0054 0.0758  41  ASN A OD1 
141 N ND2 . ASN A 21  ? 0.4737 0.5901 0.4835 0.1079  -0.0160 0.0509  41  ASN A ND2 
142 N N   . ARG A 22  ? 0.3383 0.3065 0.3183 0.1203  0.0190  0.0540  42  ARG A N   
143 C CA  A ARG A 22  ? 0.3866 0.3411 0.3638 0.1421  0.0262  0.0564  42  ARG A CA  
144 C CA  B ARG A 22  ? 0.3884 0.3434 0.3658 0.1422  0.0261  0.0564  42  ARG A CA  
145 C C   . ARG A 22  ? 0.3180 0.2806 0.3046 0.1381  0.0292  0.0423  42  ARG A C   
146 O O   . ARG A 22  ? 0.3553 0.3191 0.3425 0.1578  0.0350  0.0424  42  ARG A O   
147 C CB  A ARG A 22  ? 0.4633 0.3580 0.4200 0.1496  0.0362  0.0628  42  ARG A CB  
148 C CB  B ARG A 22  ? 0.4629 0.3587 0.4196 0.1512  0.0362  0.0636  42  ARG A CB  
149 C CG  A ARG A 22  ? 0.4466 0.3010 0.3953 0.1271  0.0409  0.0500  42  ARG A CG  
150 C CG  B ARG A 22  ? 0.4660 0.3182 0.4135 0.1288  0.0412  0.0521  42  ARG A CG  
151 C CD  A ARG A 22  ? 0.4888 0.2804 0.4178 0.1321  0.0512  0.0546  42  ARG A CD  
152 C CD  B ARG A 22  ? 0.4999 0.2895 0.4277 0.1374  0.0521  0.0571  42  ARG A CD  
153 N NE  A ARG A 22  ? 0.5143 0.2903 0.4344 0.1295  0.0524  0.0719  42  ARG A NE  
154 N NE  B ARG A 22  ? 0.5383 0.3036 0.4605 0.1474  0.0591  0.0440  42  ARG A NE  
155 C CZ  A ARG A 22  ? 0.5129 0.2928 0.4339 0.1056  0.0497  0.0723  42  ARG A CZ  
156 C CZ  B ARG A 22  ? 0.5608 0.2777 0.4700 0.1346  0.0653  0.0309  42  ARG A CZ  
157 N NH1 A ARG A 22  ? 0.4261 0.2254 0.3576 0.0835  0.0447  0.0567  42  ARG A NH1 
158 N NH1 B ARG A 22  ? 0.5599 0.2492 0.4633 0.1100  0.0658  0.0309  42  ARG A NH1 
159 N NH2 A ARG A 22  ? 0.5816 0.3508 0.4935 0.1060  0.0525  0.0898  42  ARG A NH2 
160 N NH2 B ARG A 22  ? 0.5443 0.2444 0.4469 0.1459  0.0711  0.0170  42  ARG A NH2 
161 N N   . TYR A 23  ? 0.2602 0.2298 0.2526 0.1150  0.0259  0.0316  43  TYR A N   
162 C CA  . TYR A 23  ? 0.2573 0.2365 0.2561 0.1102  0.0289  0.0207  43  TYR A CA  
163 C C   . TYR A 23  ? 0.2275 0.2572 0.2471 0.1038  0.0232  0.0201  43  TYR A C   
164 O O   . TYR A 23  ? 0.2221 0.2642 0.2478 0.0988  0.0263  0.0141  43  TYR A O   
165 C CB  . TYR A 23  ? 0.2113 0.1632 0.2010 0.0901  0.0299  0.0106  43  TYR A CB  
166 C CG  . TYR A 23  ? 0.2444 0.1474 0.2159 0.0908  0.0357  0.0090  43  TYR A CG  
167 C CD1 . TYR A 23  ? 0.2996 0.1757 0.2597 0.1028  0.0436  0.0023  43  TYR A CD1 
168 C CD2 . TYR A 23  ? 0.2733 0.1571 0.2389 0.0764  0.0335  0.0121  43  TYR A CD2 
169 C CE1 . TYR A 23  ? 0.3463 0.1713 0.2890 0.1015  0.0493  -0.0005 43  TYR A CE1 
170 C CE2 . TYR A 23  ? 0.3323 0.1704 0.2829 0.0729  0.0395  0.0112  43  TYR A CE2 
171 C CZ  . TYR A 23  ? 0.3693 0.1758 0.3086 0.0838  0.0469  0.0041  43  TYR A CZ  
172 O OH  . TYR A 23  ? 0.4771 0.2321 0.4007 0.0776  0.0531  0.0011  43  TYR A OH  
173 N N   . LEU A 24  ? 0.2103 0.2673 0.2388 0.1016  0.0149  0.0259  44  LEU A N   
174 C CA  . LEU A 24  ? 0.1692 0.2720 0.2183 0.0919  0.0090  0.0238  44  LEU A CA  
175 C C   . LEU A 24  ? 0.1669 0.3091 0.2304 0.1090  0.0105  0.0285  44  LEU A C   
176 O O   . LEU A 24  ? 0.1894 0.3364 0.2492 0.1307  0.0105  0.0368  44  LEU A O   
177 C CB  . LEU A 24  ? 0.1579 0.2743 0.2094 0.0803  -0.0011 0.0238  44  LEU A CB  
178 C CG  . LEU A 24  ? 0.1496 0.2358 0.1898 0.0642  -0.0023 0.0189  44  LEU A CG  
179 C CD1 . LEU A 24  ? 0.1757 0.2723 0.2130 0.0585  -0.0106 0.0186  44  LEU A CD1 
180 C CD2 . LEU A 24  ? 0.1551 0.2388 0.2021 0.0479  -0.0006 0.0115  44  LEU A CD2 
181 N N   . GLY A 25  ? 0.1521 0.3246 0.2326 0.1012  0.0128  0.0251  45  GLY A N   
182 C CA  . GLY A 25  ? 0.1533 0.3753 0.2532 0.1131  0.0135  0.0295  45  GLY A CA  
183 C C   . GLY A 25  ? 0.1401 0.4060 0.2556 0.1079  0.0015  0.0320  45  GLY A C   
184 O O   . GLY A 25  ? 0.1470 0.4022 0.2571 0.0931  -0.0070 0.0285  45  GLY A O   
185 N N   . GLU A 26  ? 0.1378 0.4578 0.2733 0.1201  0.0007  0.0368  46  GLU A N   
186 C CA  . GLU A 26  ? 0.1573 0.5266 0.3077 0.1166  -0.0124 0.0382  46  GLU A CA  
187 C C   . GLU A 26  ? 0.1395 0.5304 0.3070 0.0815  -0.0196 0.0284  46  GLU A C   
188 O O   . GLU A 26  ? 0.1473 0.5608 0.3189 0.0706  -0.0322 0.0239  46  GLU A O   
189 C CB  . GLU A 26  ? 0.1978 0.6236 0.3648 0.1428  -0.0120 0.0473  46  GLU A CB  
190 C CG  . GLU A 26  ? 0.2634 0.6609 0.4086 0.1791  -0.0079 0.0582  46  GLU A CG  
191 C CD  . GLU A 26  ? 0.3602 0.7411 0.4874 0.1802  -0.0183 0.0623  46  GLU A CD  
192 O OE1 . GLU A 26  ? 0.4743 0.9069 0.6134 0.1774  -0.0309 0.0632  46  GLU A OE1 
193 O OE2 . GLU A 26  ? 0.3971 0.7172 0.4987 0.1827  -0.0140 0.0641  46  GLU A OE2 
194 N N   . LYS A 27  ? 0.1177 0.4972 0.2921 0.0644  -0.0113 0.0250  47  LYS A N   
195 C CA  . LYS A 27  ? 0.0919 0.4736 0.2779 0.0309  -0.0152 0.0170  47  LYS A CA  
196 C C   . LYS A 27  ? 0.1150 0.4398 0.2840 0.0207  -0.0069 0.0150  47  LYS A C   
197 O O   . LYS A 27  ? 0.1236 0.4351 0.2870 0.0308  0.0047  0.0196  47  LYS A O   
198 C CB  . LYS A 27  ? 0.1128 0.5518 0.3308 0.0176  -0.0124 0.0189  47  LYS A CB  
199 C CG  . LYS A 27  ? 0.1469 0.5852 0.3778 -0.0193 -0.0163 0.0111  47  LYS A CG  
200 C CD  . LYS A 27  ? 0.2083 0.7060 0.4732 -0.0350 -0.0122 0.0148  47  LYS A CD  
201 C CE  . LYS A 27  ? 0.2672 0.7663 0.5466 -0.0740 -0.0185 0.0058  47  LYS A CE  
202 N NZ  . LYS A 27  ? 0.2592 0.8162 0.5738 -0.0944 -0.0135 0.0102  47  LYS A NZ  
203 N N   . VAL A 28  ? 0.0984 0.3917 0.2578 0.0029  -0.0129 0.0077  48  VAL A N   
204 C CA  . VAL A 28  ? 0.1087 0.3524 0.2518 -0.0043 -0.0072 0.0064  48  VAL A CA  
205 C C   . VAL A 28  ? 0.1554 0.3901 0.3064 -0.0312 -0.0092 0.0011  48  VAL A C   
206 O O   . VAL A 28  ? 0.1442 0.3853 0.2990 -0.0440 -0.0190 -0.0077 48  VAL A O   
207 C CB  . VAL A 28  ? 0.1232 0.3275 0.2416 0.0060  -0.0107 0.0039  48  VAL A CB  
208 C CG1 . VAL A 28  ? 0.1191 0.2791 0.2225 0.0001  -0.0050 0.0030  48  VAL A CG1 
209 C CG2 . VAL A 28  ? 0.1188 0.3251 0.2285 0.0315  -0.0083 0.0102  48  VAL A CG2 
210 N N   . ASN A 29  ? 0.1419 0.3598 0.2928 -0.0391 0.0004  0.0062  49  ASN A N   
211 C CA  . ASN A 29  ? 0.1696 0.3648 0.3234 -0.0621 0.0016  0.0045  49  ASN A CA  
212 C C   . ASN A 29  ? 0.1725 0.3169 0.3025 -0.0581 0.0011  0.0018  49  ASN A C   
213 O O   . ASN A 29  ? 0.1768 0.3032 0.2933 -0.0463 0.0073  0.0073  49  ASN A O   
214 C CB  . ASN A 29  ? 0.2094 0.4144 0.3737 -0.0706 0.0137  0.0155  49  ASN A CB  
215 C CG  . ASN A 29  ? 0.3143 0.4892 0.4797 -0.0932 0.0168  0.0173  49  ASN A CG  
216 O OD1 . ASN A 29  ? 0.3293 0.4880 0.4961 -0.1074 0.0093  0.0076  49  ASN A OD1 
217 N ND2 . ASN A 29  ? 0.4053 0.5700 0.5674 -0.0947 0.0286  0.0299  49  ASN A ND2 
218 N N   . LEU A 30  ? 0.1685 0.2953 0.2932 -0.0659 -0.0066 -0.0082 50  LEU A N   
219 C CA  . LEU A 30  ? 0.1513 0.2364 0.2563 -0.0608 -0.0066 -0.0107 50  LEU A CA  
220 C C   . LEU A 30  ? 0.1860 0.2418 0.2919 -0.0764 -0.0025 -0.0102 50  LEU A C   
221 O O   . LEU A 30  ? 0.2303 0.2874 0.3473 -0.0949 -0.0056 -0.0170 50  LEU A O   
222 C CB  . LEU A 30  ? 0.2023 0.2838 0.2969 -0.0556 -0.0158 -0.0217 50  LEU A CB  
223 C CG  . LEU A 30  ? 0.1829 0.2872 0.2735 -0.0396 -0.0198 -0.0203 50  LEU A CG  
224 C CD1 . LEU A 30  ? 0.2674 0.3699 0.3466 -0.0375 -0.0284 -0.0302 50  LEU A CD1 
225 C CD2 . LEU A 30  ? 0.1544 0.2432 0.2334 -0.0248 -0.0132 -0.0121 50  LEU A CD2 
226 N N   . VAL A 31  ? 0.2025 0.2307 0.2962 -0.0692 0.0040  -0.0022 51  VAL A N   
227 C CA  . VAL A 31  ? 0.2126 0.2088 0.3043 -0.0792 0.0094  0.0023  51  VAL A CA  
228 C C   . VAL A 31  ? 0.2780 0.2429 0.3515 -0.0666 0.0079  -0.0012 51  VAL A C   
229 O O   . VAL A 31  ? 0.2703 0.2333 0.3335 -0.0523 0.0105  0.0058  51  VAL A O   
230 C CB  . VAL A 31  ? 0.2351 0.2345 0.3296 -0.0805 0.0201  0.0192  51  VAL A CB  
231 C CG1 . VAL A 31  ? 0.2907 0.2534 0.3830 -0.0914 0.0267  0.0271  51  VAL A CG1 
232 C CG2 . VAL A 31  ? 0.2377 0.2779 0.3512 -0.0894 0.0227  0.0228  51  VAL A CG2 
233 N N   . ILE A 32  ? 0.3180 0.2614 0.3879 -0.0722 0.0035  -0.0136 52  ILE A N   
234 C CA  . ILE A 32  ? 0.3652 0.2845 0.4186 -0.0579 0.0021  -0.0190 52  ILE A CA  
235 C C   . ILE A 32  ? 0.4445 0.3197 0.4929 -0.0642 0.0059  -0.0221 52  ILE A C   
236 O O   . ILE A 32  ? 0.4790 0.3426 0.5336 -0.0822 0.0036  -0.0329 52  ILE A O   
237 C CB  . ILE A 32  ? 0.3496 0.2871 0.3981 -0.0520 -0.0062 -0.0326 52  ILE A CB  
238 C CG1 . ILE A 32  ? 0.3417 0.3135 0.3938 -0.0447 -0.0079 -0.0264 52  ILE A CG1 
239 C CG2 . ILE A 32  ? 0.4612 0.3798 0.4939 -0.0371 -0.0060 -0.0375 52  ILE A CG2 
240 C CD1 . ILE A 32  ? 0.3773 0.3666 0.4235 -0.0379 -0.0147 -0.0346 52  ILE A CD1 
241 N N   . GLN A 33  ? 0.4543 0.3051 0.4919 -0.0499 0.0120  -0.0114 53  GLN A N   
242 C CA  . GLN A 33  ? 0.5274 0.3309 0.5583 -0.0509 0.0181  -0.0087 53  GLN A CA  
243 C C   . GLN A 33  ? 0.5760 0.3670 0.6187 -0.0733 0.0240  0.0001  53  GLN A C   
244 O O   . GLN A 33  ? 0.5952 0.3472 0.6377 -0.0869 0.0267  -0.0059 53  GLN A O   
245 C CB  . GLN A 33  ? 0.5682 0.3450 0.5898 -0.0496 0.0143  -0.0291 53  GLN A CB  
246 N N   . ASN A 34  ? 0.4996 0.3236 0.5521 -0.0770 0.0270  0.0145  54  ASN A N   
247 C CA  . ASN A 34  ? 0.5114 0.3370 0.5777 -0.0983 0.0341  0.0263  54  ASN A CA  
248 C C   . ASN A 34  ? 0.5214 0.3610 0.6064 -0.1254 0.0295  0.0120  54  ASN A C   
249 O O   . ASN A 34  ? 0.5796 0.4226 0.6789 -0.1463 0.0358  0.0209  54  ASN A O   
250 C CB  . ASN A 34  ? 0.6252 0.4023 0.6829 -0.0985 0.0453  0.0432  54  ASN A CB  
251 C CG  . ASN A 34  ? 0.6408 0.4287 0.7093 -0.1142 0.0559  0.0643  54  ASN A CG  
252 O OD1 . ASN A 34  ? 0.6816 0.5168 0.7584 -0.1137 0.0566  0.0708  54  ASN A OD1 
253 N ND2 . ASN A 34  ? 0.7934 0.5351 0.8604 -0.1269 0.0656  0.0758  54  ASN A ND2 
254 N N   . ARG A 35  ? 0.4834 0.3366 0.5683 -0.1253 0.0184  -0.0093 55  ARG A N   
255 C CA  A ARG A 35  ? 0.5336 0.4144 0.6360 -0.1485 0.0108  -0.0242 55  ARG A CA  
256 C CA  B ARG A 35  ? 0.5366 0.4171 0.6393 -0.1486 0.0112  -0.0236 55  ARG A CA  
257 C C   . ARG A 35  ? 0.5060 0.4474 0.6206 -0.1423 0.0065  -0.0206 55  ARG A C   
258 O O   . ARG A 35  ? 0.4546 0.4115 0.5589 -0.1215 0.0015  -0.0236 55  ARG A O   
259 C CB  A ARG A 35  ? 0.5595 0.4247 0.6521 -0.1499 0.0005  -0.0494 55  ARG A CB  
260 C CB  B ARG A 35  ? 0.5673 0.4295 0.6610 -0.1522 0.0014  -0.0486 55  ARG A CB  
261 C CG  A ARG A 35  ? 0.5114 0.4276 0.6162 -0.1596 -0.0117 -0.0647 55  ARG A CG  
262 C CG  B ARG A 35  ? 0.6224 0.4324 0.7141 -0.1734 0.0044  -0.0584 55  ARG A CG  
263 C CD  A ARG A 35  ? 0.5022 0.4035 0.5974 -0.1681 -0.0215 -0.0910 55  ARG A CD  
264 C CD  B ARG A 35  ? 0.5996 0.3900 0.6763 -0.1717 -0.0047 -0.0857 55  ARG A CD  
265 N NE  A ARG A 35  ? 0.4461 0.4023 0.5553 -0.1802 -0.0335 -0.1030 55  ARG A NE  
266 N NE  B ARG A 35  ? 0.5391 0.3209 0.5947 -0.1396 -0.0047 -0.0854 55  ARG A NE  
267 C CZ  A ARG A 35  ? 0.4038 0.3931 0.5042 -0.1644 -0.0430 -0.1109 55  ARG A CZ  
268 C CZ  B ARG A 35  ? 0.5266 0.2606 0.5659 -0.1227 0.0036  -0.0791 55  ARG A CZ  
269 N NH1 A ARG A 35  ? 0.3964 0.3679 0.4750 -0.1394 -0.0414 -0.1100 55  ARG A NH1 
270 N NH1 B ARG A 35  ? 0.5858 0.2692 0.6248 -0.1338 0.0128  -0.0723 55  ARG A NH1 
271 N NH2 A ARG A 35  ? 0.4002 0.4425 0.5137 -0.1739 -0.0539 -0.1192 55  ARG A NH2 
272 N NH2 B ARG A 35  ? 0.4847 0.2224 0.5088 -0.0948 0.0032  -0.0788 55  ARG A NH2 
273 N N   . SER A 36  ? 0.4598 0.4350 0.5964 -0.1598 0.0093  -0.0139 56  SER A N   
274 C CA  . SER A 36  ? 0.3872 0.4199 0.5366 -0.1524 0.0074  -0.0094 56  SER A CA  
275 C C   . SER A 36  ? 0.4157 0.4895 0.5803 -0.1634 -0.0049 -0.0255 56  SER A C   
276 O O   . SER A 36  ? 0.5187 0.6026 0.7013 -0.1905 -0.0068 -0.0321 56  SER A O   
277 C CB  . SER A 36  ? 0.4020 0.4543 0.5667 -0.1617 0.0193  0.0091  56  SER A CB  
278 O OG  . SER A 36  ? 0.4358 0.5394 0.6097 -0.1487 0.0199  0.0147  56  SER A OG  
279 N N   . GLU A 37  ? 0.3575 0.4544 0.5141 -0.1437 -0.0133 -0.0319 57  GLU A N   
280 C CA  . GLU A 37  ? 0.3601 0.5066 0.5295 -0.1479 -0.0254 -0.0434 57  GLU A CA  
281 C C   . GLU A 37  ? 0.2583 0.4509 0.4334 -0.1256 -0.0251 -0.0329 57  GLU A C   
282 O O   . GLU A 37  ? 0.2577 0.4343 0.4171 -0.1034 -0.0202 -0.0247 57  GLU A O   
283 C CB  . GLU A 37  ? 0.3890 0.5199 0.5407 -0.1448 -0.0371 -0.0622 57  GLU A CB  
284 C CG  . GLU A 37  ? 0.4429 0.5715 0.5739 -0.1160 -0.0392 -0.0597 57  GLU A CG  
285 N N   . SER A 38  ? 0.2654 0.5140 0.4629 -0.1318 -0.0301 -0.0338 58  SER A N   
286 C CA  . SER A 38  ? 0.2103 0.5027 0.4141 -0.1086 -0.0290 -0.0239 58  SER A CA  
287 C C   . SER A 38  ? 0.2087 0.5340 0.4102 -0.0977 -0.0426 -0.0320 58  SER A C   
288 O O   . SER A 38  ? 0.2172 0.5805 0.4345 -0.1148 -0.0533 -0.0426 58  SER A O   
289 C CB  . SER A 38  ? 0.2569 0.5970 0.4895 -0.1187 -0.0223 -0.0149 58  SER A CB  
290 O OG  . SER A 38  ? 0.3664 0.6785 0.5962 -0.1219 -0.0078 -0.0033 58  SER A OG  
291 N N   . VAL A 39  ? 0.1782 0.4938 0.3611 -0.0699 -0.0424 -0.0263 59  VAL A N   
292 C CA  . VAL A 39  ? 0.2027 0.5362 0.3752 -0.0573 -0.0540 -0.0316 59  VAL A CA  
293 C C   . VAL A 39  ? 0.1876 0.5397 0.3557 -0.0265 -0.0511 -0.0183 59  VAL A C   
294 O O   . VAL A 39  ? 0.1726 0.5124 0.3411 -0.0148 -0.0395 -0.0079 59  VAL A O   
295 C CB  . VAL A 39  ? 0.2463 0.5308 0.3920 -0.0577 -0.0568 -0.0404 59  VAL A CB  
296 C CG1 . VAL A 39  ? 0.2990 0.5615 0.4480 -0.0860 -0.0592 -0.0550 59  VAL A CG1 
297 C CG2 . VAL A 39  ? 0.2257 0.4634 0.3531 -0.0425 -0.0459 -0.0311 59  VAL A CG2 
298 N N   . ASP A 40  ? 0.1727 0.5523 0.3345 -0.0120 -0.0610 -0.0181 60  ASP A N   
299 C CA  . ASP A 40  ? 0.1611 0.5519 0.3165 0.0199  -0.0574 -0.0035 60  ASP A CA  
300 C C   . ASP A 40  ? 0.1510 0.4843 0.2777 0.0343  -0.0509 0.0019  60  ASP A C   
301 O O   . ASP A 40  ? 0.1752 0.4696 0.2887 0.0213  -0.0503 -0.0055 60  ASP A O   
302 C CB  . ASP A 40  ? 0.1816 0.6314 0.3435 0.0335  -0.0694 -0.0008 60  ASP A CB  
303 C CG  . ASP A 40  ? 0.2132 0.6625 0.3570 0.0289  -0.0820 -0.0097 60  ASP A CG  
304 O OD1 . ASP A 40  ? 0.2532 0.6519 0.3747 0.0247  -0.0791 -0.0139 60  ASP A OD1 
305 O OD2 . ASP A 40  ? 0.3159 0.8216 0.4677 0.0312  -0.0947 -0.0123 60  ASP A OD2 
306 N N   . ARG A 41  ? 0.1600 0.4876 0.2784 0.0611  -0.0447 0.0149  61  ARG A N   
307 C CA  . ARG A 41  ? 0.1549 0.4277 0.2490 0.0721  -0.0367 0.0206  61  ARG A CA  
308 C C   . ARG A 41  ? 0.1685 0.4243 0.2432 0.0682  -0.0431 0.0177  61  ARG A C   
309 O O   . ARG A 41  ? 0.1811 0.3961 0.2428 0.0594  -0.0389 0.0141  61  ARG A O   
310 C CB  . ARG A 41  ? 0.1887 0.4583 0.2763 0.1021  -0.0301 0.0346  61  ARG A CB  
311 C CG  . ARG A 41  ? 0.2499 0.4612 0.3134 0.1114  -0.0213 0.0404  61  ARG A CG  
312 C CD  . ARG A 41  ? 0.2949 0.4938 0.3503 0.1411  -0.0134 0.0533  61  ARG A CD  
313 N NE  . ARG A 41  ? 0.5215 0.7054 0.5577 0.1548  -0.0154 0.0652  61  ARG A NE  
314 C CZ  . ARG A 41  ? 0.6953 0.9199 0.7321 0.1675  -0.0246 0.0735  61  ARG A CZ  
315 N NH1 . ARG A 41  ? 0.9085 1.1952 0.9669 0.1688  -0.0334 0.0703  61  ARG A NH1 
316 N NH2 . ARG A 41  ? 0.7167 0.9227 0.7321 0.1791  -0.0247 0.0862  61  ARG A NH2 
317 N N   . GLN A 42  ? 0.2158 0.5095 0.2892 0.0749  -0.0537 0.0190  62  GLN A N   
318 C CA  . GLN A 42  ? 0.2328 0.5155 0.2845 0.0745  -0.0588 0.0174  62  GLN A CA  
319 C C   . GLN A 42  ? 0.1778 0.4470 0.2287 0.0490  -0.0626 -0.0006 62  GLN A C   
320 O O   . GLN A 42  ? 0.2150 0.4483 0.2481 0.0459  -0.0586 -0.0027 62  GLN A O   
321 C CB  . GLN A 42  ? 0.2985 0.6306 0.3469 0.0892  -0.0701 0.0229  62  GLN A CB  
322 C CG  . GLN A 42  ? 0.3347 0.6751 0.3806 0.1203  -0.0653 0.0440  62  GLN A CG  
323 C CD  . GLN A 42  ? 0.3568 0.7460 0.4298 0.1290  -0.0674 0.0463  62  GLN A CD  
324 O OE1 . GLN A 42  ? 0.2438 0.6440 0.3392 0.1109  -0.0660 0.0354  62  GLN A OE1 
325 N NE2 . GLN A 42  ? 0.5142 0.9337 0.5849 0.1582  -0.0697 0.0624  62  GLN A NE2 
326 N N   . ALA A 43  ? 0.1877 0.4823 0.2588 0.0302  -0.0684 -0.0134 63  ALA A N   
327 C CA  . ALA A 43  ? 0.1812 0.4547 0.2518 0.0067  -0.0702 -0.0303 63  ALA A CA  
328 C C   . ALA A 43  ? 0.1697 0.3898 0.2349 0.0024  -0.0579 -0.0282 63  ALA A C   
329 O O   . ALA A 43  ? 0.2098 0.4004 0.2612 -0.0031 -0.0565 -0.0353 63  ALA A O   
330 C CB  . ALA A 43  ? 0.1490 0.4546 0.2433 -0.0146 -0.0769 -0.0422 63  ALA A CB  
331 N N   . ALA A 44  ? 0.1591 0.3699 0.2333 0.0083  -0.0488 -0.0178 64  ALA A N   
332 C CA  . ALA A 44  ? 0.1578 0.3255 0.2252 0.0063  -0.0387 -0.0153 64  ALA A CA  
333 C C   . ALA A 44  ? 0.1367 0.2770 0.1833 0.0167  -0.0355 -0.0106 64  ALA A C   
334 O O   . ALA A 44  ? 0.1457 0.2583 0.1845 0.0106  -0.0318 -0.0143 64  ALA A O   
335 C CB  . ALA A 44  ? 0.1390 0.3076 0.2164 0.0132  -0.0304 -0.0062 64  ALA A CB  
336 N N   . GLU A 45  ? 0.1524 0.3006 0.1905 0.0335  -0.0352 -0.0003 65  GLU A N   
337 C CA  . GLU A 45  ? 0.1762 0.2974 0.1953 0.0414  -0.0303 0.0069  65  GLU A CA  
338 C C   . GLU A 45  ? 0.1692 0.2894 0.1770 0.0343  -0.0344 -0.0014 65  GLU A C   
339 O O   . GLU A 45  ? 0.1782 0.2741 0.1762 0.0320  -0.0287 -0.0007 65  GLU A O   
340 C CB  . GLU A 45  ? 0.2431 0.3710 0.2536 0.0605  -0.0293 0.0211  65  GLU A CB  
341 C CG  . GLU A 45  ? 0.2755 0.3724 0.2670 0.0653  -0.0222 0.0306  65  GLU A CG  
342 C CD  . GLU A 45  ? 0.3466 0.4563 0.3242 0.0644  -0.0266 0.0299  65  GLU A CD  
343 O OE1 . GLU A 45  ? 0.2880 0.4314 0.2650 0.0691  -0.0357 0.0274  65  GLU A OE1 
344 O OE2 . GLU A 45  ? 0.3235 0.4137 0.2904 0.0594  -0.0211 0.0312  65  GLU A OE2 
345 N N   . GLY A 46  ? 0.1548 0.3042 0.1635 0.0310  -0.0442 -0.0102 66  GLY A N   
346 C CA  . GLY A 46  ? 0.1477 0.2973 0.1425 0.0258  -0.0483 -0.0218 66  GLY A CA  
347 C C   . GLY A 46  ? 0.1523 0.2759 0.1507 0.0123  -0.0453 -0.0343 66  GLY A C   
348 O O   . GLY A 46  ? 0.1692 0.2758 0.1552 0.0132  -0.0414 -0.0376 66  GLY A O   
349 N N   . THR A 47  ? 0.1384 0.2590 0.1537 0.0011  -0.0457 -0.0390 67  THR A N   
350 C CA  . THR A 47  ? 0.1436 0.2361 0.1616 -0.0096 -0.0418 -0.0473 67  THR A CA  
351 C C   . THR A 47  ? 0.1401 0.2066 0.1528 -0.0032 -0.0322 -0.0381 67  THR A C   
352 O O   . THR A 47  ? 0.1651 0.2121 0.1714 -0.0040 -0.0289 -0.0432 67  THR A O   
353 C CB  . THR A 47  ? 0.1622 0.2574 0.1999 -0.0236 -0.0424 -0.0500 67  THR A CB  
354 O OG1 . THR A 47  ? 0.1992 0.3225 0.2440 -0.0335 -0.0521 -0.0609 67  THR A OG1 
355 C CG2 . THR A 47  ? 0.1755 0.2370 0.2131 -0.0320 -0.0371 -0.0548 67  THR A CG2 
356 N N   . LEU A 48  ? 0.1563 0.2232 0.1722 0.0035  -0.0277 -0.0253 68  LEU A N   
357 C CA  . LEU A 48  ? 0.1503 0.1975 0.1618 0.0067  -0.0203 -0.0185 68  LEU A CA  
358 C C   . LEU A 48  ? 0.1239 0.1691 0.1212 0.0124  -0.0182 -0.0163 68  LEU A C   
359 O O   . LEU A 48  ? 0.1525 0.1867 0.1471 0.0117  -0.0138 -0.0165 68  LEU A O   
360 C CB  . LEU A 48  ? 0.1627 0.2075 0.1787 0.0111  -0.0160 -0.0088 68  LEU A CB  
361 C CG  . LEU A 48  ? 0.1988 0.2475 0.2281 0.0063  -0.0152 -0.0096 68  LEU A CG  
362 C CD1 . LEU A 48  ? 0.2222 0.2752 0.2539 0.0149  -0.0116 -0.0023 68  LEU A CD1 
363 C CD2 . LEU A 48  ? 0.1980 0.2294 0.2277 0.0003  -0.0112 -0.0111 68  LEU A CD2 
364 N N   . ALA A 49  ? 0.1429 0.2032 0.1319 0.0189  -0.0211 -0.0129 69  ALA A N   
365 C CA  . ALA A 49  ? 0.1477 0.2109 0.1217 0.0241  -0.0183 -0.0094 69  ALA A CA  
366 C C   . ALA A 49  ? 0.1606 0.2231 0.1296 0.0217  -0.0190 -0.0228 69  ALA A C   
367 O O   . ALA A 49  ? 0.1600 0.2193 0.1236 0.0238  -0.0135 -0.0213 69  ALA A O   
368 C CB  . ALA A 49  ? 0.1573 0.2397 0.1211 0.0325  -0.0219 -0.0032 69  ALA A CB  
369 N N   . ALA A 50  ? 0.1673 0.2326 0.1391 0.0170  -0.0257 -0.0363 70  ALA A N   
370 C CA  . ALA A 50  ? 0.1537 0.2099 0.1187 0.0161  -0.0257 -0.0508 70  ALA A CA  
371 C C   . ALA A 50  ? 0.1577 0.1922 0.1297 0.0155  -0.0191 -0.0496 70  ALA A C   
372 O O   . ALA A 50  ? 0.1755 0.2057 0.1401 0.0222  -0.0144 -0.0532 70  ALA A O   
373 C CB  . ALA A 50  ? 0.1665 0.2249 0.1330 0.0079  -0.0342 -0.0670 70  ALA A CB  
374 N N   . PHE A 51  ? 0.1529 0.1782 0.1383 0.0097  -0.0184 -0.0436 71  PHE A N   
375 C CA  . PHE A 51  ? 0.1653 0.1740 0.1565 0.0101  -0.0132 -0.0404 71  PHE A CA  
376 C C   . PHE A 51  ? 0.1376 0.1534 0.1260 0.0162  -0.0075 -0.0318 71  PHE A C   
377 O O   . PHE A 51  ? 0.1625 0.1757 0.1494 0.0221  -0.0037 -0.0333 71  PHE A O   
378 C CB  . PHE A 51  ? 0.1608 0.1632 0.1645 0.0030  -0.0133 -0.0345 71  PHE A CB  
379 C CG  . PHE A 51  ? 0.1575 0.1474 0.1645 0.0050  -0.0085 -0.0291 71  PHE A CG  
380 C CD1 . PHE A 51  ? 0.2572 0.2285 0.2637 0.0059  -0.0070 -0.0332 71  PHE A CD1 
381 C CD2 . PHE A 51  ? 0.1573 0.1540 0.1657 0.0069  -0.0056 -0.0205 71  PHE A CD2 
382 C CE1 . PHE A 51  ? 0.2083 0.1721 0.2160 0.0115  -0.0028 -0.0257 71  PHE A CE1 
383 C CE2 . PHE A 51  ? 0.1865 0.1793 0.1966 0.0100  -0.0027 -0.0160 71  PHE A CE2 
384 C CZ  . PHE A 51  ? 0.1824 0.1610 0.1919 0.0138  -0.0014 -0.0177 71  PHE A CZ  
385 N N   . PHE A 52  ? 0.1507 0.1761 0.1388 0.0150  -0.0065 -0.0228 72  PHE A N   
386 C CA  . PHE A 52  ? 0.1416 0.1741 0.1286 0.0159  -0.0008 -0.0145 72  PHE A CA  
387 C C   . PHE A 52  ? 0.1833 0.2297 0.1610 0.0218  0.0024  -0.0158 72  PHE A C   
388 O O   . PHE A 52  ? 0.1944 0.2511 0.1743 0.0227  0.0078  -0.0118 72  PHE A O   
389 C CB  . PHE A 52  ? 0.1506 0.1817 0.1378 0.0120  0.0006  -0.0044 72  PHE A CB  
390 C CG  . PHE A 52  ? 0.1358 0.1551 0.1306 0.0077  -0.0004 -0.0029 72  PHE A CG  
391 C CD1 . PHE A 52  ? 0.1311 0.1466 0.1327 0.0050  -0.0001 -0.0055 72  PHE A CD1 
392 C CD2 . PHE A 52  ? 0.2032 0.2180 0.1972 0.0092  -0.0012 0.0015  72  PHE A CD2 
393 C CE1 . PHE A 52  ? 0.1854 0.1934 0.1910 0.0021  -0.0002 -0.0045 72  PHE A CE1 
394 C CE2 . PHE A 52  ? 0.2579 0.2637 0.2572 0.0076  -0.0006 0.0018  72  PHE A CE2 
395 C CZ  . PHE A 52  ? 0.2055 0.2082 0.2098 0.0032  0.0000  -0.0017 72  PHE A CZ  
396 N N   . SER A 53  ? 0.1664 0.2176 0.1335 0.0262  -0.0009 -0.0228 73  SER A N   
397 C CA  . SER A 53  ? 0.1756 0.2419 0.1300 0.0339  0.0027  -0.0260 73  SER A CA  
398 C C   . SER A 53  ? 0.1926 0.2537 0.1460 0.0413  0.0046  -0.0381 73  SER A C   
399 O O   . SER A 53  ? 0.2181 0.2938 0.1671 0.0492  0.0109  -0.0378 73  SER A O   
400 C CB  . SER A 53  ? 0.1864 0.2629 0.1263 0.0372  -0.0023 -0.0307 73  SER A CB  
401 O OG  . SER A 53  ? 0.2149 0.2967 0.1541 0.0351  -0.0028 -0.0165 73  SER A OG  
402 N N   . SER A 54  ? 0.1895 0.2296 0.1475 0.0392  0.0001  -0.0472 74  SER A N   
403 C CA  . SER A 54  ? 0.2192 0.2443 0.1756 0.0474  0.0024  -0.0572 74  SER A CA  
404 C C   . SER A 54  ? 0.2004 0.2288 0.1680 0.0524  0.0078  -0.0473 74  SER A C   
405 O O   . SER A 54  ? 0.2564 0.2854 0.2212 0.0658  0.0126  -0.0514 74  SER A O   
406 C CB  . SER A 54  ? 0.2329 0.2305 0.1920 0.0404  -0.0031 -0.0662 74  SER A CB  
407 O OG  . SER A 54  ? 0.2971 0.2938 0.2456 0.0367  -0.0087 -0.0802 74  SER A OG  
408 N N   . ASN A 55  ? 0.1742 0.2075 0.1529 0.0431  0.0068  -0.0356 75  ASN A N   
409 C CA  . ASN A 55  ? 0.1955 0.2354 0.1853 0.0447  0.0092  -0.0272 75  ASN A CA  
410 C C   . ASN A 55  ? 0.1807 0.2414 0.1767 0.0356  0.0108  -0.0173 75  ASN A C   
411 O O   . ASN A 55  ? 0.1979 0.2516 0.1983 0.0253  0.0082  -0.0128 75  ASN A O   
412 C CB  . ASN A 55  ? 0.1722 0.1901 0.1673 0.0404  0.0057  -0.0256 75  ASN A CB  
413 C CG  . ASN A 55  ? 0.1962 0.1866 0.1855 0.0455  0.0050  -0.0348 75  ASN A CG  
414 O OD1 . ASN A 55  ? 0.2243 0.2058 0.2103 0.0582  0.0083  -0.0373 75  ASN A OD1 
415 N ND2 . ASN A 55  ? 0.2087 0.1849 0.1976 0.0348  0.0008  -0.0396 75  ASN A ND2 
416 N N   . LYS A 56  ? 0.1767 0.2630 0.1735 0.0395  0.0162  -0.0143 76  LYS A N   
417 C CA  . LYS A 56  ? 0.1743 0.2791 0.1771 0.0271  0.0192  -0.0048 76  LYS A CA  
418 C C   . LYS A 56  ? 0.1278 0.2343 0.1423 0.0181  0.0164  -0.0011 76  LYS A C   
419 O O   . LYS A 56  ? 0.1287 0.2507 0.1510 0.0243  0.0159  -0.0012 76  LYS A O   
420 C CB  . LYS A 56  ? 0.1983 0.3356 0.2027 0.0317  0.0266  -0.0014 76  LYS A CB  
421 C CG  . LYS A 56  ? 0.2555 0.3951 0.2450 0.0413  0.0302  -0.0056 76  LYS A CG  
422 N N   . VAL A 57  ? 0.1548 0.2475 0.1690 0.0051  0.0148  0.0020  77  VAL A N   
423 C CA  . VAL A 57  ? 0.1331 0.2229 0.1538 -0.0035 0.0114  0.0021  77  VAL A CA  
424 C C   . VAL A 57  ? 0.1189 0.2332 0.1494 -0.0163 0.0134  0.0052  77  VAL A C   
425 O O   . VAL A 57  ? 0.1371 0.2535 0.1673 -0.0268 0.0182  0.0099  77  VAL A O   
426 C CB  . VAL A 57  ? 0.1358 0.1980 0.1509 -0.0101 0.0093  0.0018  77  VAL A CB  
427 C CG1 . VAL A 57  ? 0.1221 0.1821 0.1406 -0.0192 0.0069  -0.0003 77  VAL A CG1 
428 C CG2 . VAL A 57  ? 0.1657 0.2111 0.1756 -0.0007 0.0064  -0.0017 77  VAL A CG2 
429 N N   . SER A 58  ? 0.0996 0.2325 0.1378 -0.0160 0.0097  0.0032  78  SER A N   
430 C CA  . SER A 58  ? 0.1211 0.2814 0.1701 -0.0301 0.0091  0.0034  78  SER A CA  
431 C C   . SER A 58  ? 0.1374 0.2842 0.1842 -0.0445 0.0044  -0.0019 78  SER A C   
432 O O   . SER A 58  ? 0.1779 0.3379 0.2312 -0.0629 0.0042  -0.0042 78  SER A O   
433 C CB  . SER A 58  ? 0.1120 0.3150 0.1721 -0.0193 0.0077  0.0048  78  SER A CB  
434 O OG  . SER A 58  ? 0.1294 0.3290 0.1863 -0.0049 0.0026  0.0038  78  SER A OG  
435 N N   . GLY A 59  ? 0.1404 0.2628 0.1780 -0.0371 0.0009  -0.0050 79  GLY A N   
436 C CA  . GLY A 59  ? 0.1375 0.2484 0.1700 -0.0473 -0.0027 -0.0117 79  GLY A CA  
437 C C   . GLY A 59  ? 0.1323 0.2209 0.1550 -0.0357 -0.0044 -0.0125 79  GLY A C   
438 O O   . GLY A 59  ? 0.1464 0.2289 0.1682 -0.0217 -0.0034 -0.0079 79  GLY A O   
439 N N   . PHE A 60  ? 0.1595 0.2360 0.1748 -0.0429 -0.0063 -0.0194 80  PHE A N   
440 C CA  . PHE A 60  ? 0.1757 0.2377 0.1822 -0.0339 -0.0066 -0.0202 80  PHE A CA  
441 C C   . PHE A 60  ? 0.1668 0.2339 0.1656 -0.0411 -0.0099 -0.0293 80  PHE A C   
442 O O   . PHE A 60  ? 0.2085 0.2661 0.2045 -0.0556 -0.0098 -0.0383 80  PHE A O   
443 C CB  . PHE A 60  ? 0.2027 0.2338 0.2051 -0.0305 -0.0021 -0.0189 80  PHE A CB  
444 C CG  . PHE A 60  ? 0.1813 0.2028 0.1773 -0.0218 -0.0012 -0.0189 80  PHE A CG  
445 C CD1 . PHE A 60  ? 0.1447 0.1729 0.1434 -0.0123 -0.0015 -0.0123 80  PHE A CD1 
446 C CD2 . PHE A 60  ? 0.1767 0.1818 0.1641 -0.0232 0.0012  -0.0254 80  PHE A CD2 
447 C CE1 . PHE A 60  ? 0.1446 0.1679 0.1399 -0.0070 0.0007  -0.0102 80  PHE A CE1 
448 C CE2 . PHE A 60  ? 0.2004 0.2033 0.1838 -0.0143 0.0036  -0.0241 80  PHE A CE2 
449 C CZ  . PHE A 60  ? 0.1768 0.1910 0.1653 -0.0077 0.0034  -0.0158 80  PHE A CZ  
450 N N   . ASN A 61  ? 0.1752 0.2562 0.1685 -0.0322 -0.0127 -0.0277 81  ASN A N   
451 C CA  . ASN A 61  ? 0.2161 0.3047 0.1977 -0.0369 -0.0161 -0.0374 81  ASN A CA  
452 C C   . ASN A 61  ? 0.1995 0.2777 0.1702 -0.0256 -0.0128 -0.0347 81  ASN A C   
453 O O   . ASN A 61  ? 0.2040 0.2882 0.1769 -0.0136 -0.0115 -0.0224 81  ASN A O   
454 C CB  . ASN A 61  ? 0.2548 0.3847 0.2383 -0.0386 -0.0238 -0.0382 81  ASN A CB  
455 C CG  . ASN A 61  ? 0.3728 0.5204 0.3682 -0.0551 -0.0271 -0.0442 81  ASN A CG  
456 O OD1 . ASN A 61  ? 0.4852 0.6265 0.4771 -0.0733 -0.0288 -0.0580 81  ASN A OD1 
457 N ND2 . ASN A 61  ? 0.3887 0.5566 0.3978 -0.0497 -0.0271 -0.0346 81  ASN A ND2 
458 N N   . VAL A 62  ? 0.2117 0.2746 0.1698 -0.0292 -0.0108 -0.0461 82  VAL A N   
459 C CA  . VAL A 62  ? 0.2099 0.2689 0.1575 -0.0184 -0.0062 -0.0441 82  VAL A CA  
460 C C   . VAL A 62  ? 0.1910 0.2809 0.1268 -0.0153 -0.0110 -0.0445 82  VAL A C   
461 O O   . VAL A 62  ? 0.2447 0.3479 0.1717 -0.0246 -0.0170 -0.0584 82  VAL A O   
462 C CB  . VAL A 62  ? 0.2385 0.2722 0.1751 -0.0195 -0.0012 -0.0569 82  VAL A CB  
463 C CG1 . VAL A 62  ? 0.2437 0.2827 0.1694 -0.0070 0.0047  -0.0547 82  VAL A CG1 
464 C CG2 . VAL A 62  ? 0.2481 0.2534 0.1940 -0.0202 0.0032  -0.0547 82  VAL A CG2 
465 N N   . ASN A 63  ? 0.1933 0.2943 0.1275 -0.0028 -0.0082 -0.0294 83  ASN A N   
466 C CA  . ASN A 63  ? 0.1970 0.3272 0.1189 0.0040  -0.0115 -0.0243 83  ASN A CA  
467 C C   . ASN A 63  ? 0.1935 0.3250 0.0970 0.0104  -0.0052 -0.0263 83  ASN A C   
468 O O   . ASN A 63  ? 0.2356 0.3918 0.1217 0.0138  -0.0084 -0.0294 83  ASN A O   
469 C CB  . ASN A 63  ? 0.2408 0.3795 0.1707 0.0153  -0.0107 -0.0024 83  ASN A CB  
470 C CG  . ASN A 63  ? 0.2950 0.4314 0.2423 0.0132  -0.0144 0.0004  83  ASN A CG  
471 O OD1 . ASN A 63  ? 0.3324 0.4478 0.2911 0.0168  -0.0097 0.0095  83  ASN A OD1 
472 N ND2 . ASN A 63  ? 0.2975 0.4578 0.2471 0.0073  -0.0222 -0.0076 83  ASN A ND2 
473 N N   . HIS A 64  ? 0.1797 0.2897 0.0882 0.0139  0.0043  -0.0221 84  HIS A N   
474 C CA  . HIS A 64  ? 0.2017 0.3161 0.0960 0.0209  0.0121  -0.0236 84  HIS A CA  
475 C C   . HIS A 64  ? 0.2012 0.2917 0.1023 0.0213  0.0195  -0.0308 84  HIS A C   
476 O O   . HIS A 64  ? 0.1834 0.2571 0.1023 0.0184  0.0201  -0.0260 84  HIS A O   
477 C CB  . HIS A 64  ? 0.2153 0.3443 0.1084 0.0299  0.0190  -0.0010 84  HIS A CB  
478 C CG  . HIS A 64  ? 0.2441 0.3935 0.1314 0.0343  0.0130  0.0121  84  HIS A CG  
479 N ND1 . HIS A 64  ? 0.2997 0.4781 0.1648 0.0404  0.0103  0.0118  84  HIS A ND1 
480 C CD2 . HIS A 64  ? 0.2725 0.4186 0.1724 0.0357  0.0093  0.0255  84  HIS A CD2 
481 C CE1 . HIS A 64  ? 0.3075 0.5017 0.1730 0.0461  0.0045  0.0262  84  HIS A CE1 
482 N NE2 . HIS A 64  ? 0.2807 0.4537 0.1673 0.0439  0.0043  0.0342  84  HIS A NE2 
483 N N   . GLU A 65  ? 0.2582 0.3510 0.1428 0.0273  0.0253  -0.0422 85  GLU A N   
484 C CA  A GLU A 65  ? 0.2788 0.3551 0.1676 0.0336  0.0341  -0.0474 85  GLU A CA  
485 C CA  B GLU A 65  ? 0.2804 0.3572 0.1697 0.0337  0.0342  -0.0468 85  GLU A CA  
486 C C   . GLU A 65  ? 0.2896 0.3885 0.1684 0.0453  0.0447  -0.0416 85  GLU A C   
487 O O   . GLU A 65  ? 0.3083 0.4288 0.1671 0.0484  0.0448  -0.0426 85  GLU A O   
488 C CB  A GLU A 65  ? 0.3240 0.3737 0.2012 0.0313  0.0321  -0.0710 85  GLU A CB  
489 C CB  B GLU A 65  ? 0.3322 0.3811 0.2113 0.0318  0.0327  -0.0699 85  GLU A CB  
490 C CG  A GLU A 65  ? 0.3605 0.3930 0.2451 0.0166  0.0223  -0.0767 85  GLU A CG  
491 C CG  B GLU A 65  ? 0.4232 0.4760 0.2740 0.0327  0.0317  -0.0905 85  GLU A CG  
492 C CD  A GLU A 65  ? 0.3992 0.4027 0.2698 0.0100  0.0208  -0.0999 85  GLU A CD  
493 C CD  B GLU A 65  ? 0.5236 0.5427 0.3616 0.0374  0.0368  -0.1120 85  GLU A CD  
494 O OE1 A GLU A 65  ? 0.4297 0.4378 0.2784 0.0097  0.0201  -0.1170 85  GLU A OE1 
495 O OE1 B GLU A 65  ? 0.6450 0.6320 0.4942 0.0332  0.0363  -0.1141 85  GLU A OE1 
496 O OE2 A GLU A 65  ? 0.3758 0.3509 0.2565 0.0038  0.0203  -0.1010 85  GLU A OE2 
497 O OE2 B GLU A 65  ? 0.5856 0.6089 0.4002 0.0464  0.0420  -0.1270 85  GLU A OE2 
498 N N   . GLY A 66  ? 0.2474 0.3471 0.1396 0.0521  0.0539  -0.0349 86  GLY A N   
499 C CA  . GLY A 66  ? 0.2787 0.4043 0.1641 0.0631  0.0660  -0.0291 86  GLY A CA  
500 C C   . GLY A 66  ? 0.3282 0.4497 0.2249 0.0732  0.0742  -0.0333 86  GLY A C   
501 O O   . GLY A 66  ? 0.3255 0.4273 0.2374 0.0706  0.0701  -0.0348 86  GLY A O   
502 N N   . LYS A 67  ? 0.4279 0.5704 0.3142 0.0872  0.0861  -0.0364 87  LYS A N   
503 C CA  . LYS A 67  ? 0.4920 0.6345 0.3859 0.1031  0.0950  -0.0427 87  LYS A CA  
504 C C   . LYS A 67  ? 0.5229 0.7093 0.4211 0.1133  0.1096  -0.0310 87  LYS A C   
505 O O   . LYS A 67  ? 0.5217 0.7293 0.4008 0.1150  0.1150  -0.0289 87  LYS A O   
506 C CB  . LYS A 67  ? 0.5765 0.6874 0.4443 0.1149  0.0954  -0.0693 87  LYS A CB  
507 C CG  . LYS A 67  ? 0.6705 0.7706 0.5447 0.1343  0.1035  -0.0757 87  LYS A CG  
508 C CD  . LYS A 67  ? 0.7931 0.8470 0.6411 0.1431  0.1030  -0.1017 87  LYS A CD  
509 C CE  . LYS A 67  ? 0.8362 0.8982 0.6515 0.1552  0.1112  -0.1203 87  LYS A CE  
510 N NZ  . LYS A 67  ? 0.9003 0.9172 0.6926 0.1713  0.1161  -0.1461 87  LYS A NZ  
511 N N   . ARG A 68  ? 0.5838 0.7880 0.5070 0.1206  0.1163  -0.0232 88  ARG A N   
512 C CA  . ARG A 68  ? 0.7769 1.0317 0.7156 0.1249  0.1301  -0.0069 88  ARG A CA  
513 C C   . ARG A 68  ? 0.6342 0.9070 0.5875 0.1450  0.1385  -0.0109 88  ARG A C   
514 O O   . ARG A 68  ? 0.7875 1.0698 0.7701 0.1408  0.1348  -0.0019 88  ARG A O   
515 C CB  . ARG A 68  ? 0.9335 1.2030 0.9006 0.1017  0.1264  0.0163  88  ARG A CB  
516 C CG  . ARG A 68  ? 0.8905 1.2111 0.8839 0.0989  0.1390  0.0347  88  ARG A CG  
517 C CD  . ARG A 68  ? 0.9387 1.2956 0.9151 0.1107  0.1555  0.0389  88  ARG A CD  
518 N NE  . ARG A 68  ? 0.8980 1.2386 0.8404 0.1091  0.1539  0.0367  88  ARG A NE  
519 C CZ  . ARG A 68  ? 0.8751 1.2091 0.8156 0.0914  0.1501  0.0534  88  ARG A CZ  
520 N NH1 . ARG A 68  ? 1.0471 1.3814 1.0167 0.0712  0.1480  0.0718  88  ARG A NH1 
521 N NH2 . ARG A 68  ? 0.8505 1.1762 0.7586 0.0944  0.1482  0.0509  88  ARG A NH2 
522 N N   . ASP A 69  ? 0.7410 1.0212 0.6728 0.1684  0.1498  -0.0246 89  ASP A N   
523 C CA  . ASP A 69  ? 0.8727 1.1690 0.8142 0.1950  0.1594  -0.0299 89  ASP A CA  
524 C C   . ASP A 69  ? 0.8244 1.0752 0.7699 0.2019  0.1493  -0.0396 89  ASP A C   
525 O O   . ASP A 69  ? 0.6442 0.9016 0.6181 0.1929  0.1416  -0.0273 89  ASP A O   
526 C CB  . ASP A 69  ? 0.7251 1.0861 0.7038 0.1935  0.1687  -0.0082 89  ASP A CB  
527 C CG  . ASP A 69  ? 0.6614 1.0671 0.6368 0.1860  0.1812  0.0048  89  ASP A CG  
528 O OD1 . ASP A 69  ? 0.6389 1.0504 0.5843 0.2031  0.1920  -0.0062 89  ASP A OD1 
529 O OD2 . ASP A 69  ? 0.7217 1.1555 0.7229 0.1626  0.1809  0.0260  89  ASP A OD2 
530 N N   . SER A 71  ? 0.3314 0.5712 0.3391 0.1389  0.1154  -0.0056 91  SER A N   
531 C CA  . SER A 71  ? 0.3337 0.5477 0.3466 0.1146  0.1015  -0.0009 91  SER A CA  
532 C C   . SER A 71  ? 0.2886 0.4621 0.2730 0.1066  0.0957  -0.0112 91  SER A C   
533 O O   . SER A 71  ? 0.3540 0.5262 0.3148 0.1146  0.1020  -0.0201 91  SER A O   
534 C CB  . SER A 71  ? 0.4093 0.6566 0.4454 0.0936  0.1020  0.0165  91  SER A CB  
535 O OG  . SER A 71  ? 0.5422 0.8296 0.6082 0.0955  0.1043  0.0246  91  SER A OG  
536 N N   . SER A 72  ? 0.2458 0.3916 0.2326 0.0919  0.0837  -0.0108 92  SER A N   
537 C CA  A SER A 72  ? 0.2181 0.3335 0.1834 0.0827  0.0768  -0.0192 92  SER A CA  
538 C CA  B SER A 72  ? 0.2303 0.3474 0.1959 0.0821  0.0770  -0.0185 92  SER A CA  
539 C C   . SER A 72  ? 0.1808 0.2871 0.1584 0.0638  0.0663  -0.0101 92  SER A C   
540 O O   . SER A 72  ? 0.1899 0.3038 0.1891 0.0583  0.0634  -0.0015 92  SER A O   
541 C CB  A SER A 72  ? 0.2319 0.3084 0.1792 0.0915  0.0741  -0.0370 92  SER A CB  
542 C CB  B SER A 72  ? 0.2663 0.3458 0.2114 0.0909  0.0748  -0.0371 92  SER A CB  
543 O OG  A SER A 72  ? 0.2065 0.2636 0.1669 0.0892  0.0675  -0.0341 92  SER A OG  
544 O OG  B SER A 72  ? 0.3211 0.4048 0.2515 0.1100  0.0852  -0.0476 92  SER A OG  
545 N N   . PHE A 73  ? 0.1886 0.2797 0.1518 0.0552  0.0604  -0.0135 93  PHE A N   
546 C CA  . PHE A 73  ? 0.1682 0.2490 0.1405 0.0415  0.0515  -0.0066 93  PHE A CA  
547 C C   . PHE A 73  ? 0.1635 0.2257 0.1201 0.0362  0.0437  -0.0155 93  PHE A C   
548 O O   . PHE A 73  ? 0.1928 0.2556 0.1299 0.0400  0.0449  -0.0257 93  PHE A O   
549 C CB  . PHE A 73  ? 0.1407 0.2409 0.1228 0.0333  0.0543  0.0103  93  PHE A CB  
550 C CG  . PHE A 73  ? 0.1599 0.2724 0.1240 0.0353  0.0586  0.0147  93  PHE A CG  
551 C CD1 . PHE A 73  ? 0.1581 0.2619 0.1101 0.0314  0.0514  0.0154  93  PHE A CD1 
552 C CD2 . PHE A 73  ? 0.1710 0.3085 0.1291 0.0428  0.0697  0.0188  93  PHE A CD2 
553 C CE1 . PHE A 73  ? 0.2125 0.3321 0.1453 0.0355  0.0541  0.0197  93  PHE A CE1 
554 C CE2 . PHE A 73  ? 0.1985 0.3505 0.1365 0.0459  0.0737  0.0239  93  PHE A CE2 
555 C CZ  . PHE A 73  ? 0.2240 0.3664 0.1482 0.0427  0.0651  0.0242  93  PHE A CZ  
556 N N   . ILE A 74  ? 0.1738 0.2243 0.1397 0.0273  0.0360  -0.0121 94  ILE A N   
557 C CA  . ILE A 74  ? 0.1932 0.2372 0.1503 0.0207  0.0287  -0.0162 94  ILE A CA  
558 C C   . ILE A 74  ? 0.1837 0.2340 0.1506 0.0157  0.0255  -0.0024 94  ILE A C   
559 O O   . ILE A 74  ? 0.1931 0.2403 0.1754 0.0132  0.0263  0.0055  94  ILE A O   
560 C CB  . ILE A 74  ? 0.2543 0.2769 0.2108 0.0158  0.0232  -0.0268 94  ILE A CB  
561 C CG1 . ILE A 74  ? 0.2317 0.2445 0.2041 0.0149  0.0221  -0.0211 94  ILE A CG1 
562 C CG2 . ILE A 74  ? 0.3052 0.3134 0.2470 0.0200  0.0264  -0.0417 94  ILE A CG2 
563 C CD1 . ILE A 74  ? 0.3277 0.3198 0.2986 0.0098  0.0184  -0.0275 94  ILE A CD1 
564 N N   . ILE A 75  ? 0.1959 0.2547 0.1527 0.0151  0.0217  -0.0008 95  ILE A N   
565 C CA  . ILE A 75  ? 0.1979 0.2587 0.1606 0.0143  0.0189  0.0118  95  ILE A CA  
566 C C   . ILE A 75  ? 0.1812 0.2414 0.1429 0.0108  0.0103  0.0034  95  ILE A C   
567 O O   . ILE A 75  ? 0.1896 0.2615 0.1395 0.0095  0.0066  -0.0056 95  ILE A O   
568 C CB  . ILE A 75  ? 0.2329 0.3104 0.1837 0.0200  0.0216  0.0236  95  ILE A CB  
569 C CG1 . ILE A 75  ? 0.2871 0.3728 0.2354 0.0225  0.0317  0.0315  95  ILE A CG1 
570 C CG2 . ILE A 75  ? 0.2549 0.3272 0.2111 0.0223  0.0197  0.0379  95  ILE A CG2 
571 C CD1 . ILE A 75  ? 0.2649 0.3399 0.2319 0.0171  0.0368  0.0406  95  ILE A CD1 
572 N N   . GLY A 76  ? 0.1853 0.2361 0.1590 0.0086  0.0076  0.0060  96  GLY A N   
573 C CA  . GLY A 76  ? 0.1839 0.2390 0.1596 0.0044  0.0012  -0.0010 96  GLY A CA  
574 C C   . GLY A 76  ? 0.2074 0.2633 0.1920 0.0084  -0.0008 0.0072  96  GLY A C   
575 O O   . GLY A 76  ? 0.1713 0.2167 0.1594 0.0133  0.0027  0.0167  96  GLY A O   
576 N N   . THR A 77  ? 0.1772 0.2481 0.1642 0.0067  -0.0057 0.0037  97  THR A N   
577 C CA  . THR A 77  ? 0.1761 0.2519 0.1707 0.0136  -0.0068 0.0100  97  THR A CA  
578 C C   . THR A 77  ? 0.1525 0.2272 0.1553 0.0064  -0.0075 0.0029  97  THR A C   
579 O O   . THR A 77  ? 0.1706 0.2570 0.1740 -0.0040 -0.0101 -0.0048 97  THR A O   
580 C CB  . THR A 77  ? 0.2057 0.3114 0.1976 0.0221  -0.0113 0.0156  97  THR A CB  
581 O OG1 . THR A 77  ? 0.2252 0.3306 0.2065 0.0302  -0.0094 0.0255  97  THR A OG1 
582 C CG2 . THR A 77  ? 0.2268 0.3373 0.2265 0.0330  -0.0112 0.0220  97  THR A CG2 
583 N N   . LEU A 78  ? 0.1333 0.1927 0.1410 0.0103  -0.0048 0.0051  98  LEU A N   
584 C CA  . LEU A 78  ? 0.1385 0.1977 0.1516 0.0063  -0.0041 0.0010  98  LEU A CA  
585 C C   . LEU A 78  ? 0.1479 0.2251 0.1660 0.0155  -0.0044 0.0042  98  LEU A C   
586 O O   . LEU A 78  ? 0.1558 0.2263 0.1727 0.0281  -0.0032 0.0092  98  LEU A O   
587 C CB  . LEU A 78  ? 0.1511 0.1874 0.1639 0.0069  -0.0016 0.0002  98  LEU A CB  
588 C CG  . LEU A 78  ? 0.1692 0.2038 0.1836 0.0037  -0.0005 -0.0028 98  LEU A CG  
589 C CD1 . LEU A 78  ? 0.1358 0.1668 0.1482 -0.0063 0.0001  -0.0050 98  LEU A CD1 
590 C CD2 . LEU A 78  ? 0.1575 0.1773 0.1707 0.0073  0.0000  -0.0044 98  LEU A CD2 
591 N N   . THR A 79  ? 0.1254 0.2267 0.1497 0.0096  -0.0053 0.0019  99  THR A N   
592 C CA  . THR A 79  ? 0.1286 0.2553 0.1599 0.0197  -0.0044 0.0050  99  THR A CA  
593 C C   . THR A 79  ? 0.1198 0.2405 0.1523 0.0193  0.0002  0.0028  99  THR A C   
594 O O   . THR A 79  ? 0.1276 0.2399 0.1591 0.0067  0.0017  0.0004  99  THR A O   
595 C CB  . THR A 79  ? 0.1452 0.3133 0.1851 0.0131  -0.0082 0.0047  99  THR A CB  
596 O OG1 . THR A 79  ? 0.1419 0.3136 0.1856 -0.0075 -0.0076 -0.0008 99  THR A OG1 
597 C CG2 . THR A 79  ? 0.1381 0.3145 0.1731 0.0146  -0.0137 0.0059  99  THR A CG2 
598 N N   . THR A 80  ? 0.1116 0.2312 0.1431 0.0354  0.0032  0.0038  100 THR A N   
599 C CA  . THR A 80  ? 0.1172 0.2327 0.1460 0.0378  0.0075  0.0004  100 THR A CA  
600 C C   . THR A 80  ? 0.1099 0.2509 0.1426 0.0548  0.0117  0.0012  100 THR A C   
601 O O   . THR A 80  ? 0.1187 0.2736 0.1554 0.0684  0.0108  0.0052  100 THR A O   
602 C CB  . THR A 80  ? 0.1288 0.2073 0.1473 0.0409  0.0077  -0.0046 100 THR A CB  
603 O OG1 . THR A 80  ? 0.1622 0.2271 0.1769 0.0573  0.0090  -0.0058 100 THR A OG1 
604 C CG2 . THR A 80  ? 0.1318 0.1888 0.1483 0.0300  0.0042  -0.0041 100 THR A CG2 
605 N N   . ALA A 81  ? 0.1263 0.2708 0.1551 0.0575  0.0167  -0.0023 101 ALA A N   
606 C CA  . ALA A 81  ? 0.1592 0.3268 0.1892 0.0765  0.0226  -0.0033 101 ALA A CA  
607 C C   . ALA A 81  ? 0.1692 0.3100 0.1909 0.0982  0.0230  -0.0071 101 ALA A C   
608 O O   . ALA A 81  ? 0.1870 0.3451 0.2103 0.1186  0.0276  -0.0067 101 ALA A O   
609 C CB  . ALA A 81  ? 0.1622 0.3334 0.1846 0.0755  0.0280  -0.0074 101 ALA A CB  
610 N N   . ASN A 82  ? 0.1664 0.2641 0.1793 0.0931  0.0194  -0.0104 102 ASN A N   
611 C CA  . ASN A 82  ? 0.2108 0.2715 0.2151 0.1088  0.0203  -0.0130 102 ASN A CA  
612 C C   . ASN A 82  ? 0.2463 0.2964 0.2539 0.1089  0.0170  -0.0030 102 ASN A C   
613 O O   . ASN A 82  ? 0.2825 0.2938 0.2825 0.1147  0.0180  -0.0027 102 ASN A O   
614 C CB  . ASN A 82  ? 0.2534 0.2746 0.2456 0.1017  0.0196  -0.0249 102 ASN A CB  
615 C CG  . ASN A 82  ? 0.2387 0.2705 0.2226 0.1056  0.0230  -0.0355 102 ASN A CG  
616 O OD1 . ASN A 82  ? 0.2689 0.3239 0.2525 0.1218  0.0286  -0.0363 102 ASN A OD1 
617 N ND2 . ASN A 82  ? 0.2731 0.2942 0.2506 0.0917  0.0197  -0.0428 102 ASN A ND2 
618 N N   . GLY A 83  ? 0.1928 0.2777 0.2106 0.1021  0.0135  0.0053  103 GLY A N   
619 C CA  . GLY A 83  ? 0.1883 0.2731 0.2072 0.1038  0.0102  0.0150  103 GLY A CA  
620 C C   . GLY A 83  ? 0.1583 0.2284 0.1757 0.0828  0.0063  0.0149  103 GLY A C   
621 O O   . GLY A 83  ? 0.1691 0.2361 0.1872 0.0666  0.0054  0.0082  103 GLY A O   
622 N N   . ASN A 84  ? 0.1821 0.2487 0.1968 0.0851  0.0042  0.0238  104 ASN A N   
623 C CA  . ASN A 84  ? 0.1860 0.2487 0.1992 0.0682  0.0012  0.0241  104 ASN A CA  
624 C C   . ASN A 84  ? 0.1849 0.2078 0.1927 0.0620  0.0039  0.0237  104 ASN A C   
625 O O   . ASN A 84  ? 0.2096 0.2039 0.2127 0.0719  0.0078  0.0277  104 ASN A O   
626 C CB  . ASN A 84  ? 0.1997 0.2853 0.2109 0.0728  -0.0022 0.0335  104 ASN A CB  
627 C CG  . ASN A 84  ? 0.2456 0.3797 0.2648 0.0714  -0.0072 0.0317  104 ASN A CG  
628 O OD1 . ASN A 84  ? 0.2836 0.4353 0.3115 0.0668  -0.0068 0.0253  104 ASN A OD1 
629 N ND2 . ASN A 84  ? 0.2953 0.4541 0.3113 0.0744  -0.0119 0.0377  104 ASN A ND2 
630 N N   . PHE A 85  ? 0.1651 0.1863 0.1738 0.0461  0.0025  0.0193  105 PHE A N   
631 C CA  . PHE A 85  ? 0.1750 0.1706 0.1820 0.0377  0.0045  0.0197  105 PHE A CA  
632 C C   . PHE A 85  ? 0.1761 0.1833 0.1812 0.0309  0.0037  0.0236  105 PHE A C   
633 O O   . PHE A 85  ? 0.1751 0.2014 0.1806 0.0253  0.0008  0.0185  105 PHE A O   
634 C CB  . PHE A 85  ? 0.1626 0.1494 0.1727 0.0281  0.0037  0.0094  105 PHE A CB  
635 C CG  . PHE A 85  ? 0.1680 0.1430 0.1767 0.0343  0.0046  0.0027  105 PHE A CG  
636 C CD1 . PHE A 85  ? 0.1716 0.1647 0.1802 0.0417  0.0045  -0.0004 105 PHE A CD1 
637 C CD2 . PHE A 85  ? 0.1967 0.1440 0.2036 0.0321  0.0059  -0.0016 105 PHE A CD2 
638 C CE1 . PHE A 85  ? 0.2040 0.1885 0.2087 0.0496  0.0063  -0.0076 105 PHE A CE1 
639 C CE2 . PHE A 85  ? 0.2239 0.1592 0.2262 0.0379  0.0065  -0.0109 105 PHE A CE2 
640 C CZ  . PHE A 85  ? 0.2200 0.1738 0.2201 0.0486  0.0071  -0.0140 105 PHE A CZ  
641 N N   . ARG A 86  ? 0.1824 0.1753 0.1850 0.0293  0.0073  0.0311  106 ARG A N   
642 C CA  . ARG A 86  ? 0.1618 0.1650 0.1612 0.0240  0.0085  0.0342  106 ARG A CA  
643 C C   . ARG A 86  ? 0.1658 0.1624 0.1716 0.0128  0.0099  0.0276  106 ARG A C   
644 O O   . ARG A 86  ? 0.2222 0.2027 0.2337 0.0083  0.0117  0.0272  106 ARG A O   
645 C CB  . ARG A 86  ? 0.2058 0.2024 0.1993 0.0297  0.0131  0.0487  106 ARG A CB  
646 C CG  . ARG A 86  ? 0.2092 0.2263 0.1935 0.0426  0.0105  0.0569  106 ARG A CG  
647 C CD  . ARG A 86  ? 0.2589 0.3031 0.2344 0.0403  0.0086  0.0558  106 ARG A CD  
648 N NE  . ARG A 86  ? 0.1982 0.2352 0.1690 0.0370  0.0156  0.0649  106 ARG A NE  
649 C CZ  . ARG A 86  ? 0.2289 0.2593 0.2056 0.0263  0.0192  0.0586  106 ARG A CZ  
650 N NH1 . ARG A 86  ? 0.2714 0.3026 0.2553 0.0193  0.0155  0.0431  106 ARG A NH1 
651 N NH2 . ARG A 86  ? 0.2879 0.3158 0.2631 0.0235  0.0267  0.0689  106 ARG A NH2 
652 N N   . ILE A 87  ? 0.1531 0.1626 0.1576 0.0091  0.0088  0.0214  107 ILE A N   
653 C CA  A ILE A 87  ? 0.1505 0.1587 0.1606 0.0029  0.0098  0.0154  107 ILE A CA  
654 C CA  B ILE A 87  ? 0.1590 0.1668 0.1692 0.0030  0.0101  0.0163  107 ILE A CA  
655 C C   . ILE A 87  ? 0.1840 0.2020 0.1904 0.0030  0.0143  0.0187  107 ILE A C   
656 O O   . ILE A 87  ? 0.1838 0.2117 0.1796 0.0061  0.0140  0.0164  107 ILE A O   
657 C CB  A ILE A 87  ? 0.1630 0.1734 0.1720 0.0018  0.0065  0.0061  107 ILE A CB  
658 C CB  B ILE A 87  ? 0.1765 0.1851 0.1873 0.0016  0.0067  0.0071  107 ILE A CB  
659 C CG1 A ILE A 87  ? 0.1248 0.1335 0.1352 0.0026  0.0031  0.0035  107 ILE A CG1 
660 C CG1 B ILE A 87  ? 0.1659 0.1686 0.1797 0.0024  0.0039  0.0051  107 ILE A CG1 
661 C CG2 A ILE A 87  ? 0.2123 0.2209 0.2265 0.0000  0.0075  0.0029  107 ILE A CG2 
662 C CG2 B ILE A 87  ? 0.2208 0.2301 0.2365 -0.0003 0.0081  0.0043  107 ILE A CG2 
663 C CD1 A ILE A 87  ? 0.1550 0.1534 0.1701 0.0036  0.0029  0.0042  107 ILE A CD1 
664 C CD1 B ILE A 87  ? 0.1643 0.1684 0.1778 0.0009  0.0018  -0.0007 107 ILE A CD1 
665 N N   . ASN A 88  ? 0.1737 0.1927 0.1881 -0.0010 0.0186  0.0226  108 ASN A N   
666 C CA  A ASN A 88  ? 0.1747 0.2081 0.1877 0.0003  0.0243  0.0247  108 ASN A CA  
667 C CA  B ASN A 88  ? 0.1563 0.1901 0.1693 0.0002  0.0247  0.0254  108 ASN A CA  
668 C C   . ASN A 88  ? 0.1751 0.2151 0.1980 -0.0005 0.0247  0.0188  108 ASN A C   
669 O O   . ASN A 88  ? 0.1672 0.2082 0.2032 -0.0065 0.0235  0.0199  108 ASN A O   
670 C CB  A ASN A 88  ? 0.2133 0.2505 0.2286 -0.0030 0.0310  0.0376  108 ASN A CB  
671 C CB  B ASN A 88  ? 0.1667 0.2040 0.1845 -0.0045 0.0318  0.0388  108 ASN A CB  
672 C CG  A ASN A 88  ? 0.2440 0.3010 0.2534 0.0008  0.0382  0.0408  108 ASN A CG  
673 C CG  B ASN A 88  ? 0.1528 0.1823 0.1593 -0.0008 0.0331  0.0502  108 ASN A CG  
674 O OD1 A ASN A 88  ? 0.2657 0.3330 0.2749 0.0053  0.0393  0.0322  108 ASN A OD1 
675 O OD1 B ASN A 88  ? 0.1425 0.1722 0.1383 0.0063  0.0284  0.0473  108 ASN A OD1 
676 N ND2 A ASN A 88  ? 0.2709 0.3322 0.2732 0.0014  0.0439  0.0539  108 ASN A ND2 
677 N ND2 B ASN A 88  ? 0.1712 0.1961 0.1811 -0.0057 0.0403  0.0644  108 ASN A ND2 
678 N N   . CYS A 89  ? 0.1541 0.1975 0.1697 0.0065  0.0256  0.0117  109 CYS A N   
679 C CA  A CYS A 89  ? 0.1311 0.1787 0.1541 0.0104  0.0255  0.0074  109 CYS A CA  
680 C CA  B CYS A 89  ? 0.1682 0.2156 0.1902 0.0113  0.0258  0.0068  109 CYS A CA  
681 C C   . CYS A 89  ? 0.1599 0.2236 0.1808 0.0191  0.0334  0.0070  109 CYS A C   
682 O O   . CYS A 89  ? 0.1879 0.2492 0.1931 0.0243  0.0369  0.0027  109 CYS A O   
683 C CB  A CYS A 89  ? 0.1330 0.1628 0.1487 0.0129  0.0205  -0.0001 109 CYS A CB  
684 C CB  B CYS A 89  ? 0.2551 0.2848 0.2664 0.0155  0.0224  -0.0018 109 CYS A CB  
685 S SG  A CYS A 89  ? 0.1317 0.1599 0.1508 0.0221  0.0206  -0.0026 109 CYS A SG  
686 S SG  B CYS A 89  ? 0.2569 0.2776 0.2746 0.0140  0.0164  -0.0024 109 CYS A SG  
687 N N   . PHE A 90  ? 0.1417 0.2262 0.1782 0.0204  0.0365  0.0110  110 PHE A N   
688 C CA  . PHE A 90  ? 0.1590 0.2657 0.1973 0.0295  0.0450  0.0123  110 PHE A CA  
689 C C   . PHE A 90  ? 0.1667 0.2790 0.2094 0.0433  0.0453  0.0079  110 PHE A C   
690 O O   . PHE A 90  ? 0.1653 0.2789 0.2184 0.0416  0.0392  0.0088  110 PHE A O   
691 C CB  . PHE A 90  ? 0.2083 0.3438 0.2648 0.0197  0.0501  0.0232  110 PHE A CB  
692 C CG  . PHE A 90  ? 0.2140 0.3392 0.2660 0.0073  0.0510  0.0312  110 PHE A CG  
693 C CD1 . PHE A 90  ? 0.2281 0.3343 0.2852 -0.0047 0.0440  0.0327  110 PHE A CD1 
694 C CD2 . PHE A 90  ? 0.2464 0.3797 0.2867 0.0102  0.0591  0.0373  110 PHE A CD2 
695 C CE1 . PHE A 90  ? 0.2642 0.3563 0.3155 -0.0121 0.0456  0.0414  110 PHE A CE1 
696 C CE2 . PHE A 90  ? 0.2022 0.3243 0.2360 0.0018  0.0602  0.0476  110 PHE A CE2 
697 C CZ  . PHE A 90  ? 0.2587 0.3594 0.2989 -0.0085 0.0538  0.0502  110 PHE A CZ  
698 N N   . PHE A 91  ? 0.1732 0.2877 0.2052 0.0587  0.0528  0.0030  111 PHE A N   
699 C CA  . PHE A 91  ? 0.2319 0.3454 0.2641 0.0773  0.0550  -0.0007 111 PHE A CA  
700 C C   . PHE A 91  ? 0.2536 0.4025 0.2937 0.0912  0.0654  0.0019  111 PHE A C   
701 O O   . PHE A 91  ? 0.2555 0.4164 0.2886 0.0903  0.0730  0.0017  111 PHE A O   
702 C CB  . PHE A 91  ? 0.2951 0.3670 0.3026 0.0866  0.0559  -0.0123 111 PHE A CB  
703 C CG  . PHE A 91  ? 0.2828 0.3243 0.2814 0.0725  0.0479  -0.0156 111 PHE A CG  
704 C CD1 . PHE A 91  ? 0.2613 0.2978 0.2498 0.0600  0.0461  -0.0189 111 PHE A CD1 
705 C CD2 . PHE A 91  ? 0.2660 0.2874 0.2659 0.0722  0.0422  -0.0139 111 PHE A CD2 
706 C CE1 . PHE A 91  ? 0.3393 0.3549 0.3225 0.0476  0.0387  -0.0213 111 PHE A CE1 
707 C CE2 . PHE A 91  ? 0.3200 0.3189 0.3133 0.0587  0.0359  -0.0161 111 PHE A CE2 
708 C CZ  . PHE A 91  ? 0.3169 0.3143 0.3033 0.0464  0.0342  -0.0203 111 PHE A CZ  
709 N N   . ARG A 92  ? 0.2473 0.4159 0.3002 0.1070  0.0664  0.0047  112 ARG A N   
710 C CA  . ARG A 92  ? 0.2769 0.4828 0.3377 0.1267  0.0775  0.0065  112 ARG A CA  
711 C C   . ARG A 92  ? 0.3006 0.4827 0.3489 0.1543  0.0801  0.0009  112 ARG A C   
712 O O   . ARG A 92  ? 0.3161 0.4750 0.3628 0.1561  0.0723  0.0024  112 ARG A O   
713 C CB  . ARG A 92  ? 0.2981 0.5615 0.3923 0.1203  0.0761  0.0179  112 ARG A CB  
714 N N   . ARG A 93  ? 0.3599 0.5445 0.3965 0.1767  0.0920  -0.0054 113 ARG A N   
715 C CA  . ARG A 93  ? 0.3931 0.5486 0.4158 0.2058  0.0965  -0.0108 113 ARG A CA  
716 C C   . ARG A 93  ? 0.4130 0.6135 0.4603 0.2269  0.0967  0.0015  113 ARG A C   
717 O O   . ARG A 93  ? 0.4595 0.7192 0.5275 0.2339  0.1032  0.0073  113 ARG A O   
718 C CB  . ARG A 93  ? 0.4727 0.6126 0.4714 0.2243  0.1099  -0.0247 113 ARG A CB  
719 C CG  . ARG A 93  ? 0.5887 0.6689 0.5614 0.2468  0.1140  -0.0361 113 ARG A CG  
720 C CD  . ARG A 93  ? 0.6447 0.7025 0.5888 0.2592  0.1257  -0.0552 113 ARG A CD  
721 N NE  . ARG A 93  ? 0.7849 0.9009 0.7389 0.2780  0.1381  -0.0528 113 ARG A NE  
722 C CZ  . ARG A 93  ? 0.7697 0.9204 0.7216 0.2672  0.1432  -0.0552 113 ARG A CZ  
723 N NH1 . ARG A 93  ? 0.8441 0.9765 0.7823 0.2395  0.1365  -0.0607 113 ARG A NH1 
724 N NH2 . ARG A 93  ? 0.7448 0.9514 0.7075 0.2858  0.1562  -0.0507 113 ARG A NH2 
725 N N   . VAL A 94  ? 0.4174 0.5939 0.4629 0.2357  0.0896  0.0066  114 VAL A N   
726 C CA  . VAL A 94  ? 0.4945 0.7116 0.5593 0.2600  0.0883  0.0189  114 VAL A CA  
727 C C   . VAL A 94  ? 0.5178 0.6845 0.5591 0.2934  0.0950  0.0173  114 VAL A C   
728 O O   . VAL A 94  ? 0.5046 0.6114 0.5260 0.2882  0.0909  0.0159  114 VAL A O   
729 C CB  . VAL A 94  ? 0.4872 0.7236 0.5689 0.2421  0.0727  0.0293  114 VAL A CB  
730 C CG1 . VAL A 94  ? 0.4612 0.7416 0.5597 0.2698  0.0699  0.0420  114 VAL A CG1 
731 C CG2 . VAL A 94  ? 0.4226 0.6989 0.5258 0.2075  0.0662  0.0296  114 VAL A CG2 
732 N N   . GLN A 95  ? 0.5666 0.7565 0.6105 0.3283  0.1065  0.0181  115 GLN A N   
733 C CA  . GLN A 95  ? 0.6686 0.8068 0.6893 0.3646  0.1147  0.0174  115 GLN A CA  
734 C C   . GLN A 95  ? 0.6543 0.7038 0.6387 0.3537  0.1188  0.0006  115 GLN A C   
735 O O   . GLN A 95  ? 0.6909 0.6773 0.6560 0.3582  0.1173  0.0025  115 GLN A O   
736 C CB  . GLN A 95  ? 0.7039 0.8441 0.7316 0.3771  0.1055  0.0351  115 GLN A CB  
737 C CG  . GLN A 95  ? 0.7764 0.8811 0.7874 0.4220  0.1151  0.0413  115 GLN A CG  
738 C CD  . GLN A 95  ? 0.7881 0.9343 0.8160 0.4426  0.1067  0.0633  115 GLN A CD  
739 O OE1 . GLN A 95  ? 0.7615 0.8843 0.7835 0.4301  0.0966  0.0731  115 GLN A OE1 
740 N NE2 . GLN A 95  ? 0.7997 1.0130 0.8486 0.4752  0.1110  0.0716  115 GLN A NE2 
741 N N   . ASN A 96  ? 0.6195 0.6695 0.5959 0.3364  0.1231  -0.0149 116 ASN A N   
742 C CA  . ASN A 96  ? 0.6446 0.6247 0.5884 0.3240  0.1263  -0.0343 116 ASN A CA  
743 C C   . ASN A 96  ? 0.6403 0.5792 0.5777 0.2889  0.1139  -0.0344 116 ASN A C   
744 O O   . ASN A 96  ? 0.6807 0.5631 0.5931 0.2761  0.1151  -0.0500 116 ASN A O   
745 C CB  . ASN A 96  ? 0.7261 0.6459 0.6420 0.3584  0.1390  -0.0448 116 ASN A CB  
746 C CG  . ASN A 96  ? 0.7396 0.6052 0.6228 0.3485  0.1450  -0.0711 116 ASN A CG  
747 O OD1 . ASN A 96  ? 0.7924 0.6896 0.6719 0.3468  0.1504  -0.0830 116 ASN A OD1 
748 N ND2 . ASN A 96  ? 0.8008 0.5863 0.6592 0.3405  0.1440  -0.0803 116 ASN A ND2 
749 N N   . LYS A 97  ? 0.5817 0.5530 0.5417 0.2724  0.1022  -0.0185 117 LYS A N   
750 C CA  . LYS A 97  ? 0.5467 0.4892 0.5028 0.2398  0.0913  -0.0181 117 LYS A CA  
751 C C   . LYS A 97  ? 0.4480 0.4401 0.4243 0.2108  0.0826  -0.0153 117 LYS A C   
752 O O   . LYS A 97  ? 0.4715 0.5201 0.4720 0.2126  0.0801  -0.0052 117 LYS A O   
753 C CB  . LYS A 97  ? 0.6373 0.5586 0.5942 0.2456  0.0859  -0.0030 117 LYS A CB  
754 C CG  . LYS A 97  ? 0.6701 0.6523 0.6531 0.2556  0.0793  0.0147  117 LYS A CG  
755 N N   . TYR A 98  ? 0.3994 0.3705 0.3654 0.1849  0.0787  -0.0248 118 TYR A N   
756 C CA  . TYR A 98  ? 0.3609 0.3692 0.3428 0.1596  0.0714  -0.0209 118 TYR A CA  
757 C C   . TYR A 98  ? 0.3084 0.3242 0.3048 0.1457  0.0602  -0.0093 118 TYR A C   
758 O O   . TYR A 98  ? 0.3647 0.3443 0.3510 0.1394  0.0562  -0.0090 118 TYR A O   
759 C CB  . TYR A 98  ? 0.3851 0.3730 0.3510 0.1402  0.0705  -0.0332 118 TYR A CB  
760 C CG  . TYR A 98  ? 0.4773 0.4784 0.4320 0.1497  0.0801  -0.0434 118 TYR A CG  
761 C CD1 . TYR A 98  ? 0.6465 0.6132 0.5776 0.1680  0.0888  -0.0582 118 TYR A CD1 
762 C CD2 . TYR A 98  ? 0.3994 0.4458 0.3654 0.1414  0.0816  -0.0380 118 TYR A CD2 
763 C CE1 . TYR A 98  ? 0.5950 0.5762 0.5128 0.1783  0.0980  -0.0694 118 TYR A CE1 
764 C CE2 . TYR A 98  ? 0.4438 0.5058 0.3973 0.1503  0.0914  -0.0458 118 TYR A CE2 
765 C CZ  . TYR A 98  ? 0.6053 0.6374 0.5344 0.1697  0.0994  -0.0622 118 TYR A CZ  
766 O OH  . TYR A 98  ? 0.6062 0.6558 0.5199 0.1801  0.1093  -0.0716 118 TYR A OH  
767 N N   . LEU A 99  ? 0.2443 0.3094 0.2641 0.1401  0.0561  -0.0006 119 LEU A N   
768 C CA  . LEU A 99  ? 0.2020 0.2813 0.2351 0.1282  0.0456  0.0077  119 LEU A CA  
769 C C   . LEU A 99  ? 0.1822 0.2852 0.2281 0.1040  0.0412  0.0075  119 LEU A C   
770 O O   . LEU A 99  ? 0.2046 0.3382 0.2610 0.1022  0.0463  0.0082  119 LEU A O   
771 C CB  . LEU A 99  ? 0.2350 0.3544 0.2854 0.1456  0.0437  0.0174  119 LEU A CB  
772 C CG  . LEU A 99  ? 0.2948 0.3913 0.3332 0.1740  0.0475  0.0222  119 LEU A CG  
773 C CD1 . LEU A 99  ? 0.2948 0.4446 0.3535 0.1909  0.0440  0.0331  119 LEU A CD1 
774 C CD2 . LEU A 99  ? 0.3585 0.4048 0.3785 0.1688  0.0438  0.0243  119 LEU A CD2 
775 N N   . ILE A 100 ? 0.1547 0.2454 0.2004 0.0870  0.0327  0.0082  120 ILE A N   
776 C CA  . ILE A 100 ? 0.1398 0.2426 0.1947 0.0652  0.0285  0.0081  120 ILE A CA  
777 C C   . ILE A 100 ? 0.1477 0.2959 0.2268 0.0598  0.0258  0.0132  120 ILE A C   
778 O O   . ILE A 100 ? 0.1605 0.3262 0.2481 0.0645  0.0193  0.0157  120 ILE A O   
779 C CB  . ILE A 100 ? 0.1767 0.2555 0.2248 0.0526  0.0206  0.0068  120 ILE A CB  
780 C CG1 . ILE A 100 ? 0.1932 0.2332 0.2211 0.0534  0.0229  0.0018  120 ILE A CG1 
781 C CG2 . ILE A 100 ? 0.1574 0.2440 0.2139 0.0338  0.0172  0.0066  120 ILE A CG2 
782 C CD1 . ILE A 100 ? 0.2168 0.2376 0.2385 0.0464  0.0172  0.0024  120 ILE A CD1 
783 N N   . ASN A 101 ? 0.1140 0.2811 0.2036 0.0476  0.0300  0.0149  121 ASN A N   
784 C CA  A ASN A 101 ? 0.1167 0.3229 0.2307 0.0345  0.0271  0.0186  121 ASN A CA  
785 C CA  B ASN A 101 ? 0.1292 0.3366 0.2433 0.0348  0.0280  0.0189  121 ASN A CA  
786 C C   . ASN A 101 ? 0.1067 0.3015 0.2244 0.0102  0.0241  0.0184  121 ASN A C   
787 O O   . ASN A 101 ? 0.1320 0.3513 0.2688 -0.0053 0.0207  0.0192  121 ASN A O   
788 C CB  A ASN A 101 ? 0.1345 0.3838 0.2644 0.0417  0.0362  0.0238  121 ASN A CB  
789 C CB  B ASN A 101 ? 0.1776 0.4212 0.3039 0.0403  0.0386  0.0239  121 ASN A CB  
790 C CG  A ASN A 101 ? 0.1401 0.3813 0.2597 0.0417  0.0477  0.0256  121 ASN A CG  
791 C CG  B ASN A 101 ? 0.2024 0.4311 0.3177 0.0336  0.0476  0.0259  121 ASN A CG  
792 O OD1 A ASN A 101 ? 0.1395 0.3502 0.2460 0.0300  0.0476  0.0251  121 ASN A OD1 
793 O OD1 B ASN A 101 ? 0.2417 0.4454 0.3355 0.0457  0.0521  0.0219  121 ASN A OD1 
794 N ND2 A ASN A 101 ? 0.1745 0.4468 0.2996 0.0562  0.0577  0.0284  121 ASN A ND2 
795 N ND2 B ASN A 101 ? 0.1882 0.4316 0.3170 0.0134  0.0500  0.0324  121 ASN A ND2 
796 N N   . GLN A 102 ? 0.1246 0.2819 0.2244 0.0068  0.0252  0.0169  122 GLN A N   
797 C CA  A GLN A 102 ? 0.1354 0.2751 0.2356 -0.0113 0.0228  0.0177  122 GLN A CA  
798 C CA  B GLN A 102 ? 0.1314 0.2719 0.2319 -0.0113 0.0236  0.0182  122 GLN A CA  
799 C C   . GLN A 102 ? 0.1242 0.2269 0.2043 -0.0084 0.0207  0.0147  122 GLN A C   
800 O O   . GLN A 102 ? 0.1317 0.2239 0.1977 0.0016  0.0244  0.0141  122 GLN A O   
801 C CB  A GLN A 102 ? 0.1619 0.3131 0.2706 -0.0226 0.0316  0.0262  122 GLN A CB  
802 C CB  B GLN A 102 ? 0.1491 0.3012 0.2549 -0.0188 0.0335  0.0270  122 GLN A CB  
803 C CG  A GLN A 102 ? 0.1560 0.2795 0.2621 -0.0385 0.0303  0.0286  122 GLN A CG  
804 C CG  B GLN A 102 ? 0.1413 0.2728 0.2476 -0.0361 0.0342  0.0317  122 GLN A CG  
805 C CD  A GLN A 102 ? 0.1876 0.3168 0.2999 -0.0499 0.0400  0.0404  122 GLN A CD  
806 C CD  B GLN A 102 ? 0.1559 0.2990 0.2654 -0.0421 0.0457  0.0442  122 GLN A CD  
807 O OE1 A GLN A 102 ? 0.2060 0.3636 0.3386 -0.0621 0.0436  0.0446  122 GLN A OE1 
808 O OE1 B GLN A 102 ? 0.1739 0.3454 0.2858 -0.0334 0.0533  0.0479  122 GLN A OE1 
809 N NE2 A GLN A 102 ? 0.1955 0.3002 0.2913 -0.0469 0.0442  0.0472  122 GLN A NE2 
810 N NE2 B GLN A 102 ? 0.1687 0.2902 0.2778 -0.0562 0.0481  0.0516  122 GLN A NE2 
811 N N   . ILE A 103 ? 0.1251 0.2109 0.2041 -0.0171 0.0144  0.0112  123 ILE A N   
812 C CA  . ILE A 103 ? 0.1356 0.1926 0.1991 -0.0152 0.0126  0.0094  123 ILE A CA  
813 C C   . ILE A 103 ? 0.1639 0.2061 0.2298 -0.0266 0.0125  0.0115  123 ILE A C   
814 O O   . ILE A 103 ? 0.1452 0.1868 0.2194 -0.0361 0.0082  0.0066  123 ILE A O   
815 C CB  . ILE A 103 ? 0.1457 0.1936 0.2019 -0.0096 0.0062  0.0031  123 ILE A CB  
816 C CG1 . ILE A 103 ? 0.1390 0.1951 0.1921 0.0023  0.0070  0.0027  123 ILE A CG1 
817 C CG2 . ILE A 103 ? 0.1774 0.2039 0.2205 -0.0078 0.0059  0.0023  123 ILE A CG2 
818 C CD1 . ILE A 103 ? 0.1792 0.2293 0.2261 0.0075  0.0020  0.0003  123 ILE A CD1 
819 N N   . ARG A 104 ? 0.1577 0.1858 0.2144 -0.0248 0.0171  0.0179  124 ARG A N   
820 C CA  . ARG A 104 ? 0.1666 0.1718 0.2210 -0.0307 0.0180  0.0217  124 ARG A CA  
821 C C   . ARG A 104 ? 0.1953 0.1845 0.2366 -0.0208 0.0143  0.0185  124 ARG A C   
822 O O   . ARG A 104 ? 0.1995 0.1953 0.2320 -0.0123 0.0143  0.0194  124 ARG A O   
823 C CB  . ARG A 104 ? 0.1801 0.1842 0.2332 -0.0332 0.0265  0.0352  124 ARG A CB  
824 C CG  . ARG A 104 ? 0.2445 0.2190 0.2946 -0.0376 0.0290  0.0421  124 ARG A CG  
825 C CD  . ARG A 104 ? 0.2702 0.2415 0.3186 -0.0412 0.0388  0.0595  124 ARG A CD  
826 N NE  . ARG A 104 ? 0.3129 0.2480 0.3544 -0.0404 0.0411  0.0669  124 ARG A NE  
827 C CZ  . ARG A 104 ? 0.3603 0.2695 0.4078 -0.0541 0.0467  0.0732  124 ARG A CZ  
828 N NH1 . ARG A 104 ? 0.3524 0.2745 0.4149 -0.0723 0.0523  0.0780  124 ARG A NH1 
829 N NH2 . ARG A 104 ? 0.4024 0.2721 0.4402 -0.0482 0.0483  0.0777  124 ARG A NH2 
830 N N   . ILE A 105 ? 0.1581 0.1285 0.1985 -0.0224 0.0113  0.0133  125 ILE A N   
831 C CA  . ILE A 105 ? 0.1722 0.1330 0.2030 -0.0123 0.0089  0.0106  125 ILE A CA  
832 C C   . ILE A 105 ? 0.1976 0.1316 0.2246 -0.0105 0.0120  0.0149  125 ILE A C   
833 O O   . ILE A 105 ? 0.2476 0.1627 0.2782 -0.0188 0.0120  0.0096  125 ILE A O   
834 C CB  . ILE A 105 ? 0.2022 0.1669 0.2325 -0.0114 0.0033  -0.0012 125 ILE A CB  
835 C CG1 . ILE A 105 ? 0.2112 0.1964 0.2438 -0.0115 0.0013  -0.0029 125 ILE A CG1 
836 C CG2 . ILE A 105 ? 0.2478 0.2075 0.2694 -0.0006 0.0026  -0.0027 125 ILE A CG2 
837 C CD1 . ILE A 105 ? 0.2767 0.2678 0.3066 -0.0093 -0.0033 -0.0104 125 ILE A CD1 
838 N N   . ASP A 106 ? 0.2250 0.1564 0.2440 0.0009  0.0145  0.0245  126 ASP A N   
839 C CA  . ASP A 106 ? 0.2613 0.1649 0.2744 0.0084  0.0183  0.0310  126 ASP A CA  
840 C C   . ASP A 106 ? 0.2766 0.1850 0.2826 0.0255  0.0162  0.0302  126 ASP A C   
841 O O   . ASP A 106 ? 0.2659 0.2011 0.2700 0.0317  0.0139  0.0334  126 ASP A O   
842 C CB  . ASP A 106 ? 0.2890 0.1875 0.2985 0.0099  0.0247  0.0490  126 ASP A CB  
843 C CG  . ASP A 106 ? 0.3483 0.2430 0.3662 -0.0074 0.0292  0.0531  126 ASP A CG  
844 O OD1 . ASP A 106 ? 0.3954 0.2651 0.4192 -0.0193 0.0308  0.0484  126 ASP A OD1 
845 O OD2 . ASP A 106 ? 0.3793 0.2959 0.3973 -0.0091 0.0321  0.0613  126 ASP A OD2 
846 N N   . LYS A 107 ? 0.2912 0.1756 0.2934 0.0331  0.0173  0.0250  127 LYS A N   
847 C CA  A LYS A 107 ? 0.3037 0.1955 0.3005 0.0530  0.0171  0.0265  127 LYS A CA  
848 C CA  B LYS A 107 ? 0.2952 0.1874 0.2919 0.0529  0.0171  0.0265  127 LYS A CA  
849 C C   . LYS A 107 ? 0.3195 0.2113 0.3108 0.0662  0.0204  0.0448  127 LYS A C   
850 O O   . LYS A 107 ? 0.3683 0.2295 0.3555 0.0656  0.0260  0.0553  127 LYS A O   
851 C CB  A LYS A 107 ? 0.3609 0.2230 0.3524 0.0608  0.0192  0.0159  127 LYS A CB  
852 C CB  B LYS A 107 ? 0.3354 0.1993 0.3270 0.0611  0.0191  0.0159  127 LYS A CB  
853 C CG  A LYS A 107 ? 0.3858 0.2548 0.3721 0.0857  0.0212  0.0190  127 LYS A CG  
854 C CG  B LYS A 107 ? 0.3441 0.2200 0.3314 0.0849  0.0203  0.0177  127 LYS A CG  
855 C CD  A LYS A 107 ? 0.3457 0.2634 0.3378 0.0882  0.0167  0.0158  127 LYS A CD  
856 C CD  B LYS A 107 ? 0.2774 0.1969 0.2703 0.0840  0.0158  0.0106  127 LYS A CD  
857 C CE  A LYS A 107 ? 0.3993 0.3389 0.3908 0.1120  0.0182  0.0229  127 LYS A CE  
858 C CE  B LYS A 107 ? 0.2804 0.2292 0.2743 0.1049  0.0167  0.0163  127 LYS A CE  
859 N NZ  A LYS A 107 ? 0.4121 0.3388 0.3987 0.1272  0.0223  0.0126  127 LYS A NZ  
860 N NZ  B LYS A 107 ? 0.2498 0.2142 0.2444 0.1141  0.0160  0.0328  127 LYS A NZ  
861 N N   . THR A 108 ? 0.3349 0.2639 0.3262 0.0766  0.0170  0.0494  128 THR A N   
862 C CA  . THR A 108 ? 0.4213 0.3615 0.4060 0.0920  0.0181  0.0670  128 THR A CA  
863 C C   . THR A 108 ? 0.5413 0.5060 0.5273 0.1104  0.0156  0.0658  128 THR A C   
864 O O   . THR A 108 ? 0.3910 0.3968 0.3833 0.1065  0.0099  0.0596  128 THR A O   
865 C CB  . THR A 108 ? 0.5209 0.4937 0.5043 0.0834  0.0146  0.0720  128 THR A CB  
866 O OG1 . THR A 108 ? 0.4843 0.4906 0.4743 0.0745  0.0082  0.0586  128 THR A OG1 
867 N N   . ASN A 109 ? 0.4917 0.4285 0.4731 0.1289  0.0206  0.0692  129 ASN A N   
# 
